data_3VRB
#
_entry.id   3VRB
#
_cell.length_a   124.306
_cell.length_b   131.649
_cell.length_c   222.519
_cell.angle_alpha   90.00
_cell.angle_beta   90.00
_cell.angle_gamma   90.00
#
_symmetry.space_group_name_H-M   'P 21 21 21'
#
loop_
_entity.id
_entity.type
_entity.pdbx_description
1 polymer 'Flavoprotein subunit of complex II'
2 polymer 'Iron-sulfur subunit of succinate dehydrogenase'
3 polymer 'Cytochrome b-large subunit'
4 polymer 'Succinate dehydrogenase [ubiquinone] cytochrome b small subunit, mitochondrial'
5 non-polymer 'FUMARIC ACID'
6 non-polymer 'FLAVIN-ADENINE DINUCLEOTIDE'
7 non-polymer 'FE2/S2 (INORGANIC) CLUSTER'
8 non-polymer 'IRON/SULFUR CLUSTER'
9 non-polymer 'FE3-S4 CLUSTER'
10 non-polymer 'PROTOPORPHYRIN IX CONTAINING FE'
11 non-polymer N-[3-(1-methylethoxy)phenyl]-2-(trifluoromethyl)benzamide
12 non-polymer L-ALPHA-PHOSPHATIDYL-BETA-OLEOYL-GAMMA-PALMITOYL-PHOSPHATIDYLETHANOLAMINE
#
loop_
_entity_poly.entity_id
_entity_poly.type
_entity_poly.pdbx_seq_one_letter_code
_entity_poly.pdbx_strand_id
1 'polypeptide(L)'
;MLRAVRALICRIGARRTLSVSSSRLDVSTSNIAQYKVIDHAYDVVIIGAGGAGLRAAMGLGEAGFKTAVVTKMFPTRSHT
TAAQGGINAALGSMNPDDWKWHFYDTAKGSDWLGDQNAMHYLTRNAVEAVTELENFGMPFSRTPEGKIYQRSFGGQSNNY
GKGGVAKRTCCVADRTGHSMLHTLYGNSLRCHCTFFIEYFALDLLMDKGRCVGVIALCLEDGTIHRFRSKRTIVATGGYG
RAYFSCTTAHMNTGDGTALATRAGIALEDLEFIQFHPTGIYGVGCLITEGSRGEGGFLVNSEGERFMERYAPKAKDLASR
DVVSRAETIEIMEGRGVGPEKDHIYLQLHHLPAEQLHQRLPGISETAKIFAGVDVTKEPIPVIPTVHYNMGGIPTNYKAQ
VIKYTKEGGDKIVPGLYACGECACHSVHGANRLGANSLLDAVVFGRACSINIKEELKPDEKIPELPEGAGEESIANLDAV
RYANGDVPTAELRLTMQKTMQKHAGVFRRGDILAEGVKKMMDLSKELKRLKTTDRSLIWNSDLTESLELQNLMLNATQTI
VAAENRKESRGAHARDDFPKREDEYDYSKPIEGQTKRPFEKHWRKHTLTKQDPRTGHITLDYRPVIDKTLDPAEVDWIPP
IIRSY
;
A,E
2 'polypeptide(L)'
;MLRGSTSVCRSLELVTQAARYASAATAAAPTGKRIKTFEIYRFNPEEPGAKPKLQKFDVDLDKCGTMVLDALIKIKNEVD
PTLTFRRSCREGICGSCAMNIAGENTLACICNIDQNTSKTTKIYPLPHMFVIKDLVPDMNLFYAQYASIQPWLQKKTKIN
LGEKQQYQSIKEQEKLDGLYECILCACCSASCPSYWWNADKYLGPAVLMQAYRWIIDSRDDSAAERLARMQDGFSAFKCH
TIMNCTKTCPKHLNPARAIGEIKMLLTKMKTKPAPLPTPANF
;
B,F
3 'polypeptide(L)'
;MSLLPYNATLCRVLRHNVKFIRSVQTSAARVSAEKTPIQVWGWDYLMRQRALKRPIAPHLTIYKPQMTWMVSGLHRVTGC
AMAGTLLIGGVGFSVLPLDFTTFVEFIRGLGIPWVILDTFKFIIAFPIAFHTLNGIRFIGFDMAKGTDIPSIYRGAYLVL
GLAALISLAVVVYPRWERHKKATLPTNH
;
C,G
4 'polypeptide(L)'
;MLSAVRRAIPLSARILRTSLIQRCAGATSAAVTGAAPPQFDPIAAEKGFKPLHSHGTLFKIERYFAAAMVPLIPAAYFIH
GREMDLCLALALTLHVHWGVWGVVNDYGRPFVLGDTLAAAVRVGAYIFTACLLAGLLYFNEHDVGLTRAFEMVWEL
;
D,H
#
# COMPACT_ATOMS: atom_id res chain seq x y z
N ALA A 33 -27.15 26.61 28.72
CA ALA A 33 -25.77 26.77 29.29
C ALA A 33 -24.63 26.79 28.25
N GLN A 34 -23.46 26.29 28.67
CA GLN A 34 -22.21 26.36 27.91
C GLN A 34 -21.66 24.93 27.70
N TYR A 35 -20.77 24.75 26.72
CA TYR A 35 -20.28 23.41 26.31
C TYR A 35 -18.82 23.43 25.86
N LYS A 36 -18.12 22.32 26.06
CA LYS A 36 -16.75 22.21 25.54
C LYS A 36 -16.77 21.64 24.13
N VAL A 37 -16.03 22.27 23.22
CA VAL A 37 -15.98 21.80 21.83
C VAL A 37 -14.55 21.45 21.37
N ILE A 38 -14.40 20.35 20.66
CA ILE A 38 -13.06 19.92 20.29
C ILE A 38 -12.98 19.65 18.80
N ASP A 39 -11.83 19.98 18.23
CA ASP A 39 -11.61 19.83 16.81
C ASP A 39 -10.64 18.72 16.45
N HIS A 40 -11.05 17.90 15.50
CA HIS A 40 -10.19 16.87 14.97
C HIS A 40 -10.12 17.02 13.49
N ALA A 41 -9.03 16.55 12.94
CA ALA A 41 -8.79 16.67 11.52
C ALA A 41 -8.31 15.33 11.03
N TYR A 42 -9.17 14.65 10.28
CA TYR A 42 -8.84 13.33 9.72
C TYR A 42 -9.10 13.28 8.23
N ASP A 43 -8.35 12.44 7.53
CA ASP A 43 -8.62 12.18 6.13
C ASP A 43 -10.06 11.73 5.99
N VAL A 44 -10.29 10.54 6.53
CA VAL A 44 -11.60 9.92 6.49
C VAL A 44 -12.13 9.67 7.91
N VAL A 45 -13.44 9.77 8.04
CA VAL A 45 -14.14 9.47 9.28
C VAL A 45 -15.17 8.40 8.94
N ILE A 46 -15.37 7.42 9.82
CA ILE A 46 -16.45 6.48 9.59
C ILE A 46 -17.45 6.53 10.72
N ILE A 47 -18.71 6.73 10.38
CA ILE A 47 -19.71 6.75 11.40
C ILE A 47 -20.35 5.39 11.55
N GLY A 48 -19.91 4.71 12.61
CA GLY A 48 -20.37 3.39 12.96
C GLY A 48 -19.29 2.38 12.69
N ALA A 49 -19.14 1.44 13.60
CA ALA A 49 -18.23 0.33 13.42
C ALA A 49 -18.98 -0.99 13.46
N GLY A 50 -19.82 -1.26 12.46
CA GLY A 50 -20.48 -2.55 12.36
C GLY A 50 -19.57 -3.47 11.59
N GLY A 51 -20.15 -4.36 10.80
CA GLY A 51 -19.33 -5.16 9.91
C GLY A 51 -18.91 -4.26 8.78
N ALA A 52 -19.84 -3.45 8.31
CA ALA A 52 -19.55 -2.62 7.17
C ALA A 52 -18.53 -1.59 7.60
N GLY A 53 -18.80 -0.94 8.73
CA GLY A 53 -17.85 -0.03 9.34
C GLY A 53 -16.42 -0.54 9.43
N LEU A 54 -16.23 -1.76 9.92
CA LEU A 54 -14.87 -2.27 10.11
C LEU A 54 -14.21 -2.67 8.83
N ARG A 55 -14.99 -3.18 7.89
CA ARG A 55 -14.44 -3.65 6.63
C ARG A 55 -13.93 -2.49 5.84
N ALA A 56 -14.50 -1.31 6.07
CA ALA A 56 -14.00 -0.08 5.50
C ALA A 56 -12.74 0.31 6.25
N ALA A 57 -12.93 0.61 7.54
CA ALA A 57 -11.89 0.99 8.46
C ALA A 57 -10.56 0.35 8.11
N MET A 58 -10.58 -0.95 7.86
CA MET A 58 -9.34 -1.64 7.65
C MET A 58 -8.80 -1.53 6.24
N GLY A 59 -9.64 -1.13 5.30
CA GLY A 59 -9.23 -1.05 3.92
C GLY A 59 -8.35 0.16 3.78
N LEU A 60 -8.79 1.26 4.39
CA LEU A 60 -8.09 2.54 4.36
C LEU A 60 -6.84 2.55 5.23
N GLY A 61 -7.00 2.20 6.50
CA GLY A 61 -5.85 2.01 7.39
C GLY A 61 -4.76 1.31 6.63
N GLU A 62 -5.10 0.18 5.99
CA GLU A 62 -4.18 -0.67 5.18
C GLU A 62 -3.42 0.04 4.07
N ALA A 63 -4.07 0.99 3.41
CA ALA A 63 -3.40 1.80 2.40
C ALA A 63 -2.86 3.11 2.96
N GLY A 64 -3.05 3.31 4.27
CA GLY A 64 -2.27 4.29 5.01
C GLY A 64 -2.91 5.59 5.38
N PHE A 65 -4.19 5.75 5.10
CA PHE A 65 -4.91 6.97 5.45
C PHE A 65 -5.07 7.18 6.95
N LYS A 66 -5.23 8.45 7.32
CA LYS A 66 -5.51 8.86 8.70
C LYS A 66 -7.02 8.78 9.02
N THR A 67 -7.46 7.56 9.28
CA THR A 67 -8.85 7.24 9.55
C THR A 67 -9.25 7.67 10.95
N ALA A 68 -10.55 7.72 11.18
CA ALA A 68 -11.10 7.88 12.50
C ALA A 68 -12.34 7.04 12.42
N VAL A 69 -12.63 6.26 13.47
CA VAL A 69 -13.87 5.48 13.50
C VAL A 69 -14.68 5.95 14.69
N VAL A 70 -15.87 6.45 14.44
CA VAL A 70 -16.72 6.95 15.50
C VAL A 70 -17.81 5.96 15.61
N THR A 71 -18.12 5.56 16.84
CA THR A 71 -19.19 4.61 17.10
C THR A 71 -19.73 4.84 18.49
N LYS A 72 -20.92 4.33 18.78
CA LYS A 72 -21.50 4.59 20.10
C LYS A 72 -21.56 3.34 20.97
N MET A 73 -20.78 2.34 20.62
CA MET A 73 -20.51 1.24 21.54
C MET A 73 -19.29 0.52 21.08
N PHE A 74 -18.70 -0.25 21.98
CA PHE A 74 -17.55 -1.01 21.60
C PHE A 74 -18.02 -1.84 20.40
N PRO A 75 -17.24 -1.83 19.32
CA PRO A 75 -17.58 -2.46 18.06
C PRO A 75 -18.15 -3.85 18.12
N THR A 76 -17.72 -4.67 19.07
CA THR A 76 -18.19 -6.03 19.18
C THR A 76 -19.69 -6.05 19.58
N ARG A 77 -20.19 -4.93 20.12
CA ARG A 77 -21.60 -4.81 20.49
C ARG A 77 -22.59 -4.47 19.36
N SER A 78 -22.07 -4.17 18.18
CA SER A 78 -22.96 -3.89 17.05
C SER A 78 -23.87 -5.05 16.59
N HIS A 79 -24.99 -4.69 15.99
CA HIS A 79 -26.00 -5.67 15.73
C HIS A 79 -25.52 -6.81 14.84
N THR A 80 -24.41 -6.57 14.13
CA THR A 80 -23.79 -7.55 13.25
C THR A 80 -23.44 -8.82 14.00
N THR A 81 -23.13 -8.67 15.27
CA THR A 81 -22.70 -9.81 16.06
C THR A 81 -23.84 -10.80 16.42
N ALA A 82 -25.09 -10.36 16.23
CA ALA A 82 -26.22 -11.23 16.44
C ALA A 82 -26.47 -12.06 15.20
N ALA A 83 -25.87 -11.67 14.09
CA ALA A 83 -26.08 -12.40 12.86
C ALA A 83 -25.74 -13.87 12.98
N GLN A 84 -26.54 -14.72 12.36
CA GLN A 84 -26.56 -16.14 12.73
C GLN A 84 -26.37 -17.11 11.58
N GLY A 85 -27.14 -16.90 10.52
CA GLY A 85 -27.26 -17.86 9.45
C GLY A 85 -25.99 -18.06 8.69
N GLY A 86 -25.48 -16.97 8.11
CA GLY A 86 -24.26 -17.09 7.36
C GLY A 86 -24.05 -15.97 6.38
N ILE A 87 -23.23 -16.27 5.37
CA ILE A 87 -22.91 -15.31 4.32
C ILE A 87 -22.84 -16.07 3.00
N ASN A 88 -23.50 -15.52 1.98
CA ASN A 88 -23.66 -16.28 0.74
C ASN A 88 -22.42 -16.14 -0.12
N ALA A 89 -22.02 -17.24 -0.77
CA ALA A 89 -20.87 -17.25 -1.70
C ALA A 89 -20.73 -18.59 -2.42
N ALA A 90 -20.39 -18.53 -3.69
CA ALA A 90 -20.30 -19.77 -4.44
C ALA A 90 -18.90 -20.32 -4.47
N LEU A 91 -18.55 -21.05 -3.43
CA LEU A 91 -17.29 -21.79 -3.37
C LEU A 91 -17.57 -23.23 -3.76
N GLY A 92 -18.85 -23.61 -3.67
CA GLY A 92 -19.31 -24.95 -4.01
C GLY A 92 -18.51 -26.05 -3.34
N SER A 93 -18.26 -25.90 -2.04
CA SER A 93 -17.51 -26.87 -1.26
C SER A 93 -18.34 -28.12 -0.99
N MET A 94 -19.46 -28.22 -1.71
CA MET A 94 -20.47 -29.23 -1.46
C MET A 94 -20.96 -29.82 -2.78
N ASN A 95 -20.87 -29.01 -3.83
CA ASN A 95 -21.40 -29.32 -5.16
C ASN A 95 -21.12 -28.14 -6.09
N PRO A 96 -20.60 -28.38 -7.32
CA PRO A 96 -20.22 -27.28 -8.23
C PRO A 96 -21.27 -26.18 -8.31
N ASP A 97 -20.83 -24.93 -8.36
CA ASP A 97 -21.73 -23.79 -8.29
C ASP A 97 -21.13 -22.61 -9.02
N ASP A 98 -21.97 -21.75 -9.56
CA ASP A 98 -21.47 -20.59 -10.26
C ASP A 98 -22.01 -19.31 -9.71
N TRP A 99 -21.14 -18.32 -9.56
CA TRP A 99 -21.51 -17.02 -9.04
C TRP A 99 -22.68 -16.41 -9.82
N LYS A 100 -22.94 -16.98 -10.99
CA LYS A 100 -23.99 -16.51 -11.90
C LYS A 100 -25.38 -16.89 -11.37
N TRP A 101 -25.47 -18.09 -10.81
CA TRP A 101 -26.73 -18.58 -10.30
C TRP A 101 -27.12 -17.79 -9.04
N HIS A 102 -26.11 -17.25 -8.36
CA HIS A 102 -26.30 -16.47 -7.14
C HIS A 102 -26.80 -15.08 -7.48
N PHE A 103 -26.33 -14.58 -8.61
CA PHE A 103 -26.77 -13.31 -9.14
C PHE A 103 -28.23 -13.40 -9.53
N TYR A 104 -28.57 -14.52 -10.16
CA TYR A 104 -29.94 -14.86 -10.55
C TYR A 104 -30.91 -14.67 -9.40
N ASP A 105 -30.60 -15.33 -8.30
CA ASP A 105 -31.49 -15.40 -7.18
C ASP A 105 -31.57 -14.07 -6.53
N THR A 106 -30.45 -13.38 -6.48
CA THR A 106 -30.43 -12.05 -5.91
C THR A 106 -31.43 -11.12 -6.63
N ALA A 107 -31.39 -11.12 -7.98
CA ALA A 107 -32.30 -10.31 -8.81
C ALA A 107 -33.72 -10.81 -8.68
N LYS A 108 -33.88 -12.14 -8.68
CA LYS A 108 -35.18 -12.76 -8.46
C LYS A 108 -35.79 -12.30 -7.12
N GLY A 109 -35.15 -12.69 -6.02
CA GLY A 109 -35.64 -12.33 -4.69
C GLY A 109 -35.92 -10.86 -4.56
N SER A 110 -35.27 -10.04 -5.38
CA SER A 110 -35.37 -8.60 -5.26
C SER A 110 -36.69 -8.11 -5.79
N ASP A 111 -37.42 -9.03 -6.44
CA ASP A 111 -38.70 -8.78 -7.11
C ASP A 111 -38.54 -7.64 -8.14
N TRP A 112 -37.39 -7.65 -8.82
CA TRP A 112 -36.95 -6.62 -9.80
C TRP A 112 -37.11 -5.17 -9.36
N LEU A 113 -36.72 -4.91 -8.12
CA LEU A 113 -36.71 -3.55 -7.64
C LEU A 113 -35.28 -3.15 -7.31
N GLY A 114 -34.36 -4.10 -7.42
CA GLY A 114 -32.96 -3.81 -7.18
C GLY A 114 -32.33 -3.18 -8.40
N ASP A 115 -31.15 -2.61 -8.23
CA ASP A 115 -30.31 -2.19 -9.33
C ASP A 115 -29.44 -3.35 -9.70
N GLN A 116 -29.52 -3.76 -10.95
CA GLN A 116 -28.91 -5.03 -11.40
C GLN A 116 -27.38 -5.00 -11.48
N ASN A 117 -26.84 -3.79 -11.58
CA ASN A 117 -25.39 -3.52 -11.56
C ASN A 117 -24.81 -3.83 -10.17
N ALA A 118 -25.36 -3.18 -9.14
CA ALA A 118 -25.06 -3.47 -7.73
C ALA A 118 -25.13 -4.96 -7.46
N MET A 119 -26.14 -5.61 -8.01
CA MET A 119 -26.32 -7.03 -7.75
C MET A 119 -25.25 -7.81 -8.46
N HIS A 120 -24.73 -7.23 -9.53
CA HIS A 120 -23.67 -7.82 -10.33
C HIS A 120 -22.43 -7.73 -9.53
N TYR A 121 -22.22 -6.53 -8.98
CA TYR A 121 -21.02 -6.16 -8.24
C TYR A 121 -20.87 -7.14 -7.12
N LEU A 122 -21.90 -7.11 -6.26
CA LEU A 122 -22.04 -7.96 -5.12
C LEU A 122 -21.62 -9.39 -5.35
N THR A 123 -22.02 -9.95 -6.47
CA THR A 123 -22.04 -11.38 -6.59
C THR A 123 -20.77 -11.98 -7.16
N ARG A 124 -20.05 -11.22 -7.97
CA ARG A 124 -18.75 -11.70 -8.42
C ARG A 124 -17.70 -11.46 -7.34
N ASN A 125 -17.87 -10.37 -6.62
CA ASN A 125 -17.00 -10.06 -5.49
C ASN A 125 -17.18 -10.99 -4.28
N ALA A 126 -18.23 -11.79 -4.27
CA ALA A 126 -18.56 -12.57 -3.08
C ALA A 126 -17.60 -13.72 -2.75
N VAL A 127 -16.93 -14.26 -3.75
CA VAL A 127 -16.04 -15.39 -3.50
C VAL A 127 -14.79 -14.87 -2.83
N GLU A 128 -14.32 -13.72 -3.29
CA GLU A 128 -13.16 -13.09 -2.68
C GLU A 128 -13.50 -12.67 -1.27
N ALA A 129 -14.52 -11.83 -1.17
CA ALA A 129 -14.97 -11.31 0.11
C ALA A 129 -14.92 -12.37 1.20
N VAL A 130 -15.63 -13.48 1.02
CA VAL A 130 -15.60 -14.56 1.99
C VAL A 130 -14.20 -15.06 2.25
N THR A 131 -13.50 -15.51 1.22
CA THR A 131 -12.19 -16.14 1.44
C THR A 131 -11.24 -15.19 2.14
N GLU A 132 -11.27 -13.92 1.74
CA GLU A 132 -10.56 -12.90 2.49
C GLU A 132 -10.72 -13.10 4.01
N LEU A 133 -11.95 -13.38 4.46
CA LEU A 133 -12.25 -13.58 5.89
C LEU A 133 -11.75 -14.88 6.43
N GLU A 134 -11.46 -15.85 5.56
CA GLU A 134 -10.91 -17.11 6.02
C GLU A 134 -9.43 -16.92 6.15
N ASN A 135 -8.89 -16.06 5.30
CA ASN A 135 -7.49 -15.71 5.40
C ASN A 135 -7.22 -14.80 6.59
N PHE A 136 -8.14 -13.88 6.88
CA PHE A 136 -8.01 -13.06 8.08
C PHE A 136 -8.12 -13.87 9.36
N GLY A 137 -8.43 -15.16 9.21
CA GLY A 137 -8.54 -16.08 10.35
C GLY A 137 -9.90 -16.34 10.98
N MET A 138 -10.98 -16.34 10.19
CA MET A 138 -12.30 -16.67 10.71
C MET A 138 -12.46 -18.19 10.83
N PRO A 139 -12.90 -18.68 11.99
CA PRO A 139 -13.02 -20.13 12.18
C PRO A 139 -14.26 -20.73 11.53
N PHE A 140 -14.41 -20.55 10.23
CA PHE A 140 -15.55 -21.12 9.52
C PHE A 140 -15.62 -22.58 9.83
N SER A 141 -16.84 -23.12 9.90
CA SER A 141 -17.02 -24.56 10.08
C SER A 141 -16.44 -25.27 8.85
N ARG A 142 -16.18 -26.57 8.94
CA ARG A 142 -15.42 -27.18 7.86
C ARG A 142 -15.98 -28.48 7.23
N THR A 143 -15.85 -28.60 5.89
CA THR A 143 -16.18 -29.84 5.16
C THR A 143 -15.16 -30.90 5.51
N PRO A 144 -15.52 -32.19 5.43
CA PRO A 144 -14.50 -33.24 5.65
C PRO A 144 -13.22 -33.03 4.80
N GLU A 145 -13.40 -32.86 3.49
CA GLU A 145 -12.29 -32.58 2.56
C GLU A 145 -11.31 -31.55 3.13
N GLY A 146 -11.84 -30.54 3.82
CA GLY A 146 -11.03 -29.53 4.50
C GLY A 146 -11.43 -28.09 4.21
N LYS A 147 -12.28 -27.90 3.19
CA LYS A 147 -12.76 -26.57 2.80
C LYS A 147 -13.95 -26.03 3.62
N ILE A 148 -14.32 -24.78 3.36
CA ILE A 148 -15.38 -24.12 4.12
C ILE A 148 -16.65 -24.94 4.09
N TYR A 149 -17.34 -25.01 5.21
CA TYR A 149 -18.66 -25.62 5.25
C TYR A 149 -19.74 -24.68 4.70
N GLN A 150 -20.76 -25.27 4.08
CA GLN A 150 -21.90 -24.53 3.52
C GLN A 150 -23.29 -25.15 3.76
N ARG A 151 -24.26 -24.28 4.03
CA ARG A 151 -25.63 -24.71 4.23
C ARG A 151 -26.61 -24.00 3.28
N SER A 152 -27.80 -24.58 3.16
CA SER A 152 -28.83 -24.05 2.28
C SER A 152 -29.68 -23.07 3.05
N PHE A 153 -30.26 -22.13 2.34
CA PHE A 153 -30.90 -21.01 2.96
C PHE A 153 -32.12 -20.66 2.11
N GLY A 154 -32.96 -19.77 2.63
CA GLY A 154 -34.18 -19.33 1.94
C GLY A 154 -34.03 -18.43 0.73
N GLY A 155 -34.57 -18.91 -0.39
CA GLY A 155 -34.70 -18.15 -1.62
C GLY A 155 -33.84 -18.62 -2.78
N GLN A 156 -32.91 -19.53 -2.51
CA GLN A 156 -31.84 -19.83 -3.45
C GLN A 156 -31.94 -21.20 -4.11
N SER A 157 -31.40 -21.27 -5.33
CA SER A 157 -31.71 -22.33 -6.27
C SER A 157 -30.70 -22.38 -7.41
N ASN A 158 -30.37 -23.59 -7.85
CA ASN A 158 -29.35 -23.79 -8.86
C ASN A 158 -29.81 -23.69 -10.32
N ASN A 159 -28.87 -23.34 -11.21
CA ASN A 159 -29.05 -23.44 -12.67
C ASN A 159 -29.96 -22.40 -13.29
N TYR A 160 -30.06 -21.24 -12.65
CA TYR A 160 -30.90 -20.13 -13.09
C TYR A 160 -32.34 -20.47 -12.79
N GLY A 161 -32.58 -21.11 -11.66
CA GLY A 161 -33.94 -21.35 -11.22
C GLY A 161 -34.48 -22.73 -11.57
N LYS A 162 -33.60 -23.65 -11.95
CA LYS A 162 -34.02 -24.99 -12.34
C LYS A 162 -33.01 -26.09 -12.00
N GLY A 163 -32.74 -26.28 -10.71
CA GLY A 163 -31.87 -27.37 -10.23
C GLY A 163 -32.41 -28.01 -8.95
N GLY A 164 -31.62 -28.00 -7.90
CA GLY A 164 -32.11 -28.30 -6.55
C GLY A 164 -31.95 -27.05 -5.70
N VAL A 165 -32.02 -27.19 -4.38
CA VAL A 165 -31.67 -26.05 -3.54
C VAL A 165 -30.15 -25.92 -3.39
N ALA A 166 -29.66 -24.70 -3.64
CA ALA A 166 -28.26 -24.35 -3.52
C ALA A 166 -27.79 -24.30 -2.06
N LYS A 167 -26.57 -24.79 -1.85
CA LYS A 167 -25.87 -24.69 -0.57
C LYS A 167 -24.78 -23.67 -0.75
N ARG A 168 -25.10 -22.42 -0.44
CA ARG A 168 -24.30 -21.30 -0.86
C ARG A 168 -23.96 -20.40 0.31
N THR A 169 -24.46 -20.77 1.48
CA THR A 169 -24.21 -19.99 2.68
C THR A 169 -23.07 -20.60 3.44
N CYS A 170 -22.11 -19.76 3.80
CA CYS A 170 -20.93 -20.14 4.56
C CYS A 170 -21.21 -19.65 5.94
N CYS A 171 -20.75 -20.42 6.92
CA CYS A 171 -21.16 -20.24 8.30
C CYS A 171 -20.24 -20.87 9.37
N VAL A 172 -20.09 -20.15 10.48
CA VAL A 172 -19.45 -20.63 11.70
C VAL A 172 -20.55 -21.23 12.54
N ALA A 173 -20.92 -22.45 12.22
CA ALA A 173 -22.15 -23.07 12.73
C ALA A 173 -23.30 -22.05 12.80
N ASP A 174 -23.60 -21.60 14.00
CA ASP A 174 -24.74 -20.74 14.20
C ASP A 174 -24.33 -19.32 14.60
N ARG A 175 -23.04 -19.14 14.88
CA ARG A 175 -22.57 -17.90 15.46
C ARG A 175 -21.96 -16.98 14.42
N THR A 176 -22.30 -17.19 13.15
CA THR A 176 -21.62 -16.55 12.02
C THR A 176 -21.36 -15.04 12.11
N GLY A 177 -22.35 -14.27 12.50
CA GLY A 177 -22.16 -12.83 12.59
C GLY A 177 -21.21 -12.42 13.71
N HIS A 178 -21.27 -13.14 14.80
CA HIS A 178 -20.41 -12.89 15.92
C HIS A 178 -18.97 -13.21 15.53
N SER A 179 -18.75 -14.43 15.11
CA SER A 179 -17.43 -14.81 14.73
C SER A 179 -16.84 -13.83 13.75
N MET A 180 -17.61 -13.39 12.77
CA MET A 180 -17.05 -12.51 11.76
C MET A 180 -16.65 -11.20 12.38
N LEU A 181 -17.54 -10.63 13.17
CA LEU A 181 -17.32 -9.29 13.67
C LEU A 181 -16.08 -9.19 14.55
N HIS A 182 -15.83 -10.18 15.40
CA HIS A 182 -14.59 -10.17 16.16
C HIS A 182 -13.42 -10.17 15.21
N THR A 183 -13.46 -11.04 14.20
CA THR A 183 -12.39 -11.19 13.23
C THR A 183 -12.08 -9.84 12.66
N LEU A 184 -13.08 -9.15 12.11
CA LEU A 184 -12.83 -7.80 11.61
C LEU A 184 -12.24 -6.88 12.67
N TYR A 185 -12.75 -6.94 13.90
CA TYR A 185 -12.23 -6.07 14.93
C TYR A 185 -10.79 -6.40 15.25
N GLY A 186 -10.52 -7.69 15.31
CA GLY A 186 -9.19 -8.22 15.51
C GLY A 186 -8.25 -7.66 14.49
N ASN A 187 -8.66 -7.66 13.24
CA ASN A 187 -7.79 -7.16 12.21
C ASN A 187 -7.77 -5.64 12.16
N SER A 188 -8.76 -5.00 12.78
CA SER A 188 -8.86 -3.54 12.75
C SER A 188 -7.80 -2.88 13.61
N LEU A 189 -7.02 -3.69 14.33
CA LEU A 189 -5.99 -3.16 15.21
C LEU A 189 -4.63 -3.24 14.55
N ARG A 190 -4.45 -4.32 13.77
CA ARG A 190 -3.33 -4.52 12.84
C ARG A 190 -3.07 -3.34 11.90
N CYS A 191 -4.00 -2.38 11.80
CA CYS A 191 -3.81 -1.22 10.90
C CYS A 191 -4.27 0.18 11.38
N HIS A 192 -4.02 0.45 12.65
CA HIS A 192 -3.87 1.80 13.21
C HIS A 192 -4.94 2.75 12.75
N CYS A 193 -6.15 2.54 13.19
CA CYS A 193 -7.18 3.52 12.90
C CYS A 193 -7.83 3.93 14.19
N THR A 194 -7.73 5.21 14.52
CA THR A 194 -8.08 5.67 15.85
C THR A 194 -9.59 5.60 16.19
N PHE A 195 -9.94 4.69 17.08
CA PHE A 195 -11.32 4.47 17.52
C PHE A 195 -11.87 5.46 18.55
N PHE A 196 -12.87 6.26 18.19
CA PHE A 196 -13.54 7.12 19.16
C PHE A 196 -14.82 6.42 19.66
N ILE A 197 -14.69 5.65 20.74
CA ILE A 197 -15.76 4.74 21.21
C ILE A 197 -16.62 5.30 22.35
N GLU A 198 -17.90 4.90 22.34
CA GLU A 198 -18.95 5.55 23.15
C GLU A 198 -19.06 7.04 22.79
N TYR A 199 -19.17 7.25 21.48
CA TYR A 199 -19.42 8.56 20.85
C TYR A 199 -20.68 8.50 20.00
N PHE A 200 -21.53 9.50 20.17
CA PHE A 200 -22.81 9.60 19.48
C PHE A 200 -22.75 10.63 18.33
N ALA A 201 -22.89 10.18 17.08
CA ALA A 201 -22.88 11.06 15.93
C ALA A 201 -24.17 11.88 15.89
N LEU A 202 -24.02 13.19 15.98
CA LEU A 202 -25.17 14.09 16.03
C LEU A 202 -25.63 14.52 14.65
N ASP A 203 -24.68 14.98 13.82
CA ASP A 203 -24.97 15.33 12.44
C ASP A 203 -23.75 15.48 11.55
N LEU A 204 -24.02 15.55 10.25
CA LEU A 204 -23.00 15.69 9.23
C LEU A 204 -22.60 17.13 9.06
N LEU A 205 -21.40 17.33 8.56
CA LEU A 205 -20.89 18.67 8.36
C LEU A 205 -21.03 19.13 6.91
N MET A 206 -22.02 20.00 6.72
CA MET A 206 -22.53 20.37 5.40
C MET A 206 -22.07 21.72 4.91
N ASP A 207 -21.49 21.71 3.70
CA ASP A 207 -20.96 22.91 3.09
C ASP A 207 -21.53 23.09 1.68
N LYS A 208 -22.86 23.22 1.65
CA LYS A 208 -23.61 23.26 0.40
C LYS A 208 -23.15 22.13 -0.52
N GLY A 209 -23.73 20.95 -0.27
CA GLY A 209 -23.48 19.77 -1.11
C GLY A 209 -22.14 19.07 -0.90
N ARG A 210 -21.36 19.57 0.06
CA ARG A 210 -20.05 19.00 0.37
C ARG A 210 -19.99 18.52 1.83
N CYS A 211 -19.55 17.27 2.03
CA CYS A 211 -19.40 16.74 3.38
C CYS A 211 -17.95 16.76 3.89
N VAL A 212 -17.79 17.54 4.96
CA VAL A 212 -16.48 17.90 5.52
C VAL A 212 -16.13 17.10 6.78
N GLY A 213 -17.17 16.56 7.44
CA GLY A 213 -16.99 15.79 8.65
C GLY A 213 -18.27 15.60 9.40
N VAL A 214 -18.12 15.42 10.71
CA VAL A 214 -19.23 15.04 11.57
C VAL A 214 -19.16 15.76 12.89
N ILE A 215 -20.31 15.94 13.50
CA ILE A 215 -20.36 16.36 14.87
C ILE A 215 -20.78 15.15 15.72
N ALA A 216 -20.27 15.10 16.96
CA ALA A 216 -20.44 13.96 17.88
C ALA A 216 -20.37 14.34 19.37
N LEU A 217 -20.93 13.51 20.23
CA LEU A 217 -20.94 13.76 21.67
C LEU A 217 -20.14 12.67 22.37
N CYS A 218 -19.32 13.04 23.35
CA CYS A 218 -18.50 12.04 24.05
C CYS A 218 -19.14 11.72 25.37
N LEU A 219 -19.80 10.55 25.42
CA LEU A 219 -20.55 10.13 26.58
C LEU A 219 -19.72 10.28 27.85
N GLU A 220 -18.58 9.58 27.86
CA GLU A 220 -17.66 9.53 28.97
C GLU A 220 -17.37 10.90 29.67
N ASP A 221 -17.34 12.02 28.94
CA ASP A 221 -17.12 13.33 29.62
C ASP A 221 -17.85 14.57 29.10
N GLY A 222 -18.92 14.37 28.32
CA GLY A 222 -19.80 15.45 27.89
C GLY A 222 -19.26 16.42 26.84
N THR A 223 -18.08 16.14 26.28
CA THR A 223 -17.46 17.05 25.31
C THR A 223 -17.91 16.83 23.86
N ILE A 224 -18.28 17.91 23.19
CA ILE A 224 -18.66 17.87 21.78
C ILE A 224 -17.43 17.88 20.92
N HIS A 225 -17.47 17.12 19.83
CA HIS A 225 -16.36 17.02 18.88
C HIS A 225 -16.79 17.32 17.43
N ARG A 226 -15.87 17.90 16.67
CA ARG A 226 -16.05 18.14 15.24
C ARG A 226 -14.93 17.45 14.51
N PHE A 227 -15.26 16.83 13.39
CA PHE A 227 -14.27 16.06 12.68
C PHE A 227 -14.10 16.54 11.25
N ARG A 228 -13.18 17.48 11.08
CA ARG A 228 -12.71 17.80 9.74
C ARG A 228 -12.24 16.49 9.12
N SER A 229 -12.71 16.26 7.92
CA SER A 229 -12.29 15.11 7.16
C SER A 229 -12.43 15.43 5.69
N LYS A 230 -11.49 14.91 4.91
CA LYS A 230 -11.61 14.90 3.47
C LYS A 230 -12.90 14.15 3.12
N ARG A 231 -13.10 12.98 3.73
CA ARG A 231 -14.22 12.09 3.37
C ARG A 231 -14.95 11.53 4.58
N THR A 232 -16.15 11.01 4.35
CA THR A 232 -17.06 10.66 5.44
C THR A 232 -17.90 9.44 5.08
N ILE A 233 -17.85 8.39 5.87
CA ILE A 233 -18.70 7.24 5.64
C ILE A 233 -19.72 7.06 6.74
N VAL A 234 -20.98 6.91 6.34
CA VAL A 234 -22.08 6.64 7.27
C VAL A 234 -22.43 5.18 7.17
N ALA A 235 -22.23 4.43 8.26
CA ALA A 235 -22.50 2.98 8.25
C ALA A 235 -23.15 2.46 9.53
N THR A 236 -24.41 2.83 9.75
CA THR A 236 -25.01 2.80 11.09
C THR A 236 -26.18 1.83 11.32
N GLY A 237 -26.38 0.89 10.39
CA GLY A 237 -27.43 -0.12 10.52
C GLY A 237 -28.86 0.40 10.51
N GLY A 238 -29.79 -0.54 10.50
CA GLY A 238 -31.20 -0.27 10.26
C GLY A 238 -31.92 0.48 11.34
N TYR A 239 -33.24 0.59 11.18
CA TYR A 239 -34.12 1.32 12.09
C TYR A 239 -35.17 0.38 12.68
N GLY A 240 -34.84 -0.90 12.77
CA GLY A 240 -35.77 -1.91 13.30
C GLY A 240 -36.52 -1.55 14.58
N ARG A 241 -36.00 -0.61 15.34
CA ARG A 241 -36.64 -0.22 16.59
C ARG A 241 -37.86 0.66 16.42
N ALA A 242 -38.19 1.04 15.18
CA ALA A 242 -39.40 1.81 14.92
C ALA A 242 -40.67 1.06 15.30
N TYR A 243 -40.57 -0.26 15.26
CA TYR A 243 -41.70 -1.15 15.54
C TYR A 243 -41.75 -1.58 16.99
N PHE A 244 -42.88 -2.16 17.39
CA PHE A 244 -43.00 -2.70 18.72
C PHE A 244 -42.08 -3.90 18.79
N SER A 245 -42.31 -4.88 17.93
CA SER A 245 -41.49 -6.08 17.91
C SER A 245 -40.47 -6.10 16.77
N CYS A 246 -39.23 -6.51 17.07
CA CYS A 246 -38.14 -6.61 16.08
C CYS A 246 -37.05 -7.55 16.50
N THR A 247 -36.25 -8.04 15.56
CA THR A 247 -35.21 -8.99 15.92
C THR A 247 -33.95 -8.23 16.27
N THR A 248 -34.02 -6.91 16.12
CA THR A 248 -32.88 -6.02 16.23
C THR A 248 -32.48 -5.60 17.66
N ALA A 249 -31.36 -4.85 17.71
CA ALA A 249 -30.77 -4.33 18.94
C ALA A 249 -31.60 -3.20 19.51
N HIS A 250 -31.31 -2.78 20.74
CA HIS A 250 -31.92 -1.58 21.33
C HIS A 250 -31.24 -0.36 20.75
N MET A 251 -30.14 -0.60 20.06
CA MET A 251 -29.28 0.46 19.64
C MET A 251 -29.57 0.81 18.19
N ASN A 252 -30.43 0.01 17.55
CA ASN A 252 -30.73 0.11 16.11
C ASN A 252 -31.87 1.08 15.71
N THR A 253 -31.57 2.37 15.83
CA THR A 253 -32.53 3.44 15.63
C THR A 253 -32.30 4.20 14.32
N GLY A 254 -31.37 3.71 13.49
CA GLY A 254 -31.06 4.29 12.18
C GLY A 254 -30.81 5.78 12.24
N ASP A 255 -29.80 6.15 13.01
CA ASP A 255 -29.50 7.54 13.18
C ASP A 255 -28.66 7.98 12.01
N GLY A 256 -28.17 7.02 11.22
CA GLY A 256 -27.49 7.33 9.98
C GLY A 256 -28.44 8.05 9.06
N THR A 257 -29.57 7.40 8.81
CA THR A 257 -30.61 7.92 7.91
C THR A 257 -31.20 9.22 8.42
N ALA A 258 -31.05 9.48 9.71
CA ALA A 258 -31.47 10.72 10.30
C ALA A 258 -30.54 11.86 9.90
N LEU A 259 -29.29 11.49 9.66
CA LEU A 259 -28.24 12.45 9.40
C LEU A 259 -28.34 12.92 7.97
N ALA A 260 -28.56 11.98 7.07
CA ALA A 260 -28.85 12.30 5.69
C ALA A 260 -30.09 13.19 5.58
N THR A 261 -31.12 12.90 6.35
CA THR A 261 -32.31 13.72 6.24
C THR A 261 -32.02 15.13 6.70
N ARG A 262 -31.34 15.29 7.82
CA ARG A 262 -31.06 16.63 8.36
C ARG A 262 -29.94 17.35 7.61
N ALA A 263 -29.23 16.60 6.76
CA ALA A 263 -28.28 17.13 5.78
C ALA A 263 -28.97 17.48 4.45
N GLY A 264 -30.30 17.35 4.41
CA GLY A 264 -31.09 17.47 3.17
C GLY A 264 -30.69 16.43 2.12
N ILE A 265 -30.78 15.14 2.47
CA ILE A 265 -30.64 14.11 1.46
C ILE A 265 -31.97 13.39 1.36
N ALA A 266 -32.27 12.91 0.16
CA ALA A 266 -33.46 12.12 -0.07
C ALA A 266 -33.19 10.67 0.33
N LEU A 267 -34.14 10.10 1.06
CA LEU A 267 -34.06 8.69 1.45
C LEU A 267 -34.86 7.85 0.50
N GLU A 268 -34.52 6.57 0.37
CA GLU A 268 -35.26 5.73 -0.57
C GLU A 268 -35.63 4.32 -0.12
N ASP A 269 -36.77 3.85 -0.64
CA ASP A 269 -37.31 2.50 -0.40
C ASP A 269 -37.62 2.20 1.05
N LEU A 270 -38.06 3.23 1.78
CA LEU A 270 -38.40 3.09 3.18
C LEU A 270 -39.66 2.31 3.44
N GLU A 271 -40.31 1.77 2.40
CA GLU A 271 -41.47 0.92 2.62
C GLU A 271 -41.11 -0.53 2.60
N PHE A 272 -39.85 -0.81 2.30
CA PHE A 272 -39.43 -2.19 2.30
C PHE A 272 -38.81 -2.67 3.60
N ILE A 273 -39.70 -3.09 4.48
CA ILE A 273 -39.36 -3.52 5.82
C ILE A 273 -39.58 -5.00 5.82
N GLN A 274 -38.50 -5.76 5.77
CA GLN A 274 -38.56 -7.20 5.82
C GLN A 274 -39.10 -7.65 7.18
N PHE A 275 -39.95 -8.68 7.16
CA PHE A 275 -40.37 -9.37 8.37
C PHE A 275 -39.74 -10.73 8.35
N HIS A 276 -39.10 -11.13 9.44
CA HIS A 276 -38.43 -12.41 9.43
C HIS A 276 -39.40 -13.48 9.94
N PRO A 277 -39.52 -14.60 9.17
CA PRO A 277 -40.53 -15.62 9.44
C PRO A 277 -40.46 -16.14 10.86
N THR A 278 -39.28 -16.53 11.34
CA THR A 278 -39.18 -17.16 12.66
C THR A 278 -38.63 -16.31 13.78
N GLY A 279 -39.31 -15.20 14.05
CA GLY A 279 -39.06 -14.45 15.28
C GLY A 279 -39.54 -15.30 16.44
N ILE A 280 -38.95 -15.15 17.62
CA ILE A 280 -39.45 -15.91 18.77
C ILE A 280 -40.64 -15.22 19.43
N TYR A 281 -41.73 -15.98 19.50
CA TYR A 281 -43.04 -15.48 19.89
C TYR A 281 -43.05 -14.45 20.99
N GLY A 282 -42.57 -14.79 22.18
CA GLY A 282 -42.55 -13.82 23.29
C GLY A 282 -41.70 -12.54 23.12
N VAL A 283 -40.42 -12.72 22.85
CA VAL A 283 -39.48 -11.61 22.98
C VAL A 283 -39.10 -10.90 21.69
N GLY A 284 -38.90 -11.68 20.62
CA GLY A 284 -38.46 -11.12 19.34
C GLY A 284 -37.02 -11.46 19.06
N CYS A 285 -36.55 -12.54 19.67
CA CYS A 285 -35.26 -13.08 19.34
C CYS A 285 -35.37 -13.95 18.15
N LEU A 286 -34.42 -13.82 17.27
CA LEU A 286 -34.46 -14.52 16.03
C LEU A 286 -34.03 -15.99 16.16
N ILE A 287 -34.67 -16.85 15.38
CA ILE A 287 -34.24 -18.22 15.20
C ILE A 287 -33.85 -18.40 13.76
N THR A 288 -32.56 -18.49 13.51
CA THR A 288 -32.06 -18.48 12.14
C THR A 288 -32.76 -19.40 11.15
N GLU A 289 -33.02 -18.83 9.97
CA GLU A 289 -33.50 -19.53 8.77
C GLU A 289 -32.69 -20.78 8.53
N GLY A 290 -31.44 -20.75 8.94
CA GLY A 290 -30.55 -21.90 8.84
C GLY A 290 -31.11 -23.18 9.44
N SER A 291 -32.04 -23.04 10.39
CA SER A 291 -32.70 -24.22 10.97
C SER A 291 -33.71 -24.86 10.02
N ARG A 292 -34.35 -24.04 9.18
CA ARG A 292 -35.21 -24.55 8.11
C ARG A 292 -34.30 -25.09 7.03
N GLY A 293 -33.25 -24.33 6.70
CA GLY A 293 -32.24 -24.73 5.73
C GLY A 293 -31.70 -26.12 5.98
N GLU A 294 -31.54 -26.47 7.25
CA GLU A 294 -30.97 -27.77 7.65
C GLU A 294 -32.03 -28.89 7.74
N GLY A 295 -33.31 -28.56 7.57
CA GLY A 295 -34.36 -29.59 7.60
C GLY A 295 -35.65 -29.25 8.33
N GLY A 296 -35.54 -28.73 9.55
CA GLY A 296 -36.71 -28.43 10.37
C GLY A 296 -37.72 -27.51 9.71
N PHE A 297 -39.01 -27.78 9.94
CA PHE A 297 -40.08 -27.09 9.20
C PHE A 297 -41.13 -26.40 10.07
N LEU A 298 -42.10 -25.79 9.38
CA LEU A 298 -43.24 -25.11 10.02
C LEU A 298 -44.48 -25.98 10.11
N VAL A 299 -45.28 -25.68 11.14
CA VAL A 299 -46.53 -26.40 11.44
C VAL A 299 -47.63 -25.52 12.08
N ASN A 300 -48.87 -25.74 11.63
CA ASN A 300 -50.07 -25.05 12.14
C ASN A 300 -50.85 -25.92 13.12
N SER A 301 -51.87 -25.34 13.73
CA SER A 301 -52.72 -26.08 14.68
C SER A 301 -53.10 -27.46 14.16
N GLU A 302 -53.38 -27.57 12.87
CA GLU A 302 -53.82 -28.84 12.31
C GLU A 302 -52.72 -29.91 12.38
N GLY A 303 -51.47 -29.49 12.49
CA GLY A 303 -50.36 -30.43 12.50
C GLY A 303 -50.05 -30.80 11.07
N GLU A 304 -49.51 -29.83 10.34
CA GLU A 304 -49.39 -29.90 8.90
C GLU A 304 -48.32 -28.93 8.43
N ARG A 305 -47.49 -29.39 7.49
CA ARG A 305 -46.56 -28.53 6.75
C ARG A 305 -47.35 -27.74 5.71
N PHE A 306 -47.70 -26.51 6.03
CA PHE A 306 -48.54 -25.73 5.14
C PHE A 306 -47.76 -25.05 4.06
N MET A 307 -46.45 -25.15 4.13
CA MET A 307 -45.61 -24.62 3.08
C MET A 307 -45.72 -25.39 1.76
N GLU A 308 -46.00 -26.69 1.82
CA GLU A 308 -46.34 -27.48 0.62
C GLU A 308 -47.46 -26.88 -0.24
N ARG A 309 -48.34 -26.10 0.40
CA ARG A 309 -49.44 -25.38 -0.28
C ARG A 309 -48.97 -24.06 -0.89
N TYR A 310 -48.27 -23.26 -0.10
CA TYR A 310 -47.87 -21.91 -0.52
C TYR A 310 -46.62 -21.86 -1.40
N ALA A 311 -45.84 -22.94 -1.41
CA ALA A 311 -44.59 -23.02 -2.16
C ALA A 311 -44.30 -24.46 -2.52
N PRO A 312 -45.01 -24.99 -3.52
CA PRO A 312 -44.94 -26.42 -3.85
C PRO A 312 -43.51 -26.86 -4.17
N LYS A 313 -42.68 -25.92 -4.59
CA LYS A 313 -41.30 -26.23 -4.96
C LYS A 313 -40.28 -26.07 -3.81
N ALA A 314 -40.17 -24.87 -3.27
CA ALA A 314 -39.16 -24.53 -2.27
C ALA A 314 -39.51 -25.04 -0.89
N LYS A 315 -40.81 -25.27 -0.70
CA LYS A 315 -41.37 -25.65 0.59
C LYS A 315 -41.08 -24.64 1.70
N ASP A 316 -40.45 -25.08 2.79
CA ASP A 316 -40.19 -24.20 3.92
C ASP A 316 -39.01 -23.26 3.65
N LEU A 317 -38.49 -23.31 2.41
CA LEU A 317 -37.33 -22.53 2.01
C LEU A 317 -37.57 -21.51 0.90
N ALA A 318 -38.78 -20.96 0.84
CA ALA A 318 -39.07 -19.86 -0.08
C ALA A 318 -38.38 -18.60 0.39
N SER A 319 -38.59 -17.49 -0.30
CA SER A 319 -38.10 -16.22 0.21
C SER A 319 -38.94 -15.81 1.43
N ARG A 320 -38.34 -15.00 2.30
CA ARG A 320 -38.97 -14.67 3.57
C ARG A 320 -40.25 -13.84 3.45
N ASP A 321 -40.37 -13.00 2.42
CA ASP A 321 -41.56 -12.14 2.32
C ASP A 321 -42.80 -13.01 2.06
N VAL A 322 -42.61 -14.05 1.25
CA VAL A 322 -43.59 -15.10 1.03
C VAL A 322 -43.90 -15.80 2.35
N VAL A 323 -42.94 -16.59 2.84
CA VAL A 323 -43.11 -17.39 4.07
C VAL A 323 -43.78 -16.64 5.20
N SER A 324 -43.47 -15.36 5.34
CA SER A 324 -44.00 -14.55 6.44
C SER A 324 -45.48 -14.36 6.30
N ARG A 325 -45.94 -14.24 5.07
CA ARG A 325 -47.37 -14.14 4.75
C ARG A 325 -48.10 -15.46 5.01
N ALA A 326 -47.54 -16.55 4.47
CA ALA A 326 -48.05 -17.88 4.74
C ALA A 326 -48.41 -18.08 6.23
N GLU A 327 -47.55 -17.59 7.12
CA GLU A 327 -47.85 -17.68 8.54
C GLU A 327 -48.95 -16.70 8.89
N THR A 328 -48.88 -15.49 8.36
CA THR A 328 -49.81 -14.44 8.75
C THR A 328 -51.24 -14.77 8.31
N ILE A 329 -51.34 -15.51 7.21
CA ILE A 329 -52.60 -16.10 6.79
C ILE A 329 -53.02 -17.20 7.76
N GLU A 330 -52.30 -18.32 7.75
CA GLU A 330 -52.60 -19.43 8.64
C GLU A 330 -53.22 -19.01 9.95
N ILE A 331 -52.64 -17.99 10.58
CA ILE A 331 -53.13 -17.48 11.87
C ILE A 331 -54.49 -16.81 11.71
N MET A 332 -54.58 -15.88 10.75
CA MET A 332 -55.80 -15.12 10.47
C MET A 332 -57.01 -16.02 10.31
N GLU A 333 -56.74 -17.24 9.87
CA GLU A 333 -57.78 -18.20 9.52
C GLU A 333 -57.96 -19.31 10.57
N GLY A 334 -57.50 -19.03 11.80
CA GLY A 334 -57.68 -19.93 12.95
C GLY A 334 -56.99 -21.27 12.88
N ARG A 335 -55.94 -21.39 12.06
CA ARG A 335 -55.10 -22.56 12.14
C ARG A 335 -53.85 -22.29 12.97
N GLY A 336 -53.84 -21.12 13.63
CA GLY A 336 -52.78 -20.71 14.56
C GLY A 336 -52.68 -21.63 15.76
N VAL A 337 -51.58 -21.53 16.49
CA VAL A 337 -51.31 -22.49 17.54
C VAL A 337 -51.09 -21.82 18.90
N GLY A 338 -51.11 -22.64 19.96
CA GLY A 338 -51.04 -22.16 21.33
C GLY A 338 -52.40 -22.08 22.02
N PRO A 339 -52.45 -21.35 23.16
CA PRO A 339 -53.68 -21.09 23.91
C PRO A 339 -54.31 -19.78 23.44
N GLU A 340 -53.72 -19.20 22.39
CA GLU A 340 -54.15 -17.91 21.86
C GLU A 340 -54.37 -18.02 20.37
N LYS A 341 -54.01 -19.18 19.82
CA LYS A 341 -54.15 -19.47 18.40
C LYS A 341 -53.52 -18.39 17.51
N ASP A 342 -52.32 -17.92 17.86
CA ASP A 342 -51.80 -16.67 17.27
C ASP A 342 -50.30 -16.63 16.98
N HIS A 343 -49.69 -17.80 16.94
CA HIS A 343 -48.35 -17.98 16.42
C HIS A 343 -48.31 -19.37 15.86
N ILE A 344 -47.17 -19.80 15.33
CA ILE A 344 -47.04 -21.17 14.85
C ILE A 344 -45.75 -21.84 15.34
N TYR A 345 -45.64 -23.14 15.10
CA TYR A 345 -44.53 -23.95 15.57
C TYR A 345 -43.43 -24.13 14.54
N LEU A 346 -42.19 -24.00 14.97
CA LEU A 346 -41.07 -24.45 14.17
C LEU A 346 -40.59 -25.77 14.78
N GLN A 347 -40.53 -26.84 13.98
CA GLN A 347 -40.29 -28.20 14.48
C GLN A 347 -38.95 -28.82 14.06
N LEU A 348 -38.15 -29.26 15.03
CA LEU A 348 -36.80 -29.78 14.70
C LEU A 348 -36.42 -31.09 15.41
N HIS A 349 -37.29 -31.55 16.31
CA HIS A 349 -37.06 -32.79 17.08
C HIS A 349 -36.88 -34.08 16.26
N HIS A 350 -37.36 -34.06 15.03
CA HIS A 350 -37.15 -35.17 14.08
C HIS A 350 -35.69 -35.28 13.57
N LEU A 351 -34.82 -34.38 14.01
CA LEU A 351 -33.42 -34.34 13.60
C LEU A 351 -32.48 -34.87 14.67
N PRO A 352 -31.37 -35.51 14.25
CA PRO A 352 -30.29 -36.00 15.13
C PRO A 352 -29.71 -34.92 16.07
N ALA A 353 -29.72 -35.19 17.38
CA ALA A 353 -29.10 -34.30 18.37
C ALA A 353 -27.69 -33.89 17.95
N GLU A 354 -27.04 -34.77 17.19
CA GLU A 354 -25.70 -34.55 16.68
C GLU A 354 -25.66 -33.34 15.78
N GLN A 355 -26.35 -33.45 14.66
CA GLN A 355 -26.49 -32.38 13.71
C GLN A 355 -26.99 -31.09 14.38
N LEU A 356 -27.89 -31.23 15.33
CA LEU A 356 -28.49 -30.09 16.00
C LEU A 356 -27.49 -29.32 16.87
N HIS A 357 -26.83 -30.03 17.78
CA HIS A 357 -25.81 -29.46 18.66
C HIS A 357 -24.69 -28.86 17.84
N GLN A 358 -24.29 -29.57 16.77
CA GLN A 358 -23.15 -29.13 16.00
C GLN A 358 -23.44 -28.04 14.96
N ARG A 359 -24.52 -28.16 14.19
CA ARG A 359 -24.84 -27.16 13.18
C ARG A 359 -25.68 -25.99 13.67
N LEU A 360 -26.23 -26.12 14.87
CA LEU A 360 -27.10 -25.08 15.40
C LEU A 360 -26.95 -24.83 16.89
N PRO A 361 -25.70 -24.66 17.36
CA PRO A 361 -25.49 -24.58 18.80
C PRO A 361 -26.29 -23.46 19.48
N GLY A 362 -26.20 -22.23 18.96
CA GLY A 362 -26.77 -21.05 19.64
C GLY A 362 -28.26 -21.07 19.84
N ILE A 363 -28.99 -21.44 18.79
CA ILE A 363 -30.46 -21.46 18.84
C ILE A 363 -30.97 -22.44 19.85
N SER A 364 -30.34 -23.62 19.90
CA SER A 364 -30.61 -24.60 20.96
C SER A 364 -30.62 -23.93 22.32
N GLU A 365 -29.66 -23.03 22.55
CA GLU A 365 -29.64 -22.30 23.80
C GLU A 365 -30.82 -21.35 23.93
N THR A 366 -30.87 -20.32 23.09
CA THR A 366 -31.94 -19.30 23.19
C THR A 366 -33.35 -19.88 23.27
N ALA A 367 -33.59 -20.96 22.54
CA ALA A 367 -34.80 -21.76 22.70
C ALA A 367 -35.02 -22.02 24.19
N LYS A 368 -34.07 -22.71 24.81
CA LYS A 368 -34.17 -23.07 26.21
C LYS A 368 -34.33 -21.86 27.14
N ILE A 369 -33.70 -20.74 26.82
CA ILE A 369 -33.65 -19.62 27.76
C ILE A 369 -34.93 -18.79 27.81
N PHE A 370 -35.46 -18.48 26.63
CA PHE A 370 -36.58 -17.55 26.53
C PHE A 370 -37.93 -18.25 26.40
N ALA A 371 -37.94 -19.33 25.62
CA ALA A 371 -39.13 -20.15 25.43
C ALA A 371 -39.24 -21.26 26.47
N GLY A 372 -38.14 -21.60 27.12
CA GLY A 372 -38.09 -22.80 27.96
C GLY A 372 -38.44 -24.05 27.16
N VAL A 373 -37.68 -24.31 26.10
CA VAL A 373 -37.99 -25.36 25.14
C VAL A 373 -36.74 -26.13 24.71
N ASP A 374 -36.86 -27.44 24.62
CA ASP A 374 -35.76 -28.29 24.18
C ASP A 374 -35.97 -28.69 22.75
N VAL A 375 -35.10 -28.23 21.86
CA VAL A 375 -35.31 -28.49 20.45
C VAL A 375 -35.27 -29.98 20.09
N THR A 376 -34.75 -30.82 20.98
CA THR A 376 -34.82 -32.25 20.73
C THR A 376 -36.19 -32.81 21.07
N LYS A 377 -36.88 -32.23 22.03
CA LYS A 377 -38.21 -32.75 22.38
C LYS A 377 -39.37 -32.05 21.69
N GLU A 378 -39.37 -30.71 21.66
CA GLU A 378 -40.56 -29.94 21.25
C GLU A 378 -40.34 -29.03 20.04
N PRO A 379 -41.41 -28.32 19.63
CA PRO A 379 -41.23 -27.24 18.67
C PRO A 379 -41.05 -25.89 19.37
N ILE A 380 -40.66 -24.86 18.61
CA ILE A 380 -40.48 -23.51 19.12
C ILE A 380 -41.65 -22.65 18.65
N PRO A 381 -42.25 -21.89 19.57
CA PRO A 381 -43.19 -20.84 19.23
C PRO A 381 -42.54 -19.70 18.43
N VAL A 382 -42.98 -19.52 17.18
CA VAL A 382 -42.42 -18.48 16.30
C VAL A 382 -43.47 -17.56 15.65
N ILE A 383 -43.06 -16.35 15.28
CA ILE A 383 -44.00 -15.40 14.69
C ILE A 383 -43.25 -14.29 13.98
N PRO A 384 -43.55 -14.10 12.69
CA PRO A 384 -42.99 -13.06 11.86
C PRO A 384 -42.68 -11.78 12.64
N THR A 385 -41.45 -11.29 12.56
CA THR A 385 -41.06 -10.08 13.26
C THR A 385 -40.29 -9.14 12.32
N VAL A 386 -40.45 -7.82 12.51
CA VAL A 386 -39.72 -6.80 11.74
C VAL A 386 -38.21 -7.00 11.88
N HIS A 387 -37.50 -7.18 10.76
CA HIS A 387 -36.15 -7.74 10.85
C HIS A 387 -35.06 -6.88 10.23
N TYR A 388 -35.23 -6.52 8.96
CA TYR A 388 -34.20 -5.79 8.19
C TYR A 388 -34.87 -4.66 7.42
N ASN A 389 -34.08 -3.65 7.06
CA ASN A 389 -34.56 -2.55 6.25
C ASN A 389 -33.77 -2.51 4.98
N MET A 390 -34.40 -2.93 3.88
CA MET A 390 -33.75 -2.78 2.56
C MET A 390 -33.75 -1.34 2.10
N GLY A 391 -34.54 -0.49 2.75
CA GLY A 391 -34.39 0.94 2.55
C GLY A 391 -33.09 1.56 3.04
N GLY A 392 -32.95 2.85 2.80
CA GLY A 392 -31.83 3.59 3.31
C GLY A 392 -31.37 4.73 2.42
N ILE A 393 -30.06 4.96 2.42
CA ILE A 393 -29.49 6.11 1.77
C ILE A 393 -28.98 5.71 0.38
N PRO A 394 -29.38 6.48 -0.65
CA PRO A 394 -29.22 6.16 -2.07
C PRO A 394 -27.78 6.22 -2.54
N THR A 395 -27.33 5.19 -3.25
CA THR A 395 -25.93 5.15 -3.70
C THR A 395 -25.78 4.36 -4.97
N ASN A 396 -24.61 4.46 -5.58
CA ASN A 396 -24.33 3.73 -6.79
C ASN A 396 -23.61 2.44 -6.46
N TYR A 397 -23.09 1.76 -7.50
CA TYR A 397 -22.27 0.56 -7.30
C TYR A 397 -20.92 0.93 -6.68
N LYS A 398 -20.61 2.23 -6.70
CA LYS A 398 -19.40 2.77 -6.11
C LYS A 398 -19.66 3.24 -4.68
N ALA A 399 -20.86 2.98 -4.16
CA ALA A 399 -21.20 3.19 -2.74
C ALA A 399 -21.21 4.67 -2.29
N GLN A 400 -21.28 5.60 -3.24
CA GLN A 400 -21.30 7.03 -2.97
C GLN A 400 -22.72 7.58 -2.94
N VAL A 401 -23.00 8.39 -1.93
CA VAL A 401 -24.34 8.96 -1.69
C VAL A 401 -24.76 9.89 -2.83
N ILE A 402 -26.03 9.84 -3.23
CA ILE A 402 -26.50 10.61 -4.39
C ILE A 402 -27.83 11.30 -4.18
N LYS A 403 -27.92 12.54 -4.66
CA LYS A 403 -29.19 13.23 -4.76
C LYS A 403 -29.75 12.91 -6.15
N TYR A 404 -30.97 13.36 -6.46
CA TYR A 404 -31.58 13.06 -7.76
C TYR A 404 -32.74 13.99 -8.23
N THR A 405 -32.65 14.41 -9.50
CA THR A 405 -33.77 15.07 -10.22
C THR A 405 -34.06 14.49 -11.63
N LYS A 406 -35.34 14.58 -12.04
CA LYS A 406 -35.80 14.30 -13.43
C LYS A 406 -35.01 15.14 -14.45
N GLU A 407 -34.77 16.38 -14.07
CA GLU A 407 -34.02 17.39 -14.81
C GLU A 407 -32.62 16.94 -15.30
N GLY A 408 -31.76 16.48 -14.39
CA GLY A 408 -30.42 16.04 -14.80
C GLY A 408 -29.89 14.75 -14.20
N GLY A 409 -30.78 13.77 -14.02
CA GLY A 409 -30.42 12.50 -13.41
C GLY A 409 -29.96 12.61 -11.96
N ASP A 410 -28.93 11.85 -11.63
CA ASP A 410 -28.41 11.73 -10.25
C ASP A 410 -27.01 12.31 -9.97
N LYS A 411 -27.01 13.48 -9.30
CA LYS A 411 -25.80 14.18 -8.90
C LYS A 411 -25.21 13.63 -7.60
N ILE A 412 -24.03 13.01 -7.68
CA ILE A 412 -23.29 12.50 -6.51
C ILE A 412 -22.95 13.62 -5.50
N VAL A 413 -23.29 13.44 -4.22
CA VAL A 413 -22.88 14.36 -3.15
C VAL A 413 -21.44 14.01 -2.69
N PRO A 414 -20.44 14.83 -3.09
CA PRO A 414 -19.02 14.43 -2.88
C PRO A 414 -18.56 14.59 -1.44
N GLY A 415 -17.70 13.65 -1.01
CA GLY A 415 -17.25 13.59 0.37
C GLY A 415 -17.95 12.50 1.15
N LEU A 416 -19.12 12.06 0.67
CA LEU A 416 -20.04 11.21 1.42
C LEU A 416 -20.27 9.81 0.84
N TYR A 417 -20.12 8.79 1.68
CA TYR A 417 -20.44 7.42 1.32
C TYR A 417 -21.40 6.79 2.33
N ALA A 418 -21.90 5.59 2.02
CA ALA A 418 -22.73 4.82 2.94
C ALA A 418 -22.62 3.35 2.59
N CYS A 419 -22.68 2.50 3.62
CA CYS A 419 -22.81 1.03 3.42
C CYS A 419 -23.51 0.29 4.54
N GLY A 420 -23.81 -0.97 4.23
CA GLY A 420 -24.56 -1.85 5.09
C GLY A 420 -26.05 -1.60 5.04
N GLU A 421 -26.65 -1.57 6.21
CA GLU A 421 -28.09 -1.57 6.35
C GLU A 421 -28.59 -0.15 6.19
N CYS A 422 -27.82 0.81 6.66
CA CYS A 422 -28.22 2.20 6.51
C CYS A 422 -28.12 2.59 5.05
N ALA A 423 -27.43 1.74 4.29
CA ALA A 423 -27.29 1.95 2.88
C ALA A 423 -28.51 1.46 2.10
N CYS A 424 -28.68 2.10 0.94
CA CYS A 424 -29.46 1.55 -0.14
C CYS A 424 -28.76 1.62 -1.50
N HIS A 425 -27.97 0.59 -1.80
CA HIS A 425 -27.47 0.42 -3.15
C HIS A 425 -28.67 -0.05 -3.93
N SER A 426 -29.49 -0.82 -3.21
CA SER A 426 -30.54 -1.71 -3.72
C SER A 426 -29.95 -2.93 -4.38
N VAL A 427 -29.33 -3.72 -3.53
CA VAL A 427 -28.93 -5.04 -3.87
C VAL A 427 -30.07 -5.93 -3.40
N HIS A 428 -31.07 -5.31 -2.79
CA HIS A 428 -32.19 -6.07 -2.26
C HIS A 428 -33.50 -5.73 -2.90
N GLY A 429 -33.65 -4.49 -3.35
CA GLY A 429 -34.91 -4.06 -3.93
C GLY A 429 -36.01 -4.19 -2.91
N ALA A 430 -37.02 -5.02 -3.24
CA ALA A 430 -38.24 -5.09 -2.45
C ALA A 430 -38.23 -6.16 -1.38
N ASN A 431 -37.32 -7.10 -1.54
CA ASN A 431 -37.17 -8.15 -0.59
C ASN A 431 -35.74 -8.57 -0.61
N ARG A 432 -35.13 -8.59 0.56
CA ARG A 432 -33.75 -8.99 0.69
C ARG A 432 -33.61 -10.49 0.70
N LEU A 433 -32.69 -11.00 -0.09
CA LEU A 433 -32.35 -12.41 -0.01
C LEU A 433 -31.58 -12.67 1.27
N GLY A 434 -31.72 -13.85 1.83
CA GLY A 434 -31.18 -14.07 3.17
C GLY A 434 -29.72 -14.46 3.23
N ALA A 435 -28.94 -13.73 4.02
CA ALA A 435 -27.50 -13.94 4.18
C ALA A 435 -26.71 -13.28 3.05
N ASN A 436 -27.30 -12.23 2.50
CA ASN A 436 -26.69 -11.42 1.48
C ASN A 436 -26.30 -10.10 2.06
N SER A 437 -26.52 -9.91 3.36
CA SER A 437 -26.32 -8.60 3.98
C SER A 437 -24.96 -8.44 4.64
N LEU A 438 -24.59 -9.38 5.50
CA LEU A 438 -23.20 -9.49 5.90
C LEU A 438 -22.34 -9.44 4.65
N LEU A 439 -22.84 -10.03 3.57
CA LEU A 439 -22.16 -10.00 2.29
C LEU A 439 -22.01 -8.57 1.82
N ASP A 440 -23.13 -7.85 1.74
CA ASP A 440 -23.16 -6.49 1.18
C ASP A 440 -22.53 -5.47 2.10
N ALA A 441 -22.16 -5.91 3.28
CA ALA A 441 -21.50 -5.03 4.22
C ALA A 441 -20.01 -5.27 4.11
N VAL A 442 -19.63 -6.52 3.89
CA VAL A 442 -18.26 -6.81 3.55
C VAL A 442 -17.88 -6.18 2.21
N VAL A 443 -18.76 -6.30 1.22
CA VAL A 443 -18.38 -6.02 -0.16
C VAL A 443 -18.41 -4.54 -0.50
N PHE A 444 -19.44 -3.86 -0.04
CA PHE A 444 -19.54 -2.44 -0.32
C PHE A 444 -18.78 -1.58 0.70
N GLY A 445 -18.52 -2.13 1.87
CA GLY A 445 -17.47 -1.60 2.73
C GLY A 445 -16.17 -1.62 1.94
N ARG A 446 -15.69 -2.82 1.67
CA ARG A 446 -14.52 -3.03 0.81
C ARG A 446 -14.54 -2.20 -0.45
N ALA A 447 -15.73 -1.89 -0.96
CA ALA A 447 -15.83 -1.00 -2.11
C ALA A 447 -15.57 0.44 -1.69
N CYS A 448 -16.10 0.85 -0.54
CA CYS A 448 -15.77 2.15 0.04
C CYS A 448 -14.26 2.37 0.07
N SER A 449 -13.51 1.35 0.50
CA SER A 449 -12.06 1.47 0.55
C SER A 449 -11.48 1.62 -0.86
N ILE A 450 -11.58 0.56 -1.67
CA ILE A 450 -11.03 0.57 -3.03
C ILE A 450 -11.41 1.84 -3.81
N ASN A 451 -12.62 2.35 -3.61
CA ASN A 451 -13.08 3.47 -4.44
C ASN A 451 -12.81 4.83 -3.85
N ILE A 452 -11.92 4.88 -2.85
CA ILE A 452 -11.38 6.15 -2.34
C ILE A 452 -9.86 6.15 -2.50
N LYS A 453 -9.27 4.97 -2.30
CA LYS A 453 -7.87 4.69 -2.67
C LYS A 453 -7.70 4.81 -4.19
N GLU A 454 -8.82 5.04 -4.89
CA GLU A 454 -8.84 5.20 -6.34
C GLU A 454 -8.90 6.65 -6.77
N GLU A 455 -9.65 7.48 -6.04
CA GLU A 455 -9.88 8.86 -6.47
C GLU A 455 -9.46 9.92 -5.45
N LEU A 456 -8.61 9.57 -4.50
CA LEU A 456 -8.12 10.59 -3.59
C LEU A 456 -6.78 11.14 -4.06
N LYS A 457 -6.80 12.46 -4.29
CA LYS A 457 -5.65 13.23 -4.70
C LYS A 457 -4.73 13.39 -3.50
N PRO A 458 -3.64 12.60 -3.46
CA PRO A 458 -2.67 12.82 -2.38
C PRO A 458 -2.05 14.24 -2.43
N ASP A 459 -2.68 15.14 -3.20
CA ASP A 459 -2.25 16.55 -3.29
C ASP A 459 -3.03 17.47 -2.35
N GLU A 460 -4.25 17.87 -2.74
CA GLU A 460 -5.13 18.78 -1.98
C GLU A 460 -5.38 18.28 -0.55
N LYS A 461 -5.68 19.21 0.36
CA LYS A 461 -5.73 18.89 1.78
C LYS A 461 -7.11 19.10 2.44
N ILE A 462 -7.14 18.81 3.74
CA ILE A 462 -8.37 18.72 4.55
C ILE A 462 -9.26 19.97 4.55
N PRO A 463 -10.52 19.80 4.11
CA PRO A 463 -11.61 20.76 4.21
C PRO A 463 -11.61 21.56 5.51
N GLU A 464 -12.06 22.81 5.42
CA GLU A 464 -12.12 23.70 6.56
C GLU A 464 -13.52 23.72 7.09
N LEU A 465 -13.66 24.01 8.36
CA LEU A 465 -14.99 24.27 8.90
C LEU A 465 -15.35 25.71 8.60
N PRO A 466 -16.56 25.93 8.06
CA PRO A 466 -17.09 27.27 8.04
C PRO A 466 -17.11 27.85 9.45
N GLU A 467 -17.08 29.18 9.54
CA GLU A 467 -17.25 29.89 10.81
C GLU A 467 -18.65 29.54 11.36
N GLY A 468 -18.78 29.57 12.68
CA GLY A 468 -20.02 29.21 13.36
C GLY A 468 -20.70 27.93 12.88
N ALA A 469 -19.90 26.94 12.43
CA ALA A 469 -20.42 25.68 11.88
C ALA A 469 -20.57 24.57 12.91
N GLY A 470 -21.63 23.78 12.73
CA GLY A 470 -22.02 22.72 13.66
C GLY A 470 -23.02 23.23 14.69
N GLU A 471 -23.05 24.55 14.84
CA GLU A 471 -23.75 25.17 15.95
C GLU A 471 -25.24 24.83 16.03
N GLU A 472 -25.85 24.37 14.94
CA GLU A 472 -27.28 24.05 15.01
C GLU A 472 -27.61 22.66 15.55
N SER A 473 -26.72 21.70 15.32
CA SER A 473 -26.84 20.37 15.91
C SER A 473 -26.85 20.44 17.44
N ILE A 474 -25.85 21.14 17.98
CA ILE A 474 -25.72 21.33 19.42
C ILE A 474 -26.91 22.06 20.01
N ALA A 475 -27.48 22.96 19.22
CA ALA A 475 -28.59 23.76 19.66
C ALA A 475 -29.75 22.84 19.98
N ASN A 476 -29.96 21.83 19.13
CA ASN A 476 -31.00 20.83 19.35
C ASN A 476 -30.82 20.17 20.70
N LEU A 477 -29.66 19.54 20.86
CA LEU A 477 -29.21 18.97 22.11
C LEU A 477 -29.62 19.80 23.31
N ASP A 478 -29.18 21.05 23.34
CA ASP A 478 -29.43 21.97 24.45
C ASP A 478 -30.89 21.95 24.87
N ALA A 479 -31.78 22.27 23.94
CA ALA A 479 -33.19 22.35 24.27
C ALA A 479 -33.78 20.97 24.58
N VAL A 480 -33.18 19.93 24.01
CA VAL A 480 -33.59 18.55 24.27
C VAL A 480 -33.11 18.10 25.64
N ARG A 481 -31.99 18.67 26.06
CA ARG A 481 -31.47 18.45 27.39
C ARG A 481 -32.43 19.02 28.42
N TYR A 482 -32.59 20.35 28.43
CA TYR A 482 -33.46 21.01 29.41
C TYR A 482 -34.94 21.01 29.07
N ALA A 483 -35.33 20.12 28.15
CA ALA A 483 -36.70 20.00 27.69
C ALA A 483 -37.69 19.81 28.84
N ASN A 484 -38.46 20.86 29.12
CA ASN A 484 -39.51 20.88 30.15
C ASN A 484 -40.91 20.59 29.58
N GLY A 485 -41.01 19.54 28.77
CA GLY A 485 -42.30 19.16 28.18
C GLY A 485 -43.21 18.50 29.20
N ASP A 486 -44.18 17.73 28.73
CA ASP A 486 -45.12 17.08 29.63
C ASP A 486 -45.50 15.68 29.23
N VAL A 487 -44.97 15.22 28.09
CA VAL A 487 -45.01 13.80 27.77
C VAL A 487 -43.57 13.23 27.78
N PRO A 488 -43.36 12.14 28.55
CA PRO A 488 -42.04 11.57 28.78
C PRO A 488 -41.44 10.84 27.58
N THR A 489 -40.12 11.00 27.42
CA THR A 489 -39.31 10.38 26.36
C THR A 489 -39.71 8.93 26.02
N ALA A 490 -40.25 8.23 27.00
CA ALA A 490 -40.46 6.79 26.92
C ALA A 490 -41.86 6.43 26.52
N GLU A 491 -42.81 7.24 26.94
CA GLU A 491 -44.21 6.94 26.69
C GLU A 491 -44.48 7.16 25.21
N LEU A 492 -43.87 8.21 24.68
CA LEU A 492 -43.97 8.57 23.28
C LEU A 492 -43.47 7.42 22.41
N ARG A 493 -42.17 7.12 22.52
CA ARG A 493 -41.54 5.97 21.87
C ARG A 493 -42.47 4.76 21.80
N LEU A 494 -43.03 4.38 22.94
CA LEU A 494 -43.91 3.25 22.98
C LEU A 494 -45.05 3.46 22.00
N THR A 495 -45.82 4.54 22.18
CA THR A 495 -47.06 4.70 21.41
C THR A 495 -46.79 4.61 19.91
N MET A 496 -45.70 5.23 19.46
CA MET A 496 -45.37 5.21 18.05
C MET A 496 -45.10 3.80 17.57
N GLN A 497 -44.53 2.99 18.45
CA GLN A 497 -44.10 1.66 18.07
C GLN A 497 -45.28 0.75 17.97
N LYS A 498 -46.27 1.01 18.81
CA LYS A 498 -47.51 0.28 18.76
C LYS A 498 -48.21 0.64 17.43
N THR A 499 -48.28 1.94 17.14
CA THR A 499 -48.97 2.45 15.96
C THR A 499 -48.27 2.08 14.65
N MET A 500 -47.01 1.67 14.73
CA MET A 500 -46.30 1.29 13.54
C MET A 500 -46.62 -0.12 13.19
N GLN A 501 -46.82 -0.91 14.24
CA GLN A 501 -47.01 -2.35 14.17
C GLN A 501 -48.37 -2.68 13.61
N LYS A 502 -49.32 -1.79 13.93
CA LYS A 502 -50.74 -1.96 13.66
C LYS A 502 -51.01 -1.60 12.21
N HIS A 503 -50.14 -0.76 11.68
CA HIS A 503 -50.39 -0.05 10.43
C HIS A 503 -49.41 -0.40 9.34
N ALA A 504 -48.13 -0.35 9.64
CA ALA A 504 -47.15 -0.72 8.64
C ALA A 504 -46.86 -2.21 8.73
N GLY A 505 -47.85 -2.99 9.16
CA GLY A 505 -47.71 -4.43 9.34
C GLY A 505 -47.34 -5.26 8.11
N VAL A 506 -47.42 -6.57 8.24
CA VAL A 506 -47.19 -7.53 7.16
C VAL A 506 -48.09 -7.25 5.99
N PHE A 507 -49.40 -7.16 6.31
CA PHE A 507 -50.47 -6.84 5.35
C PHE A 507 -51.03 -5.46 5.61
N ARG A 508 -50.97 -4.61 4.59
CA ARG A 508 -51.42 -3.22 4.70
C ARG A 508 -52.61 -2.91 3.76
N ARG A 509 -53.70 -2.40 4.33
CA ARG A 509 -54.87 -1.94 3.58
C ARG A 509 -54.76 -0.43 3.41
N GLY A 510 -55.58 0.14 2.53
CA GLY A 510 -55.46 1.56 2.19
C GLY A 510 -55.85 2.54 3.26
N ASP A 511 -57.02 2.35 3.84
CA ASP A 511 -57.59 3.24 4.85
C ASP A 511 -56.91 3.11 6.23
N ILE A 512 -56.23 1.98 6.46
CA ILE A 512 -55.37 1.79 7.63
C ILE A 512 -54.18 2.79 7.56
N LEU A 513 -53.36 2.66 6.53
CA LEU A 513 -52.22 3.53 6.29
C LEU A 513 -52.56 5.02 6.36
N ALA A 514 -53.66 5.41 5.72
CA ALA A 514 -54.05 6.82 5.69
C ALA A 514 -54.40 7.33 7.09
N GLU A 515 -55.03 6.44 7.89
CA GLU A 515 -55.34 6.69 9.29
C GLU A 515 -54.06 6.60 10.14
N GLY A 516 -53.13 5.75 9.69
CA GLY A 516 -51.80 5.68 10.26
C GLY A 516 -51.16 7.03 10.09
N VAL A 517 -50.78 7.33 8.86
CA VAL A 517 -50.11 8.60 8.53
C VAL A 517 -50.73 9.76 9.28
N LYS A 518 -52.02 9.65 9.58
CA LYS A 518 -52.76 10.65 10.36
C LYS A 518 -52.15 10.83 11.76
N LYS A 519 -52.20 9.74 12.53
CA LYS A 519 -51.73 9.69 13.92
C LYS A 519 -50.26 10.06 13.96
N MET A 520 -49.50 9.31 13.18
CA MET A 520 -48.07 9.48 13.07
C MET A 520 -47.66 10.94 12.97
N MET A 521 -48.40 11.72 12.19
CA MET A 521 -48.06 13.11 11.91
C MET A 521 -48.40 14.02 13.07
N ASP A 522 -49.32 13.55 13.92
CA ASP A 522 -49.53 14.18 15.22
C ASP A 522 -48.33 13.94 16.14
N LEU A 523 -47.75 12.75 16.03
CA LEU A 523 -46.62 12.38 16.87
C LEU A 523 -45.35 13.14 16.53
N SER A 524 -45.02 13.25 15.24
CA SER A 524 -43.87 14.06 14.82
C SER A 524 -44.16 15.52 15.09
N LYS A 525 -45.24 15.75 15.82
CA LYS A 525 -45.64 17.07 16.27
C LYS A 525 -45.60 17.13 17.81
N GLU A 526 -45.76 15.97 18.46
CA GLU A 526 -45.69 15.81 19.93
C GLU A 526 -44.30 16.08 20.53
N LEU A 527 -43.30 16.16 19.66
CA LEU A 527 -41.90 16.33 20.03
C LEU A 527 -41.55 17.68 20.65
N LYS A 528 -42.52 18.59 20.68
CA LYS A 528 -42.33 19.87 21.36
C LYS A 528 -43.05 19.92 22.72
N ARG A 529 -43.67 18.80 23.09
CA ARG A 529 -44.20 18.61 24.44
C ARG A 529 -43.37 17.55 25.23
N LEU A 530 -42.05 17.57 24.98
CA LEU A 530 -41.16 16.50 25.43
C LEU A 530 -40.58 16.70 26.83
N LYS A 531 -40.78 15.70 27.70
CA LYS A 531 -40.28 15.70 29.09
C LYS A 531 -38.98 14.92 29.29
N THR A 532 -37.96 15.57 29.86
CA THR A 532 -36.72 14.90 30.21
C THR A 532 -36.35 15.15 31.67
N THR A 533 -35.47 14.30 32.19
CA THR A 533 -35.20 14.26 33.63
C THR A 533 -33.72 14.40 33.96
N ASP A 534 -32.87 13.57 33.36
CA ASP A 534 -31.43 13.68 33.62
C ASP A 534 -30.87 14.87 32.89
N ARG A 535 -30.39 15.84 33.64
CA ARG A 535 -29.84 17.03 33.05
C ARG A 535 -28.35 16.93 32.78
N SER A 536 -27.72 15.83 33.18
CA SER A 536 -26.26 15.70 33.14
C SER A 536 -25.69 15.45 31.76
N LEU A 537 -24.45 15.89 31.57
CA LEU A 537 -23.73 15.71 30.31
C LEU A 537 -23.22 14.30 30.21
N ILE A 538 -22.61 13.82 31.30
CA ILE A 538 -21.90 12.55 31.32
C ILE A 538 -22.87 11.38 31.34
N TRP A 539 -22.61 10.44 30.44
CA TRP A 539 -23.43 9.25 30.29
C TRP A 539 -24.89 9.52 30.64
N ASN A 540 -25.48 10.41 29.88
CA ASN A 540 -26.88 10.71 30.05
C ASN A 540 -27.72 9.84 29.12
N SER A 541 -28.23 8.74 29.68
CA SER A 541 -28.96 7.74 28.90
C SER A 541 -30.36 8.20 28.50
N ASP A 542 -31.04 8.91 29.39
CA ASP A 542 -32.36 9.53 29.11
C ASP A 542 -32.27 10.41 27.86
N LEU A 543 -31.07 10.92 27.58
CA LEU A 543 -30.83 11.90 26.51
C LEU A 543 -30.43 11.28 25.19
N THR A 544 -29.63 10.25 25.23
CA THR A 544 -29.48 9.44 24.04
C THR A 544 -30.77 8.63 23.79
N GLU A 545 -31.63 8.48 24.79
CA GLU A 545 -33.02 8.06 24.52
C GLU A 545 -33.68 9.05 23.58
N SER A 546 -33.60 10.32 23.92
CA SER A 546 -34.35 11.34 23.23
C SER A 546 -33.83 11.63 21.84
N LEU A 547 -32.53 11.80 21.70
CA LEU A 547 -32.00 11.97 20.37
C LEU A 547 -32.44 10.79 19.50
N GLU A 548 -32.34 9.58 20.04
CA GLU A 548 -32.70 8.37 19.28
C GLU A 548 -34.20 8.23 19.00
N LEU A 549 -35.01 9.07 19.62
CA LEU A 549 -36.40 9.18 19.21
C LEU A 549 -36.49 10.09 17.98
N GLN A 550 -36.28 11.38 18.19
CA GLN A 550 -36.13 12.34 17.11
C GLN A 550 -35.72 11.67 15.80
N ASN A 551 -34.77 10.75 15.91
CA ASN A 551 -34.18 10.18 14.74
C ASN A 551 -34.97 9.00 14.18
N LEU A 552 -35.94 8.56 14.96
CA LEU A 552 -36.82 7.51 14.54
C LEU A 552 -38.17 8.07 14.13
N MET A 553 -38.42 9.33 14.43
CA MET A 553 -39.65 9.92 13.92
C MET A 553 -39.46 10.02 12.43
N LEU A 554 -38.39 10.72 12.07
CA LEU A 554 -38.00 10.96 10.70
C LEU A 554 -37.95 9.65 9.91
N ASN A 555 -37.51 8.58 10.54
CA ASN A 555 -37.64 7.27 9.90
C ASN A 555 -39.08 6.81 9.74
N ALA A 556 -39.78 6.61 10.85
CA ALA A 556 -41.12 6.04 10.81
C ALA A 556 -42.04 6.83 9.91
N THR A 557 -42.09 8.15 10.08
CA THR A 557 -42.99 8.97 9.24
C THR A 557 -42.73 8.74 7.75
N GLN A 558 -41.47 8.84 7.33
CA GLN A 558 -41.16 8.57 5.95
C GLN A 558 -41.48 7.13 5.59
N THR A 559 -41.13 6.18 6.45
CA THR A 559 -41.50 4.81 6.22
C THR A 559 -42.99 4.69 5.88
N ILE A 560 -43.86 5.23 6.72
CA ILE A 560 -45.30 5.00 6.63
C ILE A 560 -45.96 5.63 5.41
N VAL A 561 -45.70 6.91 5.14
CA VAL A 561 -46.21 7.58 3.94
C VAL A 561 -45.83 6.90 2.62
N ALA A 562 -44.55 6.54 2.49
CA ALA A 562 -44.04 5.85 1.32
C ALA A 562 -44.78 4.56 1.17
N ALA A 563 -45.02 3.89 2.28
CA ALA A 563 -45.79 2.69 2.26
C ALA A 563 -47.17 3.01 1.69
N GLU A 564 -47.80 4.06 2.21
CA GLU A 564 -49.18 4.39 1.83
C GLU A 564 -49.29 4.72 0.36
N ASN A 565 -48.32 5.46 -0.15
CA ASN A 565 -48.35 5.91 -1.53
C ASN A 565 -48.17 4.78 -2.56
N ARG A 566 -47.45 3.76 -2.18
CA ARG A 566 -47.28 2.63 -3.04
C ARG A 566 -48.58 1.89 -3.20
N LYS A 567 -49.05 1.79 -4.44
CA LYS A 567 -50.23 1.01 -4.76
C LYS A 567 -49.86 -0.21 -5.59
N GLU A 568 -49.06 -1.08 -5.02
CA GLU A 568 -48.69 -2.32 -5.67
C GLU A 568 -48.35 -3.34 -4.59
N SER A 569 -47.96 -4.54 -5.02
CA SER A 569 -47.64 -5.61 -4.08
C SER A 569 -46.42 -6.40 -4.52
N ARG A 570 -45.28 -5.93 -4.03
CA ARG A 570 -43.98 -6.45 -4.39
C ARG A 570 -43.16 -6.60 -3.12
N GLY A 571 -42.46 -7.73 -3.01
CA GLY A 571 -41.62 -8.05 -1.84
C GLY A 571 -42.23 -7.82 -0.46
N ALA A 572 -41.41 -7.30 0.46
CA ALA A 572 -41.84 -6.96 1.81
C ALA A 572 -43.19 -6.27 1.86
N HIS A 573 -43.51 -5.64 0.74
CA HIS A 573 -44.70 -4.84 0.64
C HIS A 573 -45.88 -5.64 0.12
N ALA A 574 -46.96 -5.60 0.90
CA ALA A 574 -48.20 -6.20 0.45
C ALA A 574 -49.41 -5.32 0.82
N ARG A 575 -50.33 -5.18 -0.15
CA ARG A 575 -51.58 -4.42 0.01
C ARG A 575 -52.78 -5.36 -0.10
N ASP A 576 -53.77 -5.17 0.78
CA ASP A 576 -55.05 -5.91 0.74
C ASP A 576 -55.89 -5.56 -0.50
N ASP A 577 -55.59 -4.40 -1.08
CA ASP A 577 -56.45 -3.80 -2.07
C ASP A 577 -55.72 -3.62 -3.42
N PHE A 578 -54.50 -4.14 -3.54
CA PHE A 578 -53.71 -4.01 -4.77
C PHE A 578 -52.85 -5.24 -4.94
N PRO A 579 -53.48 -6.40 -5.02
CA PRO A 579 -52.70 -7.63 -4.94
C PRO A 579 -51.68 -7.83 -6.06
N LYS A 580 -51.73 -7.01 -7.10
CA LYS A 580 -50.85 -7.25 -8.23
C LYS A 580 -49.60 -6.37 -8.30
N ARG A 581 -48.57 -6.95 -8.86
CA ARG A 581 -47.27 -6.31 -9.01
C ARG A 581 -47.26 -5.52 -10.32
N GLU A 582 -47.28 -4.19 -10.23
CA GLU A 582 -47.36 -3.33 -11.42
C GLU A 582 -46.01 -3.00 -12.05
N ASP A 583 -45.75 -3.59 -13.23
CA ASP A 583 -44.55 -3.31 -14.00
C ASP A 583 -44.90 -2.48 -15.24
N GLU A 584 -43.91 -2.21 -16.09
CA GLU A 584 -44.13 -1.50 -17.38
C GLU A 584 -45.01 -2.37 -18.26
N TYR A 585 -44.61 -3.62 -18.42
CA TYR A 585 -45.41 -4.58 -19.15
C TYR A 585 -46.34 -5.33 -18.19
N ASP A 586 -46.85 -6.47 -18.64
CA ASP A 586 -47.54 -7.40 -17.77
C ASP A 586 -46.96 -8.77 -18.06
N TYR A 587 -45.82 -9.02 -17.43
CA TYR A 587 -44.99 -10.18 -17.71
C TYR A 587 -45.61 -11.54 -17.41
N SER A 588 -46.88 -11.53 -17.01
CA SER A 588 -47.67 -12.75 -16.98
C SER A 588 -47.84 -13.30 -18.41
N LYS A 589 -48.37 -12.48 -19.33
CA LYS A 589 -48.51 -12.87 -20.74
C LYS A 589 -47.27 -12.52 -21.59
N PRO A 590 -46.87 -13.40 -22.54
CA PRO A 590 -45.72 -13.11 -23.43
C PRO A 590 -45.66 -11.66 -23.91
N ILE A 591 -44.45 -11.17 -24.09
CA ILE A 591 -44.17 -9.73 -24.28
C ILE A 591 -44.58 -9.22 -25.66
N GLU A 592 -44.17 -9.96 -26.70
CA GLU A 592 -44.51 -9.69 -28.10
C GLU A 592 -45.79 -8.85 -28.29
N GLY A 593 -45.61 -7.59 -28.66
CA GLY A 593 -46.71 -6.77 -29.14
C GLY A 593 -47.53 -6.04 -28.09
N GLN A 594 -47.22 -6.26 -26.81
CA GLN A 594 -47.83 -5.44 -25.75
C GLN A 594 -47.36 -3.99 -25.85
N THR A 595 -48.14 -3.08 -25.26
CA THR A 595 -47.70 -1.68 -25.21
C THR A 595 -47.04 -1.38 -23.86
N LYS A 596 -45.82 -0.84 -23.93
CA LYS A 596 -45.11 -0.31 -22.78
C LYS A 596 -45.99 0.69 -22.02
N ARG A 597 -46.22 0.45 -20.73
CA ARG A 597 -46.96 1.42 -19.92
C ARG A 597 -46.04 2.58 -19.56
N PRO A 598 -46.59 3.80 -19.49
CA PRO A 598 -45.77 5.01 -19.27
C PRO A 598 -45.14 5.00 -17.89
N PHE A 599 -44.05 5.74 -17.69
CA PHE A 599 -43.30 5.72 -16.41
C PHE A 599 -44.14 6.07 -15.18
N GLU A 600 -45.20 6.86 -15.37
CA GLU A 600 -46.04 7.29 -14.25
C GLU A 600 -47.21 6.35 -13.96
N LYS A 601 -47.52 5.44 -14.88
CA LYS A 601 -48.66 4.54 -14.70
C LYS A 601 -48.30 3.29 -13.88
N HIS A 602 -47.05 2.84 -13.97
CA HIS A 602 -46.56 1.65 -13.23
C HIS A 602 -45.77 1.96 -11.96
N TRP A 603 -45.26 0.92 -11.29
CA TRP A 603 -44.63 1.10 -9.98
C TRP A 603 -43.27 0.45 -9.78
N ARG A 604 -42.62 0.04 -10.87
CA ARG A 604 -41.24 -0.41 -10.81
C ARG A 604 -40.29 0.77 -10.66
N LYS A 605 -40.36 1.42 -9.51
CA LYS A 605 -39.58 2.62 -9.23
C LYS A 605 -39.16 2.74 -7.76
N HIS A 606 -38.03 3.37 -7.51
CA HIS A 606 -37.57 3.60 -6.14
C HIS A 606 -38.27 4.81 -5.56
N THR A 607 -38.82 4.67 -4.38
CA THR A 607 -39.52 5.75 -3.71
C THR A 607 -38.52 6.65 -3.03
N LEU A 608 -38.58 7.95 -3.26
CA LEU A 608 -37.58 8.84 -2.68
C LEU A 608 -38.18 9.94 -1.82
N THR A 609 -38.19 9.71 -0.52
CA THR A 609 -38.79 10.67 0.41
C THR A 609 -37.82 11.76 0.83
N LYS A 610 -38.33 12.98 0.80
CA LYS A 610 -37.69 14.08 1.46
C LYS A 610 -38.60 14.45 2.61
N GLN A 611 -38.00 15.06 3.62
CA GLN A 611 -38.74 15.61 4.72
C GLN A 611 -37.95 16.80 5.16
N ASP A 612 -38.60 17.91 5.41
CA ASP A 612 -37.88 18.99 6.06
C ASP A 612 -38.06 18.72 7.53
N PRO A 613 -36.96 18.75 8.31
CA PRO A 613 -36.98 18.39 9.73
C PRO A 613 -37.71 19.41 10.61
N ARG A 614 -37.53 20.69 10.32
CA ARG A 614 -38.29 21.74 11.00
C ARG A 614 -39.78 21.40 10.98
N THR A 615 -40.35 21.27 9.78
CA THR A 615 -41.78 20.97 9.62
C THR A 615 -42.09 19.48 9.84
N GLY A 616 -41.22 18.62 9.33
CA GLY A 616 -41.48 17.19 9.31
C GLY A 616 -42.46 16.82 8.20
N HIS A 617 -42.23 17.36 7.01
CA HIS A 617 -43.22 17.28 5.93
C HIS A 617 -42.66 16.53 4.72
N ILE A 618 -43.32 15.45 4.35
CA ILE A 618 -42.77 14.53 3.37
C ILE A 618 -43.35 14.70 1.97
N THR A 619 -42.45 14.76 0.98
CA THR A 619 -42.80 14.94 -0.44
C THR A 619 -41.95 13.99 -1.31
N LEU A 620 -42.57 13.38 -2.32
CA LEU A 620 -42.00 12.17 -2.89
C LEU A 620 -41.72 12.16 -4.38
N ASP A 621 -40.44 12.20 -4.74
CA ASP A 621 -39.98 11.98 -6.09
C ASP A 621 -40.03 10.47 -6.39
N TYR A 622 -39.49 10.03 -7.53
CA TYR A 622 -39.42 8.60 -7.91
C TYR A 622 -38.31 8.30 -8.94
N ARG A 623 -37.29 7.57 -8.50
CA ARG A 623 -36.12 7.29 -9.34
C ARG A 623 -36.38 6.01 -10.12
N PRO A 624 -35.86 5.92 -11.35
CA PRO A 624 -35.94 4.68 -12.16
C PRO A 624 -34.97 3.57 -11.73
N VAL A 625 -35.46 2.34 -11.71
CA VAL A 625 -34.63 1.17 -11.40
C VAL A 625 -33.52 1.00 -12.42
N ILE A 626 -32.31 0.68 -11.99
CA ILE A 626 -31.22 0.47 -12.95
C ILE A 626 -31.19 -1.00 -13.37
N ASP A 627 -31.31 -1.24 -14.67
CA ASP A 627 -31.51 -2.57 -15.21
C ASP A 627 -30.31 -3.16 -15.92
N LYS A 628 -29.21 -2.41 -15.99
CA LYS A 628 -28.05 -2.86 -16.77
C LYS A 628 -26.92 -3.45 -15.93
N THR A 629 -26.23 -4.47 -16.45
CA THR A 629 -25.04 -5.05 -15.79
C THR A 629 -23.85 -4.07 -15.78
N LEU A 630 -22.68 -4.58 -15.38
CA LEU A 630 -21.44 -3.79 -15.43
C LEU A 630 -20.58 -4.22 -16.63
N ASP A 631 -20.72 -5.48 -16.99
CA ASP A 631 -20.02 -6.04 -18.14
C ASP A 631 -20.97 -6.95 -18.91
N PRO A 632 -21.69 -6.38 -19.90
CA PRO A 632 -22.63 -7.14 -20.74
C PRO A 632 -21.94 -8.36 -21.34
N ALA A 633 -20.67 -8.19 -21.67
CA ALA A 633 -19.85 -9.26 -22.22
C ALA A 633 -19.57 -10.38 -21.21
N GLU A 634 -19.44 -10.05 -19.93
CA GLU A 634 -19.23 -11.09 -18.90
C GLU A 634 -20.56 -11.75 -18.46
N VAL A 635 -21.58 -10.94 -18.20
CA VAL A 635 -22.90 -11.48 -17.86
C VAL A 635 -24.11 -10.69 -18.38
N ASP A 636 -25.17 -11.43 -18.73
CA ASP A 636 -26.42 -10.93 -19.33
C ASP A 636 -27.48 -10.62 -18.29
N TRP A 637 -28.09 -9.43 -18.38
CA TRP A 637 -29.09 -8.99 -17.40
C TRP A 637 -30.29 -9.93 -17.35
N ILE A 638 -31.13 -9.75 -16.33
CA ILE A 638 -32.28 -10.64 -16.18
C ILE A 638 -33.59 -9.89 -16.20
N PRO A 639 -34.41 -10.13 -17.25
CA PRO A 639 -35.64 -9.39 -17.44
C PRO A 639 -36.69 -9.90 -16.49
N PRO A 640 -37.51 -8.99 -15.96
CA PRO A 640 -38.57 -9.26 -15.02
C PRO A 640 -39.38 -10.49 -15.40
N ILE A 641 -39.78 -11.29 -14.42
CA ILE A 641 -40.64 -12.45 -14.67
C ILE A 641 -41.68 -12.59 -13.53
N ILE A 642 -42.46 -13.66 -13.58
CA ILE A 642 -43.40 -13.98 -12.51
C ILE A 642 -42.70 -14.62 -11.33
N ARG A 643 -43.04 -14.16 -10.13
CA ARG A 643 -42.32 -14.59 -8.92
C ARG A 643 -42.87 -15.87 -8.25
N SER A 644 -42.29 -17.01 -8.64
CA SER A 644 -42.78 -18.32 -8.23
C SER A 644 -41.77 -19.03 -7.35
N TYR A 645 -42.25 -19.54 -6.22
CA TYR A 645 -41.44 -20.36 -5.33
C TYR A 645 -42.16 -21.69 -4.96
N LYS B 33 -51.24 -8.90 44.70
CA LYS B 33 -50.28 -8.69 43.58
C LYS B 33 -48.84 -8.71 44.09
N ARG B 34 -47.93 -9.35 43.33
CA ARG B 34 -46.52 -9.60 43.77
C ARG B 34 -45.43 -8.57 43.36
N ILE B 35 -44.88 -7.92 44.37
CA ILE B 35 -43.92 -6.82 44.19
C ILE B 35 -42.47 -7.24 44.53
N LYS B 36 -41.60 -7.17 43.53
CA LYS B 36 -40.18 -7.39 43.73
C LYS B 36 -39.46 -6.09 44.03
N THR B 37 -38.44 -6.20 44.85
CA THR B 37 -37.65 -5.07 45.24
C THR B 37 -36.17 -5.32 44.90
N PHE B 38 -35.50 -4.27 44.44
CA PHE B 38 -34.14 -4.32 43.93
C PHE B 38 -33.26 -3.29 44.59
N GLU B 39 -32.03 -3.71 44.91
CA GLU B 39 -31.02 -2.79 45.44
C GLU B 39 -29.99 -2.57 44.36
N ILE B 40 -29.82 -1.30 43.98
CA ILE B 40 -28.96 -0.98 42.85
C ILE B 40 -27.98 0.09 43.18
N TYR B 41 -26.73 -0.22 42.90
CA TYR B 41 -25.61 0.69 43.07
C TYR B 41 -25.81 2.02 42.30
N ARG B 42 -25.44 3.15 42.89
CA ARG B 42 -25.61 4.46 42.24
C ARG B 42 -24.48 5.46 42.49
N PHE B 43 -23.98 6.07 41.43
CA PHE B 43 -22.93 7.06 41.56
C PHE B 43 -23.11 8.19 40.56
N ASN B 44 -23.30 9.40 41.07
CA ASN B 44 -23.46 10.51 40.19
C ASN B 44 -22.18 11.32 40.11
N PRO B 45 -21.42 11.13 39.02
CA PRO B 45 -20.05 11.63 38.96
C PRO B 45 -19.96 13.12 38.79
N GLU B 46 -21.00 13.75 38.26
CA GLU B 46 -20.93 15.18 37.94
C GLU B 46 -21.22 16.03 39.17
N GLU B 47 -21.91 15.42 40.12
CA GLU B 47 -22.32 16.05 41.37
C GLU B 47 -21.11 16.32 42.34
N PRO B 48 -21.10 17.50 43.01
CA PRO B 48 -19.94 17.90 43.86
C PRO B 48 -19.82 17.09 45.17
N GLY B 49 -18.57 16.75 45.53
CA GLY B 49 -18.30 15.80 46.61
C GLY B 49 -19.18 14.57 46.43
N ALA B 50 -18.76 13.67 45.55
CA ALA B 50 -19.64 12.62 45.07
C ALA B 50 -19.50 11.32 45.87
N LYS B 51 -20.62 10.71 46.22
CA LYS B 51 -20.56 9.41 46.90
C LYS B 51 -21.44 8.31 46.31
N PRO B 52 -20.90 7.09 46.22
CA PRO B 52 -21.70 5.97 45.75
C PRO B 52 -22.68 5.51 46.77
N LYS B 53 -23.76 4.88 46.34
CA LYS B 53 -24.81 4.40 47.23
C LYS B 53 -25.70 3.32 46.65
N LEU B 54 -26.51 2.68 47.50
CA LEU B 54 -27.49 1.72 47.07
C LEU B 54 -28.86 2.38 47.10
N GLN B 55 -29.60 2.27 45.99
CA GLN B 55 -30.96 2.78 45.90
C GLN B 55 -31.96 1.63 45.73
N LYS B 56 -33.18 1.86 46.21
CA LYS B 56 -34.18 0.79 46.31
C LYS B 56 -35.38 0.98 45.38
N PHE B 57 -35.76 -0.08 44.65
CA PHE B 57 -36.83 0.02 43.67
C PHE B 57 -37.84 -1.11 43.75
N ASP B 58 -39.11 -0.74 43.74
CA ASP B 58 -40.20 -1.71 43.81
C ASP B 58 -40.74 -1.96 42.42
N VAL B 59 -40.92 -3.22 42.08
CA VAL B 59 -41.31 -3.51 40.73
C VAL B 59 -42.38 -4.56 40.60
N ASP B 60 -43.38 -4.24 39.78
CA ASP B 60 -44.56 -5.09 39.62
C ASP B 60 -44.28 -6.25 38.68
N LEU B 61 -43.99 -7.40 39.28
CA LEU B 61 -43.59 -8.60 38.55
C LEU B 61 -44.65 -9.14 37.59
N ASP B 62 -45.91 -8.72 37.82
CA ASP B 62 -47.04 -9.08 36.96
C ASP B 62 -46.94 -8.30 35.62
N LYS B 63 -46.54 -7.03 35.72
CA LYS B 63 -46.35 -6.15 34.57
C LYS B 63 -44.89 -6.10 34.11
N CYS B 64 -44.25 -7.26 34.03
CA CYS B 64 -42.83 -7.26 33.72
C CYS B 64 -42.29 -8.56 33.10
N GLY B 65 -41.28 -8.40 32.24
CA GLY B 65 -40.56 -9.50 31.60
C GLY B 65 -39.90 -10.44 32.58
N THR B 66 -39.49 -11.60 32.08
CA THR B 66 -38.97 -12.65 32.96
C THR B 66 -37.53 -12.39 33.44
N MET B 67 -36.82 -11.48 32.75
CA MET B 67 -35.39 -11.24 32.99
C MET B 67 -35.04 -10.01 33.76
N VAL B 68 -33.88 -10.04 34.38
CA VAL B 68 -33.48 -8.94 35.22
C VAL B 68 -33.47 -7.65 34.44
N LEU B 69 -32.95 -7.74 33.21
CA LEU B 69 -32.73 -6.58 32.35
C LEU B 69 -34.06 -5.88 32.17
N ASP B 70 -35.06 -6.71 31.86
CA ASP B 70 -36.43 -6.26 31.72
C ASP B 70 -36.81 -5.30 32.86
N ALA B 71 -36.58 -5.76 34.08
CA ALA B 71 -36.88 -4.99 35.29
C ALA B 71 -36.12 -3.67 35.34
N LEU B 72 -34.87 -3.69 34.91
CA LEU B 72 -34.10 -2.46 34.84
C LEU B 72 -34.77 -1.49 33.90
N ILE B 73 -35.06 -1.97 32.70
CA ILE B 73 -35.69 -1.14 31.68
C ILE B 73 -37.01 -0.55 32.16
N LYS B 74 -37.79 -1.34 32.90
CA LYS B 74 -39.01 -0.82 33.46
C LYS B 74 -38.76 0.47 34.23
N ILE B 75 -37.79 0.50 35.13
CA ILE B 75 -37.69 1.65 36.04
C ILE B 75 -36.94 2.84 35.52
N LYS B 76 -36.46 2.76 34.29
CA LYS B 76 -35.93 3.94 33.65
C LYS B 76 -37.12 4.63 32.94
N ASN B 77 -38.06 3.79 32.53
CA ASN B 77 -39.22 4.18 31.77
C ASN B 77 -40.36 4.66 32.64
N GLU B 78 -40.39 4.20 33.89
CA GLU B 78 -41.59 4.31 34.70
C GLU B 78 -41.39 4.88 36.09
N VAL B 79 -40.15 4.94 36.57
CA VAL B 79 -39.82 5.54 37.87
C VAL B 79 -38.67 6.57 37.76
N ASP B 80 -37.61 6.19 37.06
CA ASP B 80 -36.37 6.96 37.07
C ASP B 80 -35.57 6.89 35.75
N PRO B 81 -35.58 7.99 34.98
CA PRO B 81 -34.80 7.93 33.76
C PRO B 81 -33.27 8.16 33.90
N THR B 82 -32.78 8.44 35.12
CA THR B 82 -31.34 8.77 35.29
C THR B 82 -30.52 7.51 35.44
N LEU B 83 -31.24 6.43 35.75
CA LEU B 83 -30.66 5.12 35.98
C LEU B 83 -30.02 4.62 34.70
N THR B 84 -28.71 4.39 34.75
CA THR B 84 -27.91 4.24 33.54
C THR B 84 -27.12 2.95 33.53
N PHE B 85 -27.25 2.17 32.46
CA PHE B 85 -26.45 0.97 32.27
C PHE B 85 -26.28 0.69 30.77
N ARG B 86 -25.49 -0.33 30.41
CA ARG B 86 -25.16 -0.64 28.99
C ARG B 86 -26.00 -1.80 28.46
N ARG B 87 -26.61 -1.65 27.29
CA ARG B 87 -27.43 -2.74 26.72
C ARG B 87 -27.53 -2.67 25.20
N SER B 88 -27.55 -3.83 24.56
CA SER B 88 -27.85 -3.81 23.17
C SER B 88 -28.66 -4.99 22.75
N CYS B 89 -28.14 -6.20 22.94
CA CYS B 89 -28.72 -7.29 22.20
C CYS B 89 -30.02 -7.78 22.75
N ARG B 90 -30.19 -7.81 24.06
CA ARG B 90 -31.40 -8.43 24.62
C ARG B 90 -31.49 -9.99 24.40
N GLU B 91 -30.70 -10.52 23.47
CA GLU B 91 -30.67 -11.95 23.16
C GLU B 91 -29.45 -12.68 23.77
N GLY B 92 -28.73 -11.99 24.69
CA GLY B 92 -27.57 -12.56 25.43
C GLY B 92 -26.26 -12.84 24.69
N ILE B 93 -25.77 -11.89 23.91
CA ILE B 93 -24.76 -12.21 22.90
C ILE B 93 -23.92 -10.99 22.55
N CYS B 94 -24.41 -9.80 22.86
CA CYS B 94 -23.62 -8.64 22.59
C CYS B 94 -22.52 -8.54 23.61
N GLY B 95 -22.80 -8.95 24.83
CA GLY B 95 -21.86 -8.75 25.92
C GLY B 95 -21.96 -7.44 26.69
N SER B 96 -22.76 -6.50 26.23
CA SER B 96 -22.85 -5.24 26.92
C SER B 96 -23.41 -5.27 28.33
N CYS B 97 -24.35 -6.14 28.64
CA CYS B 97 -25.11 -5.87 29.87
C CYS B 97 -24.56 -6.63 31.02
N ALA B 98 -23.25 -6.55 31.17
CA ALA B 98 -22.56 -7.37 32.13
C ALA B 98 -22.60 -6.72 33.48
N MET B 99 -22.85 -7.52 34.50
CA MET B 99 -22.87 -7.00 35.88
C MET B 99 -22.99 -8.06 37.00
N ASN B 100 -23.02 -7.58 38.23
CA ASN B 100 -23.12 -8.47 39.38
C ASN B 100 -24.50 -8.43 40.01
N ILE B 101 -25.15 -9.58 40.01
CA ILE B 101 -26.54 -9.67 40.41
C ILE B 101 -26.71 -10.75 41.48
N ALA B 102 -27.26 -10.36 42.61
CA ALA B 102 -27.29 -11.24 43.76
C ALA B 102 -25.91 -11.92 43.87
N GLY B 103 -24.86 -11.10 43.93
CA GLY B 103 -23.50 -11.62 44.19
C GLY B 103 -22.73 -12.31 43.08
N GLU B 104 -23.37 -12.65 41.97
CA GLU B 104 -22.65 -13.30 40.88
C GLU B 104 -22.53 -12.39 39.66
N ASN B 105 -21.41 -12.51 38.94
CA ASN B 105 -21.26 -11.80 37.68
C ASN B 105 -21.93 -12.54 36.56
N THR B 106 -22.81 -11.84 35.84
CA THR B 106 -23.57 -12.47 34.77
C THR B 106 -24.25 -11.45 33.85
N LEU B 107 -24.97 -11.93 32.84
CA LEU B 107 -25.61 -11.05 31.90
C LEU B 107 -27.04 -10.74 32.29
N ALA B 108 -27.35 -9.45 32.48
CA ALA B 108 -28.67 -9.04 32.92
C ALA B 108 -29.77 -9.55 31.98
N CYS B 109 -29.50 -9.49 30.68
CA CYS B 109 -30.42 -9.96 29.68
C CYS B 109 -30.70 -11.47 29.71
N ILE B 110 -29.88 -12.26 30.39
CA ILE B 110 -30.21 -13.67 30.49
C ILE B 110 -30.23 -14.17 31.94
N CYS B 111 -30.59 -13.25 32.83
CA CYS B 111 -30.68 -13.55 34.23
C CYS B 111 -32.13 -13.58 34.68
N ASN B 112 -32.65 -14.78 34.95
CA ASN B 112 -34.02 -14.93 35.45
C ASN B 112 -34.19 -14.19 36.76
N ILE B 113 -35.12 -13.24 36.84
CA ILE B 113 -35.47 -12.60 38.13
C ILE B 113 -35.88 -13.63 39.18
N ASP B 114 -35.33 -13.51 40.40
CA ASP B 114 -35.68 -14.42 41.50
C ASP B 114 -37.16 -14.23 41.84
N GLN B 115 -37.94 -15.27 41.57
CA GLN B 115 -39.39 -15.16 41.74
C GLN B 115 -39.77 -14.83 43.19
N ASN B 116 -39.38 -15.68 44.15
CA ASN B 116 -39.55 -15.39 45.58
C ASN B 116 -39.26 -13.93 45.94
N THR B 117 -40.32 -13.21 46.33
CA THR B 117 -40.21 -11.77 46.63
C THR B 117 -39.96 -11.43 48.10
N SER B 118 -39.88 -12.46 48.94
CA SER B 118 -39.45 -12.24 50.31
C SER B 118 -38.01 -11.73 50.34
N LYS B 119 -37.16 -12.26 49.44
CA LYS B 119 -35.74 -11.85 49.29
C LYS B 119 -35.55 -10.72 48.29
N THR B 120 -34.68 -9.76 48.63
CA THR B 120 -34.39 -8.59 47.81
C THR B 120 -33.12 -8.83 46.96
N THR B 121 -33.24 -8.83 45.62
CA THR B 121 -32.09 -9.01 44.72
C THR B 121 -31.19 -7.77 44.71
N LYS B 122 -29.88 -7.94 44.61
CA LYS B 122 -29.01 -6.74 44.58
C LYS B 122 -27.98 -6.69 43.43
N ILE B 123 -28.01 -5.57 42.71
CA ILE B 123 -27.30 -5.38 41.46
C ILE B 123 -26.20 -4.36 41.58
N TYR B 124 -25.01 -4.81 41.19
CA TYR B 124 -23.80 -4.03 41.24
C TYR B 124 -23.07 -4.19 39.94
N PRO B 125 -22.24 -3.22 39.60
CA PRO B 125 -21.39 -3.28 38.43
C PRO B 125 -20.25 -4.24 38.62
N LEU B 126 -19.65 -4.67 37.52
CA LEU B 126 -18.53 -5.59 37.54
C LEU B 126 -17.48 -5.18 38.58
N PRO B 127 -17.20 -6.08 39.52
CA PRO B 127 -16.40 -5.78 40.68
C PRO B 127 -15.04 -5.18 40.34
N HIS B 128 -14.64 -4.18 41.12
CA HIS B 128 -13.30 -3.59 41.03
C HIS B 128 -13.05 -3.04 39.64
N MET B 129 -14.11 -2.63 38.95
CA MET B 129 -13.91 -1.82 37.75
C MET B 129 -13.98 -0.42 38.28
N PHE B 130 -13.34 0.50 37.57
CA PHE B 130 -13.44 1.90 37.90
C PHE B 130 -14.76 2.35 37.33
N VAL B 131 -15.62 2.97 38.14
CA VAL B 131 -16.93 3.31 37.60
C VAL B 131 -17.05 4.73 37.05
N ILE B 132 -17.73 4.82 35.92
CA ILE B 132 -17.97 6.09 35.22
C ILE B 132 -19.26 6.72 35.75
N LYS B 133 -20.35 5.95 35.69
CA LYS B 133 -21.64 6.35 36.24
C LYS B 133 -22.48 5.09 36.51
N ASP B 134 -23.20 5.08 37.63
CA ASP B 134 -24.17 4.02 38.00
C ASP B 134 -23.73 2.59 37.75
N LEU B 135 -24.28 1.91 36.76
CA LEU B 135 -23.78 0.57 36.48
C LEU B 135 -22.79 0.50 35.32
N VAL B 136 -22.07 1.59 35.06
CA VAL B 136 -21.27 1.70 33.84
C VAL B 136 -19.77 1.77 34.09
N PRO B 137 -19.09 0.61 34.05
CA PRO B 137 -17.65 0.53 34.27
C PRO B 137 -16.77 0.96 33.09
N ASP B 138 -15.67 1.60 33.41
CA ASP B 138 -14.56 1.84 32.50
C ASP B 138 -13.97 0.55 31.88
N MET B 139 -14.13 0.35 30.60
CA MET B 139 -13.80 -0.95 30.06
C MET B 139 -12.45 -0.96 29.34
N ASN B 140 -11.88 0.22 29.25
CA ASN B 140 -10.69 0.51 28.46
C ASN B 140 -9.47 -0.36 28.71
N LEU B 141 -9.07 -0.52 29.96
CA LEU B 141 -7.90 -1.35 30.26
C LEU B 141 -8.15 -2.74 29.80
N PHE B 142 -9.34 -3.24 30.09
CA PHE B 142 -9.73 -4.52 29.55
C PHE B 142 -9.52 -4.60 28.03
N TYR B 143 -10.01 -3.59 27.31
CA TYR B 143 -9.94 -3.57 25.85
C TYR B 143 -8.52 -3.62 25.33
N ALA B 144 -7.70 -2.70 25.82
CA ALA B 144 -6.26 -2.67 25.54
C ALA B 144 -5.62 -4.06 25.69
N GLN B 145 -5.62 -4.59 26.89
CA GLN B 145 -5.21 -5.95 27.10
C GLN B 145 -5.71 -6.89 25.99
N TYR B 146 -6.99 -6.83 25.62
CA TYR B 146 -7.43 -7.64 24.49
C TYR B 146 -6.54 -7.40 23.27
N ALA B 147 -6.35 -6.13 22.90
CA ALA B 147 -5.51 -5.75 21.76
C ALA B 147 -4.08 -6.31 21.79
N SER B 148 -3.40 -6.11 22.93
CA SER B 148 -1.98 -6.47 23.12
C SER B 148 -1.63 -7.91 22.79
N ILE B 149 -2.63 -8.79 22.75
CA ILE B 149 -2.33 -10.17 22.45
C ILE B 149 -2.36 -10.47 20.93
N GLN B 150 -2.60 -9.41 20.15
CA GLN B 150 -2.61 -9.48 18.68
C GLN B 150 -3.61 -10.50 18.18
N PRO B 151 -4.89 -10.11 18.13
CA PRO B 151 -6.01 -11.02 17.89
C PRO B 151 -6.34 -11.18 16.42
N TRP B 152 -5.34 -11.59 15.65
CA TRP B 152 -5.49 -11.73 14.22
C TRP B 152 -4.53 -12.76 13.77
N LEU B 153 -4.81 -13.34 12.60
CA LEU B 153 -3.95 -14.35 12.00
C LEU B 153 -2.69 -13.73 11.47
N GLN B 154 -1.59 -14.44 11.60
CA GLN B 154 -0.31 -14.03 11.04
C GLN B 154 0.50 -15.24 10.57
N LYS B 155 1.07 -15.09 9.38
CA LYS B 155 1.73 -16.20 8.68
C LYS B 155 3.17 -15.82 8.29
N LYS B 156 4.10 -16.77 8.48
CA LYS B 156 5.49 -16.60 8.01
C LYS B 156 5.56 -16.56 6.48
N THR B 157 4.92 -17.52 5.80
CA THR B 157 4.76 -17.50 4.34
C THR B 157 3.61 -16.56 4.00
N LYS B 158 3.93 -15.29 3.70
CA LYS B 158 2.90 -14.28 3.38
C LYS B 158 2.07 -14.71 2.16
N ILE B 159 0.77 -14.45 2.22
CA ILE B 159 -0.19 -15.05 1.31
C ILE B 159 -0.96 -14.02 0.47
N ASN B 160 -1.35 -14.44 -0.74
CA ASN B 160 -2.24 -13.65 -1.59
C ASN B 160 -3.61 -13.64 -0.99
N LEU B 161 -4.12 -12.43 -0.73
CA LEU B 161 -5.24 -12.29 0.18
C LEU B 161 -6.57 -12.86 -0.30
N GLY B 162 -6.96 -12.56 -1.54
CA GLY B 162 -8.25 -13.02 -2.09
C GLY B 162 -8.29 -14.47 -2.57
N GLU B 163 -7.11 -15.08 -2.67
CA GLU B 163 -6.93 -16.41 -3.24
C GLU B 163 -7.37 -17.52 -2.29
N LYS B 164 -7.52 -18.72 -2.84
CA LYS B 164 -7.92 -19.96 -2.14
C LYS B 164 -7.83 -20.02 -0.60
N GLN B 165 -8.64 -20.88 0.00
CA GLN B 165 -8.70 -21.06 1.44
C GLN B 165 -7.40 -21.63 2.01
N GLN B 166 -7.24 -21.53 3.32
CA GLN B 166 -6.21 -22.26 4.03
C GLN B 166 -6.80 -23.56 4.54
N TYR B 167 -6.09 -24.66 4.34
CA TYR B 167 -6.56 -25.93 4.84
C TYR B 167 -6.69 -25.91 6.35
N GLN B 168 -7.82 -26.42 6.85
CA GLN B 168 -7.97 -26.79 8.26
C GLN B 168 -8.99 -27.90 8.36
N SER B 169 -8.61 -29.04 8.92
CA SER B 169 -9.52 -30.19 8.97
C SER B 169 -10.53 -30.02 10.09
N ILE B 170 -11.54 -30.88 10.14
CA ILE B 170 -12.64 -30.72 11.11
C ILE B 170 -12.23 -31.00 12.55
N LYS B 171 -11.29 -31.94 12.71
CA LYS B 171 -10.70 -32.27 13.99
C LYS B 171 -9.97 -31.05 14.56
N GLU B 172 -9.33 -30.29 13.67
CA GLU B 172 -8.52 -29.14 14.05
C GLU B 172 -9.29 -27.87 14.37
N GLN B 173 -10.52 -27.76 13.87
CA GLN B 173 -11.32 -26.57 14.13
C GLN B 173 -12.19 -26.82 15.36
N GLU B 174 -12.51 -28.08 15.61
CA GLU B 174 -13.18 -28.43 16.84
C GLU B 174 -12.32 -28.02 18.04
N LYS B 175 -11.01 -27.99 17.83
CA LYS B 175 -10.10 -27.57 18.88
C LYS B 175 -10.42 -26.16 19.35
N LEU B 176 -10.95 -25.35 18.44
CA LEU B 176 -11.31 -23.96 18.70
C LEU B 176 -12.67 -23.77 19.38
N ASP B 177 -13.32 -24.88 19.71
CA ASP B 177 -14.59 -24.81 20.37
C ASP B 177 -14.43 -24.40 21.80
N GLY B 178 -15.32 -23.53 22.26
CA GLY B 178 -15.27 -23.01 23.63
C GLY B 178 -14.29 -21.87 23.75
N LEU B 179 -13.86 -21.37 22.61
CA LEU B 179 -12.81 -20.40 22.53
C LEU B 179 -13.27 -19.22 21.70
N TYR B 180 -13.82 -19.49 20.52
CA TYR B 180 -14.23 -18.40 19.62
C TYR B 180 -15.57 -17.78 20.06
N GLU B 181 -16.15 -18.36 21.09
CA GLU B 181 -17.47 -17.99 21.50
C GLU B 181 -17.51 -16.86 22.48
N CYS B 182 -16.34 -16.54 23.05
CA CYS B 182 -16.27 -15.53 24.09
C CYS B 182 -16.83 -14.23 23.59
N ILE B 183 -17.80 -13.69 24.30
CA ILE B 183 -18.42 -12.48 23.85
C ILE B 183 -17.76 -11.23 24.42
N LEU B 184 -16.64 -11.43 25.12
CA LEU B 184 -15.89 -10.34 25.77
C LEU B 184 -16.74 -9.54 26.73
N CYS B 185 -17.42 -10.27 27.63
CA CYS B 185 -18.31 -9.67 28.59
C CYS B 185 -17.52 -9.15 29.76
N ALA B 186 -16.37 -9.77 30.03
CA ALA B 186 -15.47 -9.41 31.14
C ALA B 186 -15.97 -9.93 32.48
N CYS B 187 -16.97 -10.80 32.44
CA CYS B 187 -17.53 -11.34 33.66
C CYS B 187 -16.47 -12.08 34.45
N CYS B 188 -15.74 -12.90 33.71
CA CYS B 188 -14.79 -13.79 34.33
C CYS B 188 -13.69 -12.94 34.92
N SER B 189 -13.21 -11.98 34.13
CA SER B 189 -12.13 -11.18 34.61
C SER B 189 -12.49 -10.44 35.85
N ALA B 190 -13.64 -9.78 35.87
CA ALA B 190 -14.06 -9.04 37.07
C ALA B 190 -14.36 -9.95 38.25
N SER B 191 -14.27 -11.26 38.05
CA SER B 191 -14.60 -12.16 39.13
C SER B 191 -13.35 -12.80 39.73
N CYS B 192 -12.17 -12.37 39.28
CA CYS B 192 -10.91 -13.02 39.65
C CYS B 192 -10.09 -12.09 40.55
N PRO B 193 -9.90 -12.45 41.84
CA PRO B 193 -9.26 -11.50 42.75
C PRO B 193 -7.85 -11.14 42.28
N SER B 194 -7.11 -12.13 41.77
CA SER B 194 -5.83 -11.87 41.11
C SER B 194 -5.99 -10.64 40.27
N TYR B 195 -6.83 -10.74 39.24
CA TYR B 195 -7.13 -9.62 38.40
C TYR B 195 -7.61 -8.36 39.12
N TRP B 196 -8.24 -8.46 40.28
CA TRP B 196 -8.61 -7.24 40.95
C TRP B 196 -7.32 -6.62 41.42
N TRP B 197 -6.56 -7.42 42.15
CA TRP B 197 -5.31 -6.96 42.75
C TRP B 197 -4.24 -6.44 41.76
N ASN B 198 -4.17 -7.03 40.58
CA ASN B 198 -3.12 -6.66 39.68
C ASN B 198 -3.59 -6.57 38.26
N ALA B 199 -4.77 -6.01 38.11
CA ALA B 199 -5.33 -5.81 36.79
C ALA B 199 -4.20 -5.41 35.83
N ASP B 200 -3.39 -4.47 36.29
CA ASP B 200 -2.41 -3.80 35.43
C ASP B 200 -1.33 -4.74 34.87
N LYS B 201 -0.80 -5.62 35.70
CA LYS B 201 0.32 -6.43 35.26
C LYS B 201 -0.14 -7.81 34.82
N TYR B 202 -1.32 -8.22 35.31
CA TYR B 202 -1.90 -9.50 34.97
C TYR B 202 -3.01 -9.39 33.91
N LEU B 203 -2.81 -10.12 32.82
CA LEU B 203 -3.72 -10.07 31.69
C LEU B 203 -5.16 -10.35 32.01
N GLY B 204 -5.40 -11.36 32.82
CA GLY B 204 -6.76 -11.78 33.16
C GLY B 204 -7.28 -12.88 32.26
N PRO B 205 -8.24 -13.69 32.75
CA PRO B 205 -8.80 -14.89 32.10
C PRO B 205 -9.45 -14.62 30.74
N ALA B 206 -10.24 -13.57 30.61
CA ALA B 206 -10.87 -13.25 29.33
C ALA B 206 -9.82 -13.15 28.27
N VAL B 207 -8.73 -12.48 28.59
CA VAL B 207 -7.71 -12.16 27.60
C VAL B 207 -6.82 -13.37 27.32
N LEU B 208 -6.44 -14.12 28.34
CA LEU B 208 -5.63 -15.31 28.11
C LEU B 208 -6.43 -16.40 27.42
N MET B 209 -7.69 -16.50 27.79
CA MET B 209 -8.65 -17.30 27.05
C MET B 209 -8.34 -17.11 25.59
N GLN B 210 -8.32 -15.85 25.18
CA GLN B 210 -8.20 -15.50 23.77
C GLN B 210 -6.79 -15.64 23.24
N ALA B 211 -5.80 -15.35 24.08
CA ALA B 211 -4.42 -15.56 23.69
C ALA B 211 -4.30 -17.01 23.20
N TYR B 212 -4.53 -17.96 24.10
CA TYR B 212 -4.59 -19.35 23.71
C TYR B 212 -5.38 -19.55 22.44
N ARG B 213 -6.56 -18.93 22.36
CA ARG B 213 -7.36 -19.04 21.13
C ARG B 213 -6.44 -18.91 19.94
N TRP B 214 -5.63 -17.87 19.89
CA TRP B 214 -4.80 -17.74 18.70
C TRP B 214 -3.61 -18.70 18.64
N ILE B 215 -2.94 -18.92 19.77
CA ILE B 215 -1.79 -19.80 19.69
C ILE B 215 -2.17 -21.20 19.20
N ILE B 216 -3.30 -21.75 19.62
CA ILE B 216 -3.59 -23.10 19.12
C ILE B 216 -4.28 -23.21 17.78
N ASP B 217 -4.39 -22.12 17.00
CA ASP B 217 -5.05 -22.25 15.69
C ASP B 217 -4.09 -22.84 14.67
N SER B 218 -4.48 -23.96 14.09
CA SER B 218 -3.63 -24.69 13.15
C SER B 218 -3.30 -23.92 11.86
N ARG B 219 -3.72 -22.67 11.77
CA ARG B 219 -3.34 -21.86 10.63
C ARG B 219 -2.50 -20.68 11.07
N ASP B 220 -2.13 -20.64 12.35
CA ASP B 220 -1.27 -19.56 12.86
C ASP B 220 0.22 -19.98 12.88
N ASP B 221 1.13 -19.07 12.61
CA ASP B 221 2.55 -19.44 12.60
C ASP B 221 3.32 -18.79 13.73
N SER B 222 2.68 -17.79 14.35
CA SER B 222 3.28 -17.02 15.41
C SER B 222 3.22 -17.72 16.75
N ALA B 223 2.74 -18.96 16.73
CA ALA B 223 2.56 -19.74 17.94
C ALA B 223 3.72 -19.64 18.94
N ALA B 224 4.97 -19.65 18.45
CA ALA B 224 6.14 -19.61 19.33
C ALA B 224 6.39 -18.25 19.92
N GLU B 225 6.19 -17.22 19.13
CA GLU B 225 6.44 -15.85 19.53
C GLU B 225 5.24 -15.22 20.25
N ARG B 226 4.11 -15.92 20.24
CA ARG B 226 2.92 -15.46 20.97
C ARG B 226 3.09 -15.76 22.44
N LEU B 227 3.61 -16.95 22.72
CA LEU B 227 3.97 -17.39 24.06
C LEU B 227 5.10 -16.54 24.62
N ALA B 228 5.94 -16.05 23.72
CA ALA B 228 7.07 -15.20 24.07
C ALA B 228 6.61 -13.97 24.85
N ARG B 229 5.45 -13.45 24.50
CA ARG B 229 4.99 -12.18 25.03
C ARG B 229 4.41 -12.28 26.44
N MET B 230 4.32 -13.48 26.99
CA MET B 230 3.76 -13.60 28.33
C MET B 230 4.56 -14.46 29.31
N GLN B 231 5.80 -14.76 28.93
CA GLN B 231 6.70 -15.60 29.71
C GLN B 231 7.00 -15.06 31.09
N ASP B 232 6.75 -13.77 31.31
CA ASP B 232 7.10 -13.11 32.57
C ASP B 232 6.30 -13.61 33.78
N GLY B 233 6.56 -12.98 34.93
CA GLY B 233 5.97 -13.41 36.19
C GLY B 233 4.49 -13.12 36.38
N PHE B 234 3.99 -12.07 35.74
CA PHE B 234 2.67 -11.54 36.05
C PHE B 234 1.68 -11.66 34.90
N SER B 235 2.16 -12.02 33.72
CA SER B 235 1.26 -11.99 32.59
C SER B 235 0.29 -13.15 32.63
N ALA B 236 0.79 -14.35 32.86
CA ALA B 236 -0.08 -15.51 32.87
C ALA B 236 0.16 -16.34 34.11
N PHE B 237 1.29 -16.11 34.75
CA PHE B 237 1.64 -16.94 35.88
C PHE B 237 1.03 -16.47 37.16
N LYS B 238 0.30 -15.37 37.08
CA LYS B 238 -0.34 -14.84 38.25
C LYS B 238 -1.75 -15.39 38.45
N CYS B 239 -2.07 -16.42 37.66
CA CYS B 239 -3.24 -17.22 37.93
C CYS B 239 -2.90 -18.15 39.06
N HIS B 240 -3.73 -18.11 40.09
CA HIS B 240 -3.57 -18.96 41.26
C HIS B 240 -4.55 -20.12 41.27
N THR B 241 -5.15 -20.35 40.09
CA THR B 241 -6.16 -21.39 39.87
C THR B 241 -7.34 -21.32 40.82
N ILE B 242 -7.73 -20.11 41.20
CA ILE B 242 -8.89 -19.89 42.05
C ILE B 242 -10.14 -20.56 41.46
N MET B 243 -10.36 -20.44 40.15
CA MET B 243 -11.42 -21.15 39.43
C MET B 243 -12.75 -20.41 39.26
N ASN B 244 -12.95 -19.37 40.05
CA ASN B 244 -14.00 -18.43 39.87
C ASN B 244 -14.35 -18.12 38.39
N CYS B 245 -13.33 -17.81 37.59
CA CYS B 245 -13.48 -17.64 36.12
C CYS B 245 -14.45 -18.63 35.45
N THR B 246 -14.23 -19.93 35.63
CA THR B 246 -15.08 -20.90 34.94
C THR B 246 -16.49 -21.00 35.54
N LYS B 247 -16.58 -21.11 36.86
CA LYS B 247 -17.87 -21.10 37.51
C LYS B 247 -18.76 -19.94 37.03
N THR B 248 -18.17 -18.83 36.60
CA THR B 248 -19.01 -17.67 36.36
C THR B 248 -19.44 -17.39 34.92
N CYS B 249 -18.82 -18.02 33.93
CA CYS B 249 -18.97 -17.59 32.52
C CYS B 249 -20.34 -17.84 31.98
N PRO B 250 -21.19 -16.78 31.92
CA PRO B 250 -22.57 -16.89 31.40
C PRO B 250 -22.67 -17.72 30.11
N LYS B 251 -21.59 -17.74 29.35
CA LYS B 251 -21.49 -18.53 28.12
C LYS B 251 -21.00 -19.94 28.29
N HIS B 252 -20.87 -20.41 29.52
CA HIS B 252 -20.54 -21.82 29.79
C HIS B 252 -19.22 -22.25 29.14
N LEU B 253 -18.27 -21.32 29.27
CA LEU B 253 -16.96 -21.44 28.70
C LEU B 253 -15.97 -21.82 29.78
N ASN B 254 -14.74 -22.15 29.39
CA ASN B 254 -13.78 -22.67 30.34
C ASN B 254 -12.41 -22.02 30.35
N PRO B 255 -12.30 -20.76 30.83
CA PRO B 255 -11.04 -20.02 30.91
C PRO B 255 -9.88 -20.77 31.56
N ALA B 256 -10.11 -21.34 32.75
CA ALA B 256 -9.04 -22.04 33.44
C ALA B 256 -8.40 -23.12 32.56
N ARG B 257 -9.18 -24.07 32.06
CA ARG B 257 -8.71 -25.02 31.04
C ARG B 257 -7.69 -24.36 30.11
N ALA B 258 -8.09 -23.24 29.51
CA ALA B 258 -7.20 -22.52 28.64
C ALA B 258 -5.92 -22.17 29.38
N ILE B 259 -6.07 -21.36 30.43
CA ILE B 259 -4.92 -20.96 31.21
C ILE B 259 -4.00 -22.12 31.55
N GLY B 260 -4.58 -23.22 32.03
CA GLY B 260 -3.84 -24.45 32.25
C GLY B 260 -3.03 -24.76 31.01
N GLU B 261 -3.68 -24.87 29.87
CA GLU B 261 -2.95 -25.22 28.65
C GLU B 261 -1.80 -24.26 28.33
N ILE B 262 -1.98 -22.99 28.64
CA ILE B 262 -0.95 -21.98 28.40
C ILE B 262 0.28 -22.22 29.27
N LYS B 263 0.07 -22.44 30.56
CA LYS B 263 1.19 -22.64 31.50
C LYS B 263 2.06 -23.80 31.04
N MET B 264 1.40 -24.84 30.56
CA MET B 264 2.08 -25.97 30.00
C MET B 264 2.97 -25.55 28.85
N LEU B 265 2.39 -24.85 27.87
CA LEU B 265 3.16 -24.45 26.71
C LEU B 265 4.28 -23.54 27.16
N LEU B 266 4.06 -22.81 28.23
CA LEU B 266 5.06 -21.94 28.73
C LEU B 266 6.19 -22.72 29.35
N THR B 267 6.09 -24.03 29.41
CA THR B 267 7.15 -24.85 30.00
C THR B 267 7.41 -26.16 29.23
N LYS B 268 6.72 -27.21 29.68
CA LYS B 268 6.90 -28.58 29.21
C LYS B 268 6.27 -28.83 27.88
N MET B 269 5.00 -29.27 27.89
CA MET B 269 4.26 -29.79 26.71
C MET B 269 4.10 -28.81 25.55
N LYS B 270 4.00 -29.37 24.34
CA LYS B 270 4.12 -28.60 23.11
C LYS B 270 2.86 -28.43 22.28
N THR B 271 2.88 -27.38 21.47
CA THR B 271 1.92 -27.19 20.39
C THR B 271 2.11 -28.25 19.30
N LYS B 272 1.02 -28.63 18.64
CA LYS B 272 1.14 -29.53 17.51
C LYS B 272 1.45 -28.66 16.29
N PRO B 273 1.90 -29.25 15.16
CA PRO B 273 1.93 -28.48 13.90
C PRO B 273 0.73 -28.84 13.03
N ALA B 274 0.62 -28.26 11.83
CA ALA B 274 -0.46 -28.63 10.92
C ALA B 274 -0.31 -30.07 10.37
N PRO B 275 -1.42 -30.75 9.96
CA PRO B 275 -1.23 -31.74 8.91
C PRO B 275 -1.12 -31.00 7.59
N LEU B 276 -0.38 -31.54 6.63
CA LEU B 276 -0.08 -30.82 5.39
C LEU B 276 -1.37 -30.59 4.57
N PRO B 277 -1.54 -29.37 3.95
CA PRO B 277 -2.66 -29.18 3.01
C PRO B 277 -2.60 -30.22 1.90
N THR B 278 -3.55 -31.16 1.95
CA THR B 278 -3.64 -32.26 0.99
C THR B 278 -3.54 -31.76 -0.48
N PRO B 279 -2.95 -32.59 -1.37
CA PRO B 279 -2.93 -32.27 -2.81
C PRO B 279 -4.33 -32.36 -3.46
N ALA B 280 -4.62 -31.40 -4.36
CA ALA B 280 -5.96 -31.14 -4.91
C ALA B 280 -6.83 -30.33 -3.93
N ASN B 281 -6.34 -29.14 -3.56
CA ASN B 281 -7.02 -28.25 -2.60
C ASN B 281 -7.22 -26.83 -3.18
N GLU C 34 11.28 -4.50 35.05
CA GLU C 34 10.87 -4.53 33.61
C GLU C 34 9.46 -5.12 33.36
N LYS C 35 8.79 -4.50 32.40
CA LYS C 35 7.37 -4.65 32.20
C LYS C 35 7.21 -4.76 30.71
N THR C 36 6.31 -5.63 30.25
CA THR C 36 5.92 -5.63 28.85
C THR C 36 5.23 -4.30 28.52
N PRO C 37 5.29 -3.86 27.25
CA PRO C 37 4.70 -2.57 26.84
C PRO C 37 3.26 -2.32 27.33
N ILE C 38 2.45 -3.38 27.36
CA ILE C 38 1.07 -3.32 27.85
C ILE C 38 0.97 -3.00 29.37
N GLN C 39 1.81 -3.68 30.15
CA GLN C 39 1.92 -3.40 31.58
C GLN C 39 2.23 -1.94 31.82
N VAL C 40 3.01 -1.35 30.92
CA VAL C 40 3.31 0.03 31.07
C VAL C 40 2.03 0.82 30.83
N TRP C 41 1.30 0.43 29.79
CA TRP C 41 0.08 1.14 29.44
C TRP C 41 -0.88 1.07 30.63
N GLY C 42 -0.94 -0.12 31.23
CA GLY C 42 -1.80 -0.42 32.36
C GLY C 42 -1.51 0.51 33.51
N TRP C 43 -0.24 0.73 33.78
CA TRP C 43 0.15 1.65 34.83
C TRP C 43 -0.49 3.03 34.58
N ASP C 44 -0.19 3.63 33.44
CA ASP C 44 -0.65 4.99 33.16
C ASP C 44 -2.14 5.03 33.27
N TYR C 45 -2.78 3.93 32.87
CA TYR C 45 -4.22 3.85 32.94
C TYR C 45 -4.68 4.08 34.37
N LEU C 46 -4.01 3.43 35.31
CA LEU C 46 -4.45 3.52 36.68
C LEU C 46 -4.15 4.89 37.19
N MET C 47 -3.01 5.45 36.78
CA MET C 47 -2.71 6.84 37.09
C MET C 47 -3.82 7.78 36.59
N ARG C 48 -4.17 7.65 35.31
CA ARG C 48 -5.27 8.37 34.73
C ARG C 48 -6.57 8.21 35.56
N GLN C 49 -6.85 6.98 35.97
CA GLN C 49 -8.13 6.69 36.55
C GLN C 49 -8.21 7.17 37.98
N ARG C 50 -7.08 7.20 38.67
CA ARG C 50 -7.07 7.73 40.02
C ARG C 50 -7.08 9.26 39.91
N ALA C 51 -6.46 9.77 38.85
CA ALA C 51 -6.46 11.19 38.55
C ALA C 51 -7.88 11.79 38.42
N LEU C 52 -8.87 10.95 38.17
CA LEU C 52 -10.23 11.45 37.98
C LEU C 52 -11.08 11.06 39.17
N LYS C 53 -10.44 10.63 40.24
CA LYS C 53 -11.16 10.31 41.48
C LYS C 53 -12.42 9.53 41.14
N ARG C 54 -12.23 8.46 40.38
CA ARG C 54 -13.31 7.56 40.05
C ARG C 54 -13.30 6.43 41.08
N PRO C 55 -14.49 5.91 41.44
CA PRO C 55 -14.63 4.92 42.51
C PRO C 55 -14.34 3.50 42.05
N ILE C 56 -13.95 2.64 42.99
CA ILE C 56 -13.79 1.24 42.62
C ILE C 56 -15.10 0.53 42.92
N ALA C 57 -15.53 -0.31 42.00
CA ALA C 57 -16.73 -1.08 42.21
C ALA C 57 -16.51 -2.08 43.34
N PRO C 58 -17.42 -2.13 44.32
CA PRO C 58 -17.47 -3.10 45.40
C PRO C 58 -17.09 -4.52 44.95
N HIS C 59 -16.43 -5.29 45.84
CA HIS C 59 -15.86 -6.60 45.45
C HIS C 59 -15.96 -7.67 46.53
N LEU C 60 -15.06 -7.71 47.50
CA LEU C 60 -15.15 -8.77 48.51
C LEU C 60 -16.40 -8.59 49.33
N THR C 61 -16.82 -7.33 49.48
CA THR C 61 -17.98 -7.02 50.32
C THR C 61 -19.28 -7.54 49.74
N ILE C 62 -19.32 -7.67 48.43
CA ILE C 62 -20.57 -7.97 47.78
C ILE C 62 -20.53 -9.28 47.04
N TYR C 63 -19.34 -9.78 46.76
CA TYR C 63 -19.27 -10.99 45.98
C TYR C 63 -19.86 -12.10 46.82
N LYS C 64 -20.44 -13.09 46.13
CA LYS C 64 -21.13 -14.23 46.74
C LYS C 64 -20.17 -15.33 47.17
N PRO C 65 -20.30 -15.76 48.41
CA PRO C 65 -19.59 -16.94 48.93
C PRO C 65 -19.68 -18.10 47.96
N GLN C 66 -18.54 -18.65 47.57
CA GLN C 66 -18.48 -19.78 46.63
C GLN C 66 -17.33 -20.72 46.97
N MET C 67 -17.49 -21.96 46.56
CA MET C 67 -16.50 -22.99 46.81
C MET C 67 -15.20 -22.84 46.02
N THR C 68 -15.28 -22.15 44.89
CA THR C 68 -14.10 -21.87 44.10
C THR C 68 -13.15 -21.07 44.94
N TRP C 69 -13.59 -19.89 45.36
CA TRP C 69 -12.65 -18.94 45.90
C TRP C 69 -12.38 -19.12 47.37
N MET C 70 -13.29 -19.79 48.05
CA MET C 70 -13.16 -19.93 49.46
C MET C 70 -12.12 -20.97 49.82
N VAL C 71 -12.13 -22.08 49.07
CA VAL C 71 -11.09 -23.10 49.17
C VAL C 71 -9.73 -22.47 48.92
N SER C 72 -9.55 -21.89 47.74
CA SER C 72 -8.35 -21.15 47.42
C SER C 72 -7.93 -20.20 48.54
N GLY C 73 -8.91 -19.57 49.17
CA GLY C 73 -8.62 -18.62 50.21
C GLY C 73 -8.07 -19.40 51.37
N LEU C 74 -8.82 -20.40 51.78
CA LEU C 74 -8.44 -21.16 52.96
C LEU C 74 -7.05 -21.77 52.75
N HIS C 75 -6.70 -22.01 51.49
CA HIS C 75 -5.46 -22.62 51.18
C HIS C 75 -4.29 -21.73 51.51
N ARG C 76 -4.42 -20.43 51.25
CA ARG C 76 -3.44 -19.45 51.73
C ARG C 76 -3.45 -19.44 53.24
N VAL C 77 -4.59 -19.06 53.81
CA VAL C 77 -4.73 -19.08 55.24
C VAL C 77 -3.96 -20.25 55.81
N THR C 78 -4.42 -21.48 55.58
CA THR C 78 -3.65 -22.61 56.10
C THR C 78 -2.17 -22.42 55.77
N GLY C 79 -1.85 -22.22 54.49
CA GLY C 79 -0.49 -21.96 54.09
C GLY C 79 0.23 -21.05 55.08
N CYS C 80 -0.36 -19.91 55.38
CA CYS C 80 0.34 -18.89 56.14
C CYS C 80 0.21 -19.11 57.61
N ALA C 81 -0.84 -19.82 58.00
CA ALA C 81 -1.03 -20.18 59.39
C ALA C 81 0.21 -20.95 59.82
N MET C 82 0.48 -22.04 59.10
CA MET C 82 1.59 -22.91 59.39
C MET C 82 2.91 -22.17 59.36
N ALA C 83 3.16 -21.37 58.33
CA ALA C 83 4.40 -20.61 58.31
C ALA C 83 4.50 -19.64 59.50
N GLY C 84 3.44 -18.86 59.75
CA GLY C 84 3.34 -18.04 60.96
C GLY C 84 3.65 -18.77 62.26
N THR C 85 3.12 -19.98 62.39
CA THR C 85 3.48 -20.89 63.49
C THR C 85 4.97 -21.09 63.57
N LEU C 86 5.55 -21.48 62.44
CA LEU C 86 6.92 -21.90 62.44
C LEU C 86 7.82 -20.71 62.56
N LEU C 87 7.27 -19.51 62.36
CA LEU C 87 8.05 -18.32 62.66
C LEU C 87 8.09 -18.07 64.16
N ILE C 88 6.96 -17.67 64.73
CA ILE C 88 6.87 -17.48 66.19
C ILE C 88 7.37 -18.72 66.96
N GLY C 89 7.55 -19.81 66.23
CA GLY C 89 8.18 -21.01 66.77
C GLY C 89 9.66 -20.78 66.96
N GLY C 90 10.43 -21.12 65.93
CA GLY C 90 11.89 -21.03 66.00
C GLY C 90 12.34 -19.75 66.67
N VAL C 91 11.72 -18.66 66.26
CA VAL C 91 12.08 -17.32 66.73
C VAL C 91 11.68 -17.12 68.18
N GLY C 92 10.40 -17.29 68.49
CA GLY C 92 9.96 -17.19 69.88
C GLY C 92 10.94 -17.90 70.80
N PHE C 93 11.04 -19.21 70.65
CA PHE C 93 11.79 -20.06 71.59
C PHE C 93 13.29 -19.80 71.67
N SER C 94 13.83 -19.08 70.69
CA SER C 94 15.23 -18.69 70.73
C SER C 94 15.39 -17.35 71.45
N VAL C 95 14.70 -16.33 70.94
CA VAL C 95 14.73 -15.00 71.52
C VAL C 95 14.14 -15.03 72.95
N LEU C 96 13.68 -16.21 73.37
CA LEU C 96 13.09 -16.39 74.71
C LEU C 96 13.77 -17.42 75.61
N PRO C 97 13.84 -17.11 76.93
CA PRO C 97 14.38 -18.06 77.90
C PRO C 97 13.31 -19.04 78.38
N LEU C 98 12.36 -19.40 77.52
CA LEU C 98 11.24 -20.23 77.93
C LEU C 98 11.07 -21.39 76.96
N ASP C 99 11.90 -22.42 77.11
CA ASP C 99 11.97 -23.51 76.14
C ASP C 99 10.67 -24.30 76.02
N PHE C 100 10.65 -25.28 75.12
CA PHE C 100 9.44 -25.99 74.76
C PHE C 100 8.90 -26.86 75.87
N THR C 101 9.75 -27.75 76.37
CA THR C 101 9.37 -28.69 77.42
C THR C 101 8.56 -28.03 78.53
N THR C 102 9.09 -26.93 79.07
CA THR C 102 8.43 -26.20 80.14
C THR C 102 7.08 -25.63 79.70
N PHE C 103 7.02 -25.13 78.47
CA PHE C 103 5.77 -24.63 77.93
C PHE C 103 4.75 -25.76 77.87
N VAL C 104 5.17 -26.89 77.31
CA VAL C 104 4.29 -28.03 77.11
C VAL C 104 3.52 -28.39 78.35
N GLU C 105 4.02 -28.02 79.53
CA GLU C 105 3.31 -28.40 80.76
C GLU C 105 2.83 -27.27 81.66
N PHE C 106 3.38 -26.07 81.49
CA PHE C 106 2.75 -24.84 82.01
C PHE C 106 1.49 -24.64 81.16
N ILE C 107 1.11 -25.72 80.46
CA ILE C 107 -0.22 -25.93 79.90
C ILE C 107 -0.87 -27.28 80.33
N ARG C 108 -0.06 -28.32 80.55
CA ARG C 108 -0.59 -29.60 81.00
C ARG C 108 -1.07 -29.47 82.44
N GLY C 109 -0.36 -28.64 83.21
CA GLY C 109 -0.75 -28.34 84.59
C GLY C 109 -1.76 -27.21 84.69
N LEU C 110 -2.86 -27.34 83.95
CA LEU C 110 -3.99 -26.41 84.01
C LEU C 110 -5.32 -27.08 83.68
N GLY C 111 -5.72 -28.03 84.52
CA GLY C 111 -7.00 -28.78 84.40
C GLY C 111 -7.80 -28.49 83.14
N ILE C 112 -7.32 -29.03 82.02
CA ILE C 112 -7.92 -28.78 80.71
C ILE C 112 -8.65 -30.06 80.27
N PRO C 113 -10.00 -29.98 80.07
CA PRO C 113 -10.80 -31.16 79.72
C PRO C 113 -10.42 -31.76 78.36
N TRP C 114 -10.37 -33.09 78.31
CA TRP C 114 -9.76 -33.85 77.22
C TRP C 114 -10.23 -33.49 75.80
N VAL C 115 -11.52 -33.23 75.62
CA VAL C 115 -12.07 -32.87 74.29
C VAL C 115 -11.51 -31.56 73.77
N ILE C 116 -11.54 -30.54 74.62
CA ILE C 116 -11.00 -29.23 74.30
C ILE C 116 -9.55 -29.32 73.80
N LEU C 117 -8.76 -30.18 74.44
CA LEU C 117 -7.40 -30.43 74.00
C LEU C 117 -7.39 -31.15 72.67
N ASP C 118 -8.37 -32.05 72.52
CA ASP C 118 -8.43 -32.92 71.35
C ASP C 118 -9.00 -32.31 70.06
N THR C 119 -9.46 -31.06 70.14
CA THR C 119 -9.81 -30.38 68.90
C THR C 119 -8.72 -29.38 68.54
N PHE C 120 -8.03 -28.89 69.57
CA PHE C 120 -6.79 -28.16 69.36
C PHE C 120 -5.79 -28.92 68.53
N LYS C 121 -5.68 -30.22 68.78
CA LYS C 121 -4.92 -31.11 67.90
C LYS C 121 -5.56 -31.19 66.51
N PHE C 122 -6.85 -31.47 66.46
CA PHE C 122 -7.57 -31.53 65.19
C PHE C 122 -7.32 -30.27 64.37
N ILE C 123 -7.54 -29.12 64.98
CA ILE C 123 -7.22 -27.83 64.40
C ILE C 123 -5.82 -27.82 63.80
N ILE C 124 -4.81 -28.26 64.54
CA ILE C 124 -3.44 -28.24 64.03
C ILE C 124 -3.31 -29.24 62.88
N ALA C 125 -3.94 -30.41 63.03
CA ALA C 125 -3.85 -31.43 62.00
C ALA C 125 -4.57 -31.04 60.72
N PHE C 126 -5.62 -30.23 60.83
CA PHE C 126 -6.45 -29.92 59.65
C PHE C 126 -5.82 -29.01 58.60
N PRO C 127 -5.22 -27.90 59.01
CA PRO C 127 -4.36 -27.16 58.12
C PRO C 127 -3.45 -28.08 57.32
N ILE C 128 -2.59 -28.81 58.01
CA ILE C 128 -1.60 -29.61 57.32
C ILE C 128 -2.27 -30.61 56.40
N ALA C 129 -3.41 -31.16 56.83
CA ALA C 129 -4.15 -32.13 56.01
C ALA C 129 -4.69 -31.50 54.71
N PHE C 130 -5.41 -30.40 54.87
CA PHE C 130 -6.10 -29.75 53.78
C PHE C 130 -5.10 -29.12 52.78
N HIS C 131 -4.13 -28.37 53.27
CA HIS C 131 -3.17 -27.68 52.39
C HIS C 131 -2.44 -28.67 51.55
N THR C 132 -2.27 -29.87 52.05
CA THR C 132 -1.56 -30.89 51.29
C THR C 132 -2.40 -31.54 50.21
N LEU C 133 -3.58 -32.01 50.58
CA LEU C 133 -4.47 -32.61 49.60
C LEU C 133 -4.84 -31.52 48.60
N ASN C 134 -5.54 -30.50 49.08
CA ASN C 134 -5.95 -29.39 48.24
C ASN C 134 -4.80 -28.84 47.43
N GLY C 135 -3.60 -28.96 47.98
CA GLY C 135 -2.38 -28.64 47.25
C GLY C 135 -2.24 -29.43 45.97
N ILE C 136 -2.41 -30.75 46.03
CA ILE C 136 -2.21 -31.59 44.85
C ILE C 136 -3.23 -31.28 43.78
N ARG C 137 -4.47 -31.06 44.20
CA ARG C 137 -5.53 -30.58 43.36
C ARG C 137 -5.04 -29.43 42.47
N PHE C 138 -4.57 -28.36 43.12
CA PHE C 138 -4.13 -27.11 42.49
C PHE C 138 -2.97 -27.28 41.53
N ILE C 139 -2.38 -28.48 41.51
CA ILE C 139 -1.40 -28.81 40.49
C ILE C 139 -2.10 -29.27 39.21
N GLY C 140 -3.09 -30.15 39.35
CA GLY C 140 -3.95 -30.51 38.22
C GLY C 140 -4.41 -29.25 37.49
N PHE C 141 -5.09 -28.37 38.24
CA PHE C 141 -5.56 -27.11 37.68
C PHE C 141 -4.45 -26.42 36.95
N ASP C 142 -3.26 -26.42 37.56
CA ASP C 142 -2.08 -25.83 36.95
C ASP C 142 -1.63 -26.62 35.72
N MET C 143 -2.38 -27.66 35.37
CA MET C 143 -2.06 -28.44 34.17
C MET C 143 -3.31 -28.75 33.40
N ALA C 144 -4.32 -27.92 33.60
CA ALA C 144 -5.59 -28.11 32.95
C ALA C 144 -5.99 -29.56 33.13
N LYS C 145 -6.01 -30.04 34.37
CA LYS C 145 -6.64 -31.32 34.64
C LYS C 145 -7.82 -31.11 35.55
N GLY C 146 -8.99 -31.56 35.09
CA GLY C 146 -10.21 -31.56 35.91
C GLY C 146 -10.70 -30.17 36.24
N THR C 147 -10.58 -29.27 35.26
CA THR C 147 -10.87 -27.85 35.47
C THR C 147 -12.27 -27.46 34.99
N ASP C 148 -13.24 -28.35 35.18
CA ASP C 148 -14.62 -28.10 34.77
C ASP C 148 -15.63 -28.33 35.90
N ILE C 149 -16.49 -27.32 36.10
CA ILE C 149 -17.43 -27.18 37.23
C ILE C 149 -17.82 -28.42 38.01
N PRO C 150 -18.20 -29.52 37.33
CA PRO C 150 -18.52 -30.67 38.16
C PRO C 150 -17.27 -31.30 38.74
N SER C 151 -16.30 -31.66 37.90
CA SER C 151 -14.98 -32.16 38.38
C SER C 151 -14.26 -31.18 39.33
N ILE C 152 -14.47 -29.90 39.13
CA ILE C 152 -13.99 -28.94 40.10
C ILE C 152 -14.68 -29.18 41.42
N TYR C 153 -16.01 -29.21 41.41
CA TYR C 153 -16.79 -29.33 42.63
C TYR C 153 -16.66 -30.65 43.42
N ARG C 154 -16.44 -31.77 42.74
CA ARG C 154 -16.20 -33.03 43.45
C ARG C 154 -14.91 -32.97 44.25
N GLY C 155 -13.80 -32.71 43.56
CA GLY C 155 -12.52 -32.42 44.20
C GLY C 155 -12.69 -31.64 45.49
N ALA C 156 -13.21 -30.42 45.39
CA ALA C 156 -13.39 -29.53 46.53
C ALA C 156 -14.08 -30.17 47.73
N TYR C 157 -14.95 -31.14 47.47
CA TYR C 157 -15.67 -31.88 48.52
C TYR C 157 -14.88 -33.11 48.95
N LEU C 158 -14.53 -33.93 47.95
CA LEU C 158 -13.64 -35.09 48.07
C LEU C 158 -12.42 -34.80 48.96
N VAL C 159 -11.91 -33.57 48.90
CA VAL C 159 -10.70 -33.18 49.61
C VAL C 159 -10.99 -32.42 50.92
N LEU C 160 -12.00 -31.56 50.92
CA LEU C 160 -12.46 -30.96 52.16
C LEU C 160 -12.94 -32.01 53.17
N GLY C 161 -13.63 -33.04 52.69
CA GLY C 161 -14.09 -34.11 53.54
C GLY C 161 -12.96 -35.06 53.87
N LEU C 162 -12.13 -35.33 52.87
CA LEU C 162 -11.03 -36.26 53.04
C LEU C 162 -10.05 -35.81 54.10
N ALA C 163 -9.66 -34.55 54.03
CA ALA C 163 -8.79 -34.00 55.04
C ALA C 163 -9.51 -34.12 56.37
N ALA C 164 -10.70 -33.53 56.50
CA ALA C 164 -11.46 -33.66 57.75
C ALA C 164 -11.41 -35.07 58.33
N LEU C 165 -11.27 -36.07 57.45
CA LEU C 165 -11.17 -37.48 57.85
C LEU C 165 -9.80 -37.90 58.40
N ILE C 166 -8.78 -37.94 57.55
CA ILE C 166 -7.41 -38.13 58.00
C ILE C 166 -7.18 -37.36 59.29
N SER C 167 -7.38 -36.05 59.23
CA SER C 167 -7.31 -35.17 60.40
C SER C 167 -7.92 -35.80 61.65
N LEU C 168 -9.16 -36.28 61.54
CA LEU C 168 -9.88 -36.81 62.70
C LEU C 168 -9.31 -38.11 63.28
N ALA C 169 -8.85 -39.01 62.40
CA ALA C 169 -8.26 -40.31 62.76
C ALA C 169 -6.90 -40.14 63.39
N VAL C 170 -6.23 -39.04 63.06
CA VAL C 170 -4.95 -38.69 63.62
C VAL C 170 -5.13 -38.19 65.05
N VAL C 171 -6.31 -37.65 65.32
CA VAL C 171 -6.58 -37.10 66.61
C VAL C 171 -7.21 -38.15 67.50
N VAL C 172 -8.21 -38.83 66.97
CA VAL C 172 -9.08 -39.67 67.79
C VAL C 172 -8.57 -41.09 68.00
N TYR C 173 -7.86 -41.64 67.03
CA TYR C 173 -7.35 -43.01 67.13
C TYR C 173 -6.31 -43.22 68.23
N PRO C 174 -5.36 -42.28 68.40
CA PRO C 174 -4.48 -42.45 69.54
C PRO C 174 -5.31 -42.36 70.80
N ARG C 175 -6.24 -41.41 70.82
CA ARG C 175 -7.13 -41.22 71.95
C ARG C 175 -7.94 -42.50 72.26
N TRP C 176 -8.12 -43.37 71.26
CA TRP C 176 -8.78 -44.67 71.43
C TRP C 176 -7.85 -45.63 72.16
N GLU C 177 -6.61 -45.74 71.69
CA GLU C 177 -5.63 -46.58 72.36
C GLU C 177 -5.21 -46.03 73.72
N ARG C 178 -5.59 -44.79 74.04
CA ARG C 178 -5.43 -44.24 75.40
C ARG C 178 -6.64 -44.51 76.31
N HIS C 179 -7.54 -45.37 75.83
CA HIS C 179 -8.63 -45.89 76.66
C HIS C 179 -8.63 -47.42 76.60
N LYS C 180 -8.30 -47.98 75.43
CA LYS C 180 -8.11 -49.43 75.26
C LYS C 180 -7.03 -49.96 76.23
N LYS C 181 -6.21 -49.05 76.76
CA LYS C 181 -5.21 -49.37 77.79
C LYS C 181 -5.49 -48.70 79.16
N ALA C 182 -6.64 -48.03 79.27
CA ALA C 182 -7.21 -47.65 80.57
C ALA C 182 -8.02 -48.81 81.13
N THR C 183 -7.94 -49.95 80.44
CA THR C 183 -8.47 -51.24 80.91
C THR C 183 -8.04 -52.42 80.00
N LEU C 184 -6.86 -52.99 80.25
CA LEU C 184 -6.46 -54.21 79.54
C LEU C 184 -7.16 -55.40 80.21
N PRO C 185 -7.92 -56.20 79.41
CA PRO C 185 -8.73 -57.37 79.85
C PRO C 185 -7.98 -58.37 80.77
N THR C 186 -7.06 -59.16 80.21
CA THR C 186 -6.21 -60.06 81.00
C THR C 186 -4.72 -59.80 80.72
N THR D 28 -20.74 28.76 21.42
CA THR D 28 -19.97 29.08 20.19
C THR D 28 -19.11 27.89 19.76
N SER D 29 -18.71 27.91 18.49
CA SER D 29 -17.73 26.97 17.94
C SER D 29 -16.39 27.70 17.85
N ALA D 30 -16.09 28.46 18.91
CA ALA D 30 -14.76 29.01 19.15
C ALA D 30 -14.05 28.24 20.29
N ALA D 31 -13.71 26.97 20.06
CA ALA D 31 -13.08 26.12 21.07
C ALA D 31 -11.83 25.36 20.60
N VAL D 32 -11.24 24.53 21.48
CA VAL D 32 -9.87 24.01 21.29
C VAL D 32 -9.72 22.93 20.23
N THR D 33 -8.46 22.67 19.84
CA THR D 33 -8.12 21.49 19.05
C THR D 33 -7.45 20.49 19.97
N GLY D 34 -8.14 19.39 20.25
CA GLY D 34 -7.63 18.36 21.17
C GLY D 34 -6.93 17.21 20.49
N ALA D 35 -6.72 16.13 21.25
CA ALA D 35 -6.06 14.92 20.75
C ALA D 35 -6.95 13.67 20.71
N ALA D 36 -6.34 12.62 20.19
CA ALA D 36 -6.93 11.28 20.02
C ALA D 36 -6.88 10.54 21.33
N PRO D 37 -8.05 10.22 21.92
CA PRO D 37 -8.10 9.53 23.23
C PRO D 37 -7.15 8.31 23.37
N PRO D 38 -6.46 8.22 24.54
CA PRO D 38 -5.54 7.15 24.89
C PRO D 38 -5.98 5.79 24.36
N GLN D 39 -5.11 5.13 23.62
CA GLN D 39 -5.40 3.85 23.01
C GLN D 39 -4.12 3.04 22.98
N PHE D 40 -4.25 1.72 22.97
CA PHE D 40 -3.06 0.91 22.84
C PHE D 40 -2.91 0.43 21.42
N ASP D 41 -1.74 0.66 20.86
CA ASP D 41 -1.42 0.16 19.53
C ASP D 41 -0.36 -0.95 19.63
N PRO D 42 -0.81 -2.20 19.45
CA PRO D 42 -0.03 -3.38 19.76
C PRO D 42 1.13 -3.61 18.80
N ILE D 43 1.11 -2.92 17.67
CA ILE D 43 2.12 -3.12 16.62
C ILE D 43 3.23 -2.05 16.68
N ALA D 44 2.82 -0.83 17.00
CA ALA D 44 3.73 0.27 17.26
C ALA D 44 4.45 0.05 18.59
N ALA D 45 3.98 -0.92 19.35
CA ALA D 45 4.57 -1.20 20.65
C ALA D 45 5.61 -2.28 20.50
N GLU D 46 5.42 -3.14 19.50
CA GLU D 46 6.32 -4.25 19.23
C GLU D 46 7.73 -3.81 18.78
N LYS D 47 7.90 -2.50 18.56
CA LYS D 47 9.17 -1.92 18.12
C LYS D 47 10.38 -2.43 18.94
N GLY D 48 10.81 -1.66 19.93
CA GLY D 48 11.95 -2.07 20.77
C GLY D 48 11.51 -2.70 22.07
N PHE D 49 11.27 -4.02 22.08
CA PHE D 49 10.77 -4.80 23.24
C PHE D 49 10.62 -6.31 22.94
N LYS D 50 11.60 -7.12 23.33
CA LYS D 50 11.54 -8.58 23.15
C LYS D 50 11.95 -9.43 24.37
N PRO D 51 12.85 -8.89 25.24
CA PRO D 51 13.47 -9.63 26.34
C PRO D 51 12.73 -10.91 26.76
N LEU D 52 13.06 -12.01 26.07
CA LEU D 52 12.55 -13.38 26.34
C LEU D 52 13.02 -13.97 27.71
N HIS D 53 12.51 -13.40 28.83
CA HIS D 53 12.96 -13.80 30.20
C HIS D 53 11.98 -14.65 31.01
N SER D 54 12.02 -15.96 30.75
CA SER D 54 10.90 -16.84 31.06
C SER D 54 10.89 -17.48 32.43
N HIS D 55 9.93 -17.05 33.23
CA HIS D 55 9.68 -17.56 34.56
C HIS D 55 9.07 -18.96 34.47
N GLY D 56 8.89 -19.47 33.26
CA GLY D 56 8.26 -20.76 33.07
C GLY D 56 8.98 -21.88 33.79
N THR D 57 10.28 -21.95 33.56
CA THR D 57 11.14 -22.99 34.09
C THR D 57 11.19 -23.04 35.62
N LEU D 58 11.17 -21.87 36.25
CA LEU D 58 11.21 -21.76 37.68
C LEU D 58 9.90 -22.29 38.20
N PHE D 59 8.83 -21.83 37.58
CA PHE D 59 7.49 -22.26 37.92
C PHE D 59 7.40 -23.77 37.76
N LYS D 60 8.01 -24.31 36.70
CA LYS D 60 8.01 -25.75 36.49
C LYS D 60 8.55 -26.44 37.72
N ILE D 61 9.67 -25.94 38.26
CA ILE D 61 10.32 -26.66 39.35
C ILE D 61 9.67 -26.47 40.71
N GLU D 62 9.13 -25.29 41.00
CA GLU D 62 8.50 -25.08 42.30
C GLU D 62 7.22 -25.91 42.45
N ARG D 63 6.71 -26.39 41.31
CA ARG D 63 5.54 -27.26 41.31
C ARG D 63 5.99 -28.70 41.45
N TYR D 64 7.11 -29.06 40.83
CA TYR D 64 7.71 -30.39 41.03
C TYR D 64 8.12 -30.59 42.46
N PHE D 65 8.66 -29.52 43.05
CA PHE D 65 9.13 -29.58 44.41
C PHE D 65 8.05 -30.05 45.37
N ALA D 66 6.97 -29.27 45.47
CA ALA D 66 5.82 -29.65 46.29
C ALA D 66 5.29 -31.04 45.91
N ALA D 67 5.15 -31.29 44.61
CA ALA D 67 4.77 -32.61 44.09
C ALA D 67 5.54 -33.76 44.75
N ALA D 68 6.87 -33.72 44.61
CA ALA D 68 7.75 -34.72 45.21
C ALA D 68 7.80 -34.60 46.73
N MET D 69 7.47 -33.44 47.25
CA MET D 69 7.44 -33.24 48.68
C MET D 69 6.17 -33.83 49.28
N VAL D 70 5.36 -34.47 48.47
CA VAL D 70 4.15 -35.09 49.02
C VAL D 70 4.48 -36.34 49.82
N PRO D 71 5.13 -37.37 49.22
CA PRO D 71 5.38 -38.59 49.98
C PRO D 71 6.14 -38.28 51.25
N LEU D 72 6.83 -37.14 51.25
CA LEU D 72 7.56 -36.70 52.41
C LEU D 72 6.64 -36.53 53.61
N ILE D 73 5.60 -35.72 53.47
CA ILE D 73 4.84 -35.32 54.65
C ILE D 73 4.17 -36.45 55.39
N PRO D 74 3.71 -37.48 54.67
CA PRO D 74 3.21 -38.58 55.49
C PRO D 74 4.34 -39.41 56.08
N ALA D 75 5.49 -39.45 55.41
CA ALA D 75 6.60 -40.23 55.93
C ALA D 75 6.87 -39.81 57.37
N ALA D 76 6.87 -38.50 57.64
CA ALA D 76 7.13 -37.95 58.98
C ALA D 76 6.15 -38.39 60.10
N TYR D 77 4.93 -38.74 59.74
CA TYR D 77 3.98 -39.26 60.72
C TYR D 77 4.42 -40.65 61.12
N PHE D 78 4.89 -41.41 60.12
CA PHE D 78 5.48 -42.73 60.31
C PHE D 78 6.87 -42.67 60.99
N ILE D 79 7.83 -42.03 60.35
CA ILE D 79 9.20 -42.07 60.84
C ILE D 79 9.59 -40.72 61.49
N HIS D 80 9.91 -40.75 62.78
CA HIS D 80 10.47 -39.56 63.45
C HIS D 80 12.01 -39.60 63.47
N GLY D 81 12.63 -39.04 64.49
CA GLY D 81 14.07 -39.00 64.52
C GLY D 81 14.63 -37.66 64.10
N ARG D 82 15.94 -37.60 63.99
CA ARG D 82 16.68 -36.34 63.98
C ARG D 82 17.10 -35.90 62.57
N GLU D 83 17.24 -36.85 61.63
CA GLU D 83 17.45 -36.48 60.23
C GLU D 83 16.16 -35.99 59.59
N MET D 84 15.03 -36.45 60.12
CA MET D 84 13.72 -35.98 59.72
C MET D 84 13.61 -34.46 59.95
N ASP D 85 13.49 -34.07 61.23
CA ASP D 85 13.45 -32.66 61.68
C ASP D 85 14.09 -31.68 60.71
N LEU D 86 15.26 -32.09 60.22
CA LEU D 86 16.21 -31.23 59.58
C LEU D 86 15.94 -31.11 58.09
N CYS D 87 15.43 -32.17 57.46
CA CYS D 87 15.16 -32.05 56.04
C CYS D 87 13.73 -31.58 55.81
N LEU D 88 12.82 -31.93 56.72
CA LEU D 88 11.52 -31.28 56.76
C LEU D 88 11.80 -29.80 56.75
N ALA D 89 12.50 -29.33 57.77
CA ALA D 89 12.90 -27.93 57.87
C ALA D 89 13.46 -27.45 56.55
N LEU D 90 14.46 -28.14 56.02
CA LEU D 90 15.06 -27.74 54.77
C LEU D 90 14.00 -27.47 53.72
N ALA D 91 13.26 -28.51 53.35
CA ALA D 91 12.24 -28.45 52.30
C ALA D 91 11.18 -27.40 52.63
N LEU D 92 10.73 -27.46 53.86
CA LEU D 92 9.71 -26.57 54.35
C LEU D 92 10.10 -25.12 54.24
N THR D 93 11.40 -24.85 54.24
CA THR D 93 11.86 -23.47 54.08
C THR D 93 11.70 -23.09 52.60
N LEU D 94 12.37 -23.82 51.71
CA LEU D 94 12.29 -23.57 50.28
C LEU D 94 10.88 -23.29 49.75
N HIS D 95 9.94 -24.21 50.02
CA HIS D 95 8.51 -24.06 49.67
C HIS D 95 8.03 -22.74 50.22
N VAL D 96 8.20 -22.51 51.51
CA VAL D 96 7.68 -21.29 52.12
C VAL D 96 8.29 -20.00 51.54
N HIS D 97 9.57 -20.06 51.24
CA HIS D 97 10.26 -18.93 50.67
C HIS D 97 9.49 -18.64 49.43
N TRP D 98 9.67 -19.47 48.41
CA TRP D 98 8.94 -19.32 47.17
C TRP D 98 7.51 -18.88 47.39
N GLY D 99 6.78 -19.64 48.18
CA GLY D 99 5.38 -19.35 48.48
C GLY D 99 5.10 -17.91 48.83
N VAL D 100 5.74 -17.40 49.87
CA VAL D 100 5.48 -16.07 50.35
C VAL D 100 5.93 -15.01 49.35
N TRP D 101 7.01 -15.27 48.62
CA TRP D 101 7.36 -14.37 47.54
C TRP D 101 6.10 -14.13 46.70
N GLY D 102 5.44 -15.24 46.34
CA GLY D 102 4.18 -15.23 45.60
C GLY D 102 3.09 -14.47 46.30
N VAL D 103 3.01 -14.61 47.63
CA VAL D 103 1.99 -13.93 48.45
C VAL D 103 2.18 -12.45 48.44
N VAL D 104 3.44 -12.05 48.50
CA VAL D 104 3.83 -10.66 48.57
C VAL D 104 3.53 -9.94 47.24
N ASN D 105 3.93 -10.53 46.12
CA ASN D 105 3.60 -9.91 44.83
C ASN D 105 2.10 -9.83 44.52
N ASP D 106 1.30 -10.52 45.31
CA ASP D 106 -0.14 -10.38 45.25
C ASP D 106 -0.52 -9.18 46.10
N TYR D 107 -0.61 -9.36 47.40
CA TYR D 107 -1.23 -8.35 48.24
C TYR D 107 -0.44 -7.06 48.38
N GLY D 108 0.87 -7.14 48.18
CA GLY D 108 1.68 -5.97 48.38
C GLY D 108 2.07 -5.40 47.04
N ARG D 109 1.37 -4.37 46.60
CA ARG D 109 1.62 -3.84 45.27
C ARG D 109 1.51 -2.32 45.17
N PRO D 110 2.31 -1.76 44.25
CA PRO D 110 2.60 -0.36 44.06
C PRO D 110 1.40 0.56 44.06
N PHE D 111 0.34 0.23 43.31
CA PHE D 111 -0.79 1.16 43.21
C PHE D 111 -1.28 1.63 44.59
N VAL D 112 -1.38 0.68 45.51
CA VAL D 112 -1.88 0.97 46.83
C VAL D 112 -0.77 1.44 47.78
N LEU D 113 0.42 0.89 47.63
CA LEU D 113 1.50 1.16 48.61
C LEU D 113 2.43 2.31 48.27
N GLY D 114 2.52 2.68 46.99
CA GLY D 114 3.54 3.61 46.51
C GLY D 114 4.83 2.83 46.38
N ASP D 115 5.62 3.13 45.34
CA ASP D 115 6.75 2.25 44.90
C ASP D 115 7.84 1.98 45.95
N THR D 116 8.26 3.01 46.66
CA THR D 116 9.40 2.90 47.60
C THR D 116 9.11 1.96 48.80
N LEU D 117 7.85 1.85 49.19
CA LEU D 117 7.48 0.96 50.26
C LEU D 117 7.25 -0.46 49.76
N ALA D 118 6.89 -0.57 48.49
CA ALA D 118 6.64 -1.87 47.84
C ALA D 118 7.92 -2.64 47.58
N ALA D 119 9.03 -1.92 47.46
CA ALA D 119 10.34 -2.53 47.43
C ALA D 119 10.63 -3.13 48.79
N ALA D 120 10.32 -2.37 49.83
CA ALA D 120 10.61 -2.76 51.20
C ALA D 120 9.96 -4.08 51.61
N VAL D 121 8.79 -4.35 51.06
CA VAL D 121 8.09 -5.58 51.36
C VAL D 121 8.69 -6.76 50.58
N ARG D 122 9.03 -6.49 49.33
CA ARG D 122 9.79 -7.41 48.49
C ARG D 122 11.10 -7.80 49.16
N VAL D 123 11.66 -6.93 49.98
CA VAL D 123 12.84 -7.31 50.73
C VAL D 123 12.44 -8.15 51.93
N GLY D 124 11.51 -7.63 52.75
CA GLY D 124 11.03 -8.32 53.95
C GLY D 124 10.64 -9.76 53.68
N ALA D 125 10.36 -10.07 52.44
CA ALA D 125 10.20 -11.44 51.98
C ALA D 125 11.43 -12.30 52.31
N TYR D 126 12.59 -11.90 51.81
CA TYR D 126 13.84 -12.62 52.11
C TYR D 126 14.25 -12.59 53.60
N ILE D 127 13.91 -11.51 54.28
CA ILE D 127 14.10 -11.46 55.73
C ILE D 127 13.27 -12.58 56.36
N PHE D 128 12.12 -12.87 55.78
CA PHE D 128 11.23 -13.87 56.33
C PHE D 128 11.77 -15.28 56.16
N THR D 129 12.46 -15.53 55.05
CA THR D 129 13.11 -16.81 54.84
C THR D 129 14.24 -17.02 55.86
N ALA D 130 15.04 -15.99 56.05
CA ALA D 130 16.14 -16.07 56.98
C ALA D 130 15.68 -16.18 58.44
N CYS D 131 14.85 -15.24 58.90
CA CYS D 131 14.23 -15.32 60.23
C CYS D 131 13.66 -16.69 60.47
N LEU D 132 13.07 -17.27 59.43
CA LEU D 132 12.54 -18.61 59.51
C LEU D 132 13.64 -19.69 59.64
N LEU D 133 14.46 -19.84 58.62
CA LEU D 133 15.41 -20.95 58.59
C LEU D 133 16.36 -20.89 59.76
N ALA D 134 16.92 -19.71 60.03
CA ALA D 134 17.78 -19.56 61.18
C ALA D 134 17.02 -19.91 62.45
N GLY D 135 15.75 -19.54 62.52
CA GLY D 135 14.90 -19.88 63.67
C GLY D 135 14.60 -21.36 63.75
N LEU D 136 14.55 -22.02 62.60
CA LEU D 136 14.22 -23.41 62.56
C LEU D 136 15.44 -24.24 62.88
N LEU D 137 16.56 -23.80 62.33
CA LEU D 137 17.86 -24.39 62.64
C LEU D 137 18.05 -24.47 64.12
N TYR D 138 17.86 -23.33 64.78
CA TYR D 138 17.96 -23.26 66.22
C TYR D 138 17.14 -24.34 66.87
N PHE D 139 15.91 -24.51 66.42
CA PHE D 139 15.00 -25.38 67.11
C PHE D 139 15.46 -26.84 67.18
N ASN D 140 15.95 -27.35 66.06
CA ASN D 140 16.36 -28.75 66.01
C ASN D 140 17.77 -28.95 66.52
N GLU D 141 18.30 -27.91 67.16
CA GLU D 141 19.60 -27.99 67.82
C GLU D 141 19.43 -27.87 69.31
N HIS D 142 18.73 -26.84 69.77
CA HIS D 142 18.70 -26.52 71.18
C HIS D 142 17.30 -26.55 71.74
N ASP D 143 16.44 -27.28 71.03
CA ASP D 143 15.18 -27.70 71.61
C ASP D 143 14.86 -29.10 71.13
N VAL D 144 13.62 -29.54 71.32
CA VAL D 144 13.26 -30.94 71.17
C VAL D 144 13.37 -31.46 69.72
N GLY D 145 13.10 -30.59 68.75
CA GLY D 145 13.03 -31.02 67.37
C GLY D 145 11.61 -30.80 66.94
N LEU D 146 11.33 -30.95 65.65
CA LEU D 146 9.97 -30.78 65.18
C LEU D 146 9.18 -32.04 65.39
N THR D 147 9.69 -33.13 64.83
CA THR D 147 9.04 -34.41 65.01
C THR D 147 8.61 -34.57 66.48
N ARG D 148 9.48 -34.20 67.41
CA ARG D 148 9.17 -34.40 68.82
C ARG D 148 8.18 -33.40 69.38
N ALA D 149 8.29 -32.15 68.94
CA ALA D 149 7.39 -31.10 69.39
C ALA D 149 5.94 -31.53 69.14
N PHE D 150 5.70 -32.17 68.01
CA PHE D 150 4.40 -32.78 67.76
C PHE D 150 4.16 -33.92 68.74
N GLU D 151 5.05 -34.90 68.78
CA GLU D 151 4.87 -36.06 69.67
C GLU D 151 4.34 -35.64 71.03
N MET D 152 5.01 -34.65 71.62
CA MET D 152 4.67 -34.18 72.94
C MET D 152 3.27 -33.59 73.01
N VAL D 153 2.88 -32.83 71.99
CA VAL D 153 1.56 -32.22 71.97
C VAL D 153 0.45 -33.26 71.77
N TRP D 154 0.73 -34.31 71.04
CA TRP D 154 -0.23 -35.41 70.96
C TRP D 154 -0.46 -36.15 72.28
N GLU D 155 0.57 -36.27 73.11
CA GLU D 155 0.36 -36.87 74.41
C GLU D 155 0.14 -35.84 75.52
N LEU D 156 -1.02 -35.18 75.45
CA LEU D 156 -1.50 -34.34 76.53
C LEU D 156 -3.03 -34.15 76.47
N ALA E 33 27.35 36.05 -0.17
CA ALA E 33 25.95 36.49 -0.42
C ALA E 33 24.98 35.80 0.55
N GLN E 34 23.70 36.14 0.41
CA GLN E 34 22.64 35.60 1.26
C GLN E 34 21.98 34.35 0.67
N TYR E 35 21.86 33.30 1.49
CA TYR E 35 21.35 32.03 1.01
C TYR E 35 19.85 31.88 1.19
N LYS E 36 19.13 31.75 0.08
CA LYS E 36 17.73 31.38 0.20
C LYS E 36 17.62 29.88 0.45
N VAL E 37 16.88 29.52 1.50
CA VAL E 37 16.69 28.15 1.89
C VAL E 37 15.22 27.79 1.86
N ILE E 38 14.93 26.64 1.27
CA ILE E 38 13.59 26.13 1.14
C ILE E 38 13.46 24.74 1.79
N ASP E 39 12.29 24.52 2.39
CA ASP E 39 11.94 23.29 3.05
C ASP E 39 10.88 22.55 2.26
N HIS E 40 10.97 21.23 2.29
CA HIS E 40 9.97 20.37 1.70
C HIS E 40 9.69 19.32 2.75
N ALA E 41 8.53 18.68 2.67
CA ALA E 41 8.17 17.63 3.59
C ALA E 41 7.72 16.40 2.82
N TYR E 42 8.29 15.24 3.14
CA TYR E 42 8.01 14.00 2.38
C TYR E 42 8.01 12.70 3.18
N ASP E 43 7.19 11.76 2.72
CA ASP E 43 7.15 10.42 3.25
C ASP E 43 8.50 9.79 3.14
N VAL E 44 9.10 9.95 1.96
CA VAL E 44 10.41 9.36 1.74
C VAL E 44 11.11 10.14 0.66
N VAL E 45 12.43 10.19 0.73
CA VAL E 45 13.18 10.95 -0.24
C VAL E 45 14.27 10.08 -0.77
N ILE E 46 14.40 10.08 -2.10
CA ILE E 46 15.36 9.23 -2.80
C ILE E 46 16.41 10.08 -3.49
N ILE E 47 17.65 9.91 -3.05
CA ILE E 47 18.79 10.55 -3.71
C ILE E 47 19.27 9.59 -4.76
N GLY E 48 18.91 9.90 -6.00
CA GLY E 48 19.42 9.15 -7.12
C GLY E 48 18.36 8.49 -7.95
N ALA E 49 18.29 8.89 -9.19
CA ALA E 49 17.39 8.26 -10.13
C ALA E 49 18.15 7.37 -11.14
N GLY E 50 19.02 6.51 -10.66
CA GLY E 50 19.61 5.54 -11.57
C GLY E 50 18.64 4.39 -11.65
N GLY E 51 19.12 3.27 -12.21
CA GLY E 51 18.38 2.02 -12.16
C GLY E 51 17.71 1.86 -10.81
N ALA E 52 18.48 1.54 -9.78
CA ALA E 52 17.95 1.29 -8.44
C ALA E 52 17.04 2.40 -7.87
N GLY E 53 17.50 3.64 -7.91
CA GLY E 53 16.70 4.75 -7.41
C GLY E 53 15.32 4.70 -8.03
N LEU E 54 15.28 4.70 -9.35
CA LEU E 54 13.99 4.65 -10.02
C LEU E 54 13.20 3.47 -9.54
N ARG E 55 13.73 2.26 -9.61
CA ARG E 55 12.90 1.13 -9.25
C ARG E 55 12.20 1.43 -7.94
N ALA E 56 12.95 1.98 -7.00
CA ALA E 56 12.41 2.27 -5.69
C ALA E 56 11.38 3.36 -5.73
N ALA E 57 11.63 4.40 -6.52
CA ALA E 57 10.65 5.46 -6.67
C ALA E 57 9.30 4.85 -7.02
N MET E 58 9.32 3.90 -7.94
CA MET E 58 8.10 3.42 -8.52
C MET E 58 7.48 2.35 -7.65
N GLY E 59 8.25 1.86 -6.68
CA GLY E 59 7.70 0.94 -5.71
C GLY E 59 6.89 1.74 -4.72
N LEU E 60 7.49 2.77 -4.16
CA LEU E 60 6.86 3.52 -3.08
C LEU E 60 5.76 4.42 -3.59
N GLY E 61 5.82 4.72 -4.89
CA GLY E 61 4.86 5.60 -5.52
C GLY E 61 3.54 4.88 -5.68
N GLU E 62 3.56 3.77 -6.43
CA GLU E 62 2.36 2.93 -6.55
C GLU E 62 2.20 2.06 -5.29
N ALA E 63 2.32 2.72 -4.13
CA ALA E 63 1.96 2.13 -2.84
C ALA E 63 1.67 3.20 -1.78
N GLY E 64 1.23 4.36 -2.24
CA GLY E 64 0.74 5.38 -1.35
C GLY E 64 1.67 6.54 -1.10
N PHE E 65 2.87 6.26 -0.59
CA PHE E 65 3.71 7.30 0.05
C PHE E 65 4.03 8.49 -0.83
N LYS E 66 4.02 9.68 -0.21
CA LYS E 66 4.38 10.94 -0.88
C LYS E 66 5.93 11.11 -1.05
N THR E 67 6.37 10.91 -2.28
CA THR E 67 7.74 10.54 -2.59
C THR E 67 8.54 11.64 -3.30
N ALA E 68 9.85 11.67 -3.07
CA ALA E 68 10.69 12.63 -3.80
C ALA E 68 11.95 11.98 -4.39
N VAL E 69 12.22 12.23 -5.67
CA VAL E 69 13.48 11.78 -6.24
C VAL E 69 14.38 12.95 -6.47
N VAL E 70 15.55 12.88 -5.87
CA VAL E 70 16.54 13.93 -6.01
C VAL E 70 17.59 13.32 -6.88
N THR E 71 18.01 14.09 -7.89
CA THR E 71 19.02 13.62 -8.80
C THR E 71 19.62 14.79 -9.54
N LYS E 72 20.94 14.76 -9.71
CA LYS E 72 21.66 15.86 -10.36
C LYS E 72 21.52 15.84 -11.88
N MET E 73 21.57 14.68 -12.50
CA MET E 73 21.21 14.67 -13.91
C MET E 73 19.76 14.18 -14.15
N PHE E 74 19.24 14.39 -15.36
CA PHE E 74 18.02 13.74 -15.79
C PHE E 74 18.21 12.24 -15.67
N PRO E 75 17.20 11.54 -15.15
CA PRO E 75 17.40 10.16 -14.71
C PRO E 75 17.94 9.28 -15.83
N THR E 76 17.50 9.58 -17.04
CA THR E 76 17.96 8.92 -18.25
C THR E 76 19.48 8.95 -18.47
N ARG E 77 20.13 10.04 -18.10
CA ARG E 77 21.56 10.18 -18.32
C ARG E 77 22.37 9.31 -17.36
N SER E 78 21.72 8.72 -16.36
CA SER E 78 22.50 8.03 -15.34
C SER E 78 23.27 6.94 -15.95
N HIS E 79 24.19 6.40 -15.17
CA HIS E 79 25.14 5.47 -15.74
C HIS E 79 24.48 4.20 -16.19
N THR E 80 23.42 3.85 -15.49
CA THR E 80 22.68 2.65 -15.81
C THR E 80 22.36 2.67 -17.29
N THR E 81 22.31 3.85 -17.86
CA THR E 81 21.90 4.00 -19.25
C THR E 81 22.97 3.41 -20.17
N ALA E 82 24.14 3.17 -19.57
CA ALA E 82 25.35 2.93 -20.36
C ALA E 82 25.66 1.49 -20.32
N ALA E 83 24.85 0.76 -19.55
CA ALA E 83 25.03 -0.66 -19.37
C ALA E 83 24.72 -1.38 -20.66
N GLN E 84 25.46 -2.45 -20.92
CA GLN E 84 25.38 -3.17 -22.19
C GLN E 84 24.98 -4.62 -22.03
N GLY E 85 25.91 -5.45 -21.58
CA GLY E 85 25.76 -6.91 -21.53
C GLY E 85 24.43 -7.54 -21.18
N GLY E 86 23.87 -7.21 -20.02
CA GLY E 86 22.56 -7.73 -19.67
C GLY E 86 22.20 -7.91 -18.20
N ILE E 87 21.39 -8.91 -17.95
CA ILE E 87 20.80 -9.14 -16.65
C ILE E 87 20.69 -10.65 -16.48
N ASN E 88 20.78 -11.13 -15.24
CA ASN E 88 20.75 -12.56 -15.02
C ASN E 88 19.47 -12.94 -14.35
N ALA E 89 18.89 -14.06 -14.80
CA ALA E 89 17.80 -14.70 -14.09
C ALA E 89 17.70 -16.06 -14.70
N ALA E 90 17.40 -17.03 -13.86
CA ALA E 90 17.18 -18.35 -14.35
C ALA E 90 15.75 -18.43 -14.90
N LEU E 91 15.53 -17.90 -16.10
CA LEU E 91 14.22 -17.98 -16.77
C LEU E 91 14.15 -19.29 -17.52
N GLY E 92 15.31 -19.73 -18.00
CA GLY E 92 15.42 -20.99 -18.73
C GLY E 92 14.81 -20.88 -20.11
N SER E 93 15.20 -19.86 -20.86
CA SER E 93 14.69 -19.73 -22.19
C SER E 93 15.51 -20.49 -23.23
N MET E 94 16.82 -20.55 -23.07
CA MET E 94 17.62 -21.33 -24.02
C MET E 94 17.76 -22.81 -23.64
N ASN E 95 17.62 -23.11 -22.34
CA ASN E 95 17.72 -24.48 -21.73
C ASN E 95 17.31 -24.46 -20.24
N PRO E 96 17.11 -25.64 -19.61
CA PRO E 96 16.72 -25.57 -18.16
C PRO E 96 17.79 -24.86 -17.32
N ASP E 97 17.42 -24.45 -16.10
CA ASP E 97 18.25 -23.54 -15.28
C ASP E 97 17.58 -23.29 -13.95
N ASP E 98 18.24 -23.62 -12.85
CA ASP E 98 17.63 -23.46 -11.53
C ASP E 98 18.10 -22.14 -10.92
N TRP E 99 17.24 -21.44 -10.20
CA TRP E 99 17.68 -20.22 -9.53
C TRP E 99 18.73 -20.54 -8.48
N LYS E 100 18.62 -21.74 -7.94
CA LYS E 100 19.62 -22.33 -7.07
C LYS E 100 20.99 -22.51 -7.77
N TRP E 101 21.00 -22.69 -9.10
CA TRP E 101 22.27 -22.83 -9.79
C TRP E 101 22.90 -21.47 -9.88
N HIS E 102 22.05 -20.47 -10.03
CA HIS E 102 22.47 -19.08 -10.14
C HIS E 102 23.11 -18.69 -8.82
N PHE E 103 22.45 -19.08 -7.73
CA PHE E 103 22.94 -18.90 -6.39
C PHE E 103 24.34 -19.45 -6.24
N TYR E 104 24.51 -20.74 -6.45
CA TYR E 104 25.84 -21.31 -6.38
C TYR E 104 26.89 -20.38 -7.00
N ASP E 105 26.64 -19.89 -8.20
CA ASP E 105 27.66 -19.18 -8.96
C ASP E 105 27.96 -17.83 -8.42
N THR E 106 26.97 -17.25 -7.77
CA THR E 106 27.17 -15.97 -7.17
C THR E 106 28.03 -16.08 -5.93
N ALA E 107 27.79 -17.14 -5.13
CA ALA E 107 28.65 -17.47 -3.99
C ALA E 107 30.08 -17.75 -4.47
N LYS E 108 30.25 -18.65 -5.44
CA LYS E 108 31.60 -19.00 -5.89
C LYS E 108 32.37 -17.79 -6.45
N GLY E 109 31.72 -17.03 -7.31
CA GLY E 109 32.31 -15.83 -7.89
C GLY E 109 32.59 -14.76 -6.86
N SER E 110 31.93 -14.83 -5.72
CA SER E 110 32.15 -13.82 -4.68
C SER E 110 33.40 -14.11 -3.86
N ASP E 111 34.16 -15.11 -4.32
CA ASP E 111 35.31 -15.70 -3.59
C ASP E 111 35.02 -15.79 -2.07
N TRP E 112 33.75 -16.06 -1.77
CA TRP E 112 33.21 -16.25 -0.41
C TRP E 112 33.34 -15.14 0.59
N LEU E 113 33.26 -13.91 0.14
CA LEU E 113 33.13 -12.84 1.10
C LEU E 113 31.69 -12.35 1.06
N GLY E 114 30.89 -13.01 0.22
CA GLY E 114 29.50 -12.61 0.02
C GLY E 114 28.66 -13.09 1.18
N ASP E 115 27.79 -12.19 1.66
CA ASP E 115 26.79 -12.53 2.66
C ASP E 115 25.76 -13.43 2.02
N GLN E 116 25.82 -14.72 2.36
CA GLN E 116 25.04 -15.75 1.70
C GLN E 116 23.53 -15.56 1.77
N ASN E 117 23.05 -14.99 2.87
CA ASN E 117 21.65 -14.69 3.02
C ASN E 117 21.20 -13.69 1.96
N ALA E 118 21.99 -12.65 1.76
CA ALA E 118 21.66 -11.57 0.83
C ALA E 118 21.67 -12.10 -0.59
N MET E 119 22.71 -12.84 -0.94
CA MET E 119 22.77 -13.45 -2.26
C MET E 119 21.57 -14.35 -2.47
N HIS E 120 21.11 -15.00 -1.40
CA HIS E 120 19.99 -15.92 -1.48
C HIS E 120 18.76 -15.15 -1.93
N TYR E 121 18.43 -14.07 -1.23
CA TYR E 121 17.36 -13.17 -1.65
C TYR E 121 17.44 -12.91 -3.14
N LEU E 122 18.64 -12.52 -3.56
CA LEU E 122 18.86 -12.04 -4.90
C LEU E 122 18.62 -13.04 -6.01
N THR E 123 19.10 -14.27 -5.89
CA THR E 123 18.96 -15.19 -7.02
C THR E 123 17.57 -15.81 -7.06
N ARG E 124 16.95 -15.88 -5.88
CA ARG E 124 15.61 -16.41 -5.75
C ARG E 124 14.67 -15.48 -6.47
N ASN E 125 14.68 -14.21 -6.10
CA ASN E 125 13.76 -13.26 -6.67
C ASN E 125 14.18 -12.75 -8.01
N ALA E 126 14.99 -13.52 -8.72
CA ALA E 126 15.58 -13.05 -9.97
C ALA E 126 14.53 -12.98 -11.06
N VAL E 127 13.78 -14.06 -11.17
CA VAL E 127 12.85 -14.23 -12.28
C VAL E 127 11.72 -13.21 -12.17
N GLU E 128 11.16 -13.07 -10.98
CA GLU E 128 10.12 -12.09 -10.77
C GLU E 128 10.56 -10.67 -11.17
N ALA E 129 11.80 -10.37 -10.90
CA ALA E 129 12.32 -9.05 -11.14
C ALA E 129 12.54 -8.81 -12.62
N VAL E 130 13.05 -9.81 -13.34
CA VAL E 130 13.18 -9.69 -14.79
C VAL E 130 11.78 -9.61 -15.38
N THR E 131 10.95 -10.57 -15.02
CA THR E 131 9.62 -10.59 -15.59
C THR E 131 8.91 -9.24 -15.45
N GLU E 132 8.91 -8.70 -14.24
CA GLU E 132 8.27 -7.41 -14.04
C GLU E 132 8.59 -6.50 -15.19
N LEU E 133 9.85 -6.40 -15.55
CA LEU E 133 10.29 -5.43 -16.53
C LEU E 133 9.74 -5.76 -17.89
N GLU E 134 9.61 -7.05 -18.19
CA GLU E 134 8.99 -7.42 -19.46
C GLU E 134 7.51 -7.07 -19.42
N ASN E 135 6.90 -7.13 -18.26
CA ASN E 135 5.54 -6.62 -18.10
C ASN E 135 5.43 -5.09 -17.99
N PHE E 136 6.56 -4.39 -17.97
CA PHE E 136 6.54 -2.94 -17.95
C PHE E 136 6.79 -2.38 -19.34
N GLY E 137 7.28 -3.23 -20.25
CA GLY E 137 7.43 -2.84 -21.66
C GLY E 137 8.83 -2.98 -22.17
N MET E 138 9.61 -3.84 -21.56
CA MET E 138 10.96 -3.92 -22.00
C MET E 138 11.10 -4.73 -23.26
N PRO E 139 11.71 -4.15 -24.29
CA PRO E 139 11.84 -4.88 -25.53
C PRO E 139 12.99 -5.83 -25.48
N PHE E 140 12.87 -6.91 -24.71
CA PHE E 140 13.90 -7.94 -24.69
C PHE E 140 13.98 -8.65 -26.03
N SER E 141 15.18 -8.81 -26.56
CA SER E 141 15.42 -9.70 -27.71
C SER E 141 14.73 -11.06 -27.49
N ARG E 142 14.32 -11.70 -28.57
CA ARG E 142 13.34 -12.77 -28.43
C ARG E 142 13.73 -14.12 -29.06
N THR E 143 13.27 -15.20 -28.45
CA THR E 143 13.54 -16.54 -28.96
C THR E 143 12.55 -16.91 -30.03
N PRO E 144 12.92 -17.87 -30.90
CA PRO E 144 11.95 -18.28 -31.89
C PRO E 144 10.64 -18.69 -31.24
N GLU E 145 10.68 -19.25 -30.04
CA GLU E 145 9.45 -19.48 -29.26
C GLU E 145 8.84 -18.20 -28.71
N GLY E 146 9.53 -17.06 -28.85
CA GLY E 146 9.02 -15.79 -28.33
C GLY E 146 9.17 -15.61 -26.83
N LYS E 147 10.07 -16.40 -26.22
CA LYS E 147 10.52 -16.18 -24.85
C LYS E 147 11.77 -15.29 -24.87
N ILE E 148 12.11 -14.65 -23.74
CA ILE E 148 13.22 -13.69 -23.73
C ILE E 148 14.54 -14.36 -24.02
N TYR E 149 15.32 -13.77 -24.91
CA TYR E 149 16.62 -14.31 -25.31
C TYR E 149 17.66 -14.12 -24.21
N GLN E 150 18.47 -15.14 -23.98
CA GLN E 150 19.52 -15.08 -22.99
C GLN E 150 20.80 -15.50 -23.68
N ARG E 151 21.92 -15.02 -23.15
CA ARG E 151 23.24 -15.39 -23.66
C ARG E 151 24.17 -15.68 -22.49
N SER E 152 25.34 -16.22 -22.78
CA SER E 152 26.30 -16.60 -21.75
C SER E 152 27.19 -15.44 -21.34
N PHE E 153 27.69 -15.52 -20.12
CA PHE E 153 28.57 -14.51 -19.54
C PHE E 153 29.74 -15.13 -18.78
N GLY E 154 30.51 -14.28 -18.10
CA GLY E 154 31.64 -14.73 -17.32
C GLY E 154 31.27 -15.46 -16.05
N GLY E 155 31.79 -16.68 -15.93
CA GLY E 155 31.79 -17.47 -14.69
C GLY E 155 30.49 -18.00 -14.14
N GLN E 156 29.60 -18.45 -15.05
CA GLN E 156 28.33 -19.07 -14.65
C GLN E 156 28.22 -20.43 -15.29
N SER E 157 27.56 -21.35 -14.60
CA SER E 157 27.46 -22.72 -15.10
C SER E 157 26.25 -23.49 -14.59
N ASN E 158 26.04 -24.65 -15.19
CA ASN E 158 24.90 -25.53 -14.93
C ASN E 158 25.16 -26.60 -13.89
N ASN E 159 24.12 -26.94 -13.13
CA ASN E 159 24.17 -28.05 -12.19
C ASN E 159 25.18 -27.87 -11.04
N TYR E 160 25.15 -26.70 -10.40
CA TYR E 160 26.03 -26.41 -9.27
C TYR E 160 27.50 -26.61 -9.63
N GLY E 161 27.92 -26.13 -10.80
CA GLY E 161 29.32 -26.18 -11.16
C GLY E 161 29.68 -27.26 -12.17
N LYS E 162 29.08 -28.44 -12.02
CA LYS E 162 29.50 -29.58 -12.83
C LYS E 162 29.04 -29.57 -14.30
N GLY E 163 27.92 -28.90 -14.58
CA GLY E 163 27.35 -28.84 -15.94
C GLY E 163 28.04 -27.86 -16.90
N GLY E 164 27.37 -27.53 -18.00
CA GLY E 164 27.98 -26.71 -19.05
C GLY E 164 28.08 -25.21 -18.72
N VAL E 165 28.51 -24.43 -19.70
CA VAL E 165 28.45 -22.97 -19.60
C VAL E 165 26.97 -22.62 -19.54
N ALA E 166 26.59 -21.65 -18.70
CA ALA E 166 25.17 -21.29 -18.60
C ALA E 166 24.72 -20.16 -19.55
N LYS E 167 23.40 -20.01 -19.71
CA LYS E 167 22.81 -18.90 -20.48
C LYS E 167 21.69 -18.22 -19.67
N ARG E 168 22.07 -17.32 -18.78
CA ARG E 168 21.14 -16.73 -17.83
C ARG E 168 21.00 -15.26 -18.07
N THR E 169 21.62 -14.77 -19.13
CA THR E 169 21.71 -13.34 -19.28
C THR E 169 20.72 -12.74 -20.25
N CYS E 170 19.58 -12.33 -19.70
CA CYS E 170 18.54 -11.68 -20.45
C CYS E 170 19.03 -10.33 -20.97
N CYS E 171 18.62 -9.96 -22.18
CA CYS E 171 19.18 -8.79 -22.86
C CYS E 171 18.36 -8.19 -24.01
N VAL E 172 18.47 -6.88 -24.16
CA VAL E 172 17.87 -6.15 -25.28
C VAL E 172 18.98 -5.93 -26.28
N ALA E 173 19.46 -7.02 -26.88
CA ALA E 173 20.67 -6.98 -27.71
C ALA E 173 21.84 -6.48 -26.90
N ASP E 174 22.20 -5.24 -27.16
CA ASP E 174 23.45 -4.69 -26.71
C ASP E 174 23.27 -3.50 -25.78
N ARG E 175 22.05 -3.05 -25.64
CA ARG E 175 21.78 -1.74 -25.06
C ARG E 175 20.92 -1.94 -23.81
N THR E 176 21.05 -3.12 -23.21
CA THR E 176 20.15 -3.55 -22.15
C THR E 176 19.95 -2.51 -21.08
N GLY E 177 21.03 -1.87 -20.65
CA GLY E 177 20.92 -0.84 -19.62
C GLY E 177 20.03 0.34 -19.98
N HIS E 178 20.32 0.93 -21.12
CA HIS E 178 19.59 2.06 -21.63
C HIS E 178 18.10 1.77 -21.76
N SER E 179 17.81 0.54 -22.16
CA SER E 179 16.46 0.13 -22.35
C SER E 179 15.75 -0.04 -21.00
N MET E 180 16.32 -0.86 -20.14
CA MET E 180 15.84 -1.02 -18.78
C MET E 180 15.50 0.31 -18.12
N LEU E 181 16.44 1.23 -18.12
CA LEU E 181 16.23 2.50 -17.47
C LEU E 181 15.14 3.32 -18.14
N HIS E 182 14.96 3.15 -19.44
CA HIS E 182 13.86 3.88 -20.08
C HIS E 182 12.50 3.38 -19.63
N THR E 183 12.33 2.06 -19.66
CA THR E 183 11.15 1.44 -19.12
C THR E 183 10.91 1.95 -17.70
N LEU E 184 11.96 1.87 -16.89
CA LEU E 184 11.89 2.23 -15.48
C LEU E 184 11.55 3.66 -15.30
N TYR E 185 12.02 4.52 -16.18
CA TYR E 185 11.67 5.92 -16.07
C TYR E 185 10.22 6.19 -16.46
N GLY E 186 9.86 5.89 -17.71
CA GLY E 186 8.49 6.02 -18.19
C GLY E 186 7.48 5.35 -17.28
N ASN E 187 7.81 4.20 -16.73
CA ASN E 187 6.83 3.57 -15.89
C ASN E 187 6.62 4.33 -14.64
N SER E 188 7.63 5.07 -14.20
CA SER E 188 7.54 5.80 -12.95
C SER E 188 6.97 7.20 -13.14
N LEU E 189 6.64 7.56 -14.37
CA LEU E 189 5.84 8.75 -14.60
C LEU E 189 4.39 8.47 -14.26
N ARG E 190 4.02 7.19 -14.34
CA ARG E 190 2.75 6.74 -13.80
C ARG E 190 2.62 7.00 -12.26
N CYS E 191 3.52 6.42 -11.46
CA CYS E 191 3.31 6.35 -10.00
C CYS E 191 3.80 7.51 -9.15
N HIS E 192 3.24 8.69 -9.41
CA HIS E 192 3.27 9.88 -8.52
C HIS E 192 4.55 10.17 -7.75
N CYS E 193 5.54 10.69 -8.47
CA CYS E 193 6.82 10.90 -7.89
C CYS E 193 7.16 12.30 -8.20
N THR E 194 7.32 13.12 -7.17
CA THR E 194 7.72 14.48 -7.47
C THR E 194 9.26 14.51 -7.60
N PHE E 195 9.72 14.67 -8.86
CA PHE E 195 11.13 14.64 -9.27
C PHE E 195 11.77 15.98 -9.15
N PHE E 196 12.87 16.06 -8.38
CA PHE E 196 13.70 17.25 -8.39
C PHE E 196 14.90 16.91 -9.20
N ILE E 197 15.00 17.61 -10.32
CA ILE E 197 15.98 17.33 -11.34
C ILE E 197 17.00 18.45 -11.35
N GLU E 198 18.27 18.03 -11.29
CA GLU E 198 19.44 18.88 -11.30
C GLU E 198 19.61 19.50 -9.96
N TYR E 199 19.52 18.65 -8.95
CA TYR E 199 19.73 19.03 -7.58
C TYR E 199 20.92 18.28 -7.02
N PHE E 200 21.93 19.01 -6.58
CA PHE E 200 23.10 18.37 -6.00
C PHE E 200 22.88 18.17 -4.52
N ALA E 201 22.84 16.91 -4.10
CA ALA E 201 22.67 16.56 -2.68
C ALA E 201 23.98 16.71 -1.94
N LEU E 202 24.05 17.74 -1.12
CA LEU E 202 25.22 18.05 -0.31
C LEU E 202 25.45 17.03 0.76
N ASP E 203 24.66 17.06 1.83
CA ASP E 203 24.91 16.17 2.99
C ASP E 203 23.60 15.63 3.56
N LEU E 204 23.70 14.49 4.21
CA LEU E 204 22.56 13.86 4.88
C LEU E 204 22.11 14.65 6.09
N LEU E 205 20.98 14.27 6.68
CA LEU E 205 20.50 14.95 7.87
C LEU E 205 20.46 14.05 9.11
N MET E 206 21.32 14.37 10.07
CA MET E 206 21.42 13.60 11.32
C MET E 206 20.76 14.31 12.50
N ASP E 207 19.90 13.57 13.19
CA ASP E 207 19.35 14.05 14.47
C ASP E 207 19.29 12.92 15.51
N LYS E 208 20.12 13.07 16.54
CA LYS E 208 20.32 12.07 17.59
C LYS E 208 20.33 10.65 17.00
N GLY E 209 21.22 10.43 16.02
CA GLY E 209 21.41 9.12 15.38
C GLY E 209 20.24 8.59 14.55
N ARG E 210 19.55 9.47 13.83
CA ARG E 210 18.56 9.02 12.87
C ARG E 210 18.58 9.91 11.65
N CYS E 211 18.67 9.28 10.48
CA CYS E 211 18.46 10.01 9.26
C CYS E 211 17.05 10.53 9.24
N VAL E 212 16.96 11.83 9.00
CA VAL E 212 15.69 12.49 8.97
C VAL E 212 15.49 13.18 7.63
N GLY E 213 16.50 13.14 6.77
CA GLY E 213 16.39 13.83 5.49
C GLY E 213 17.68 14.15 4.78
N VAL E 214 17.63 15.17 3.91
CA VAL E 214 18.69 15.48 2.97
C VAL E 214 18.68 16.93 2.55
N ILE E 215 19.86 17.51 2.54
CA ILE E 215 20.02 18.88 2.08
C ILE E 215 20.75 18.93 0.72
N ALA E 216 20.19 19.71 -0.21
CA ALA E 216 20.63 19.75 -1.59
C ALA E 216 20.62 21.16 -2.15
N LEU E 217 21.44 21.37 -3.17
CA LEU E 217 21.49 22.63 -3.88
C LEU E 217 20.92 22.40 -5.25
N CYS E 218 20.04 23.31 -5.66
CA CYS E 218 19.45 23.30 -7.00
C CYS E 218 20.24 24.18 -7.97
N LEU E 219 20.55 23.63 -9.14
CA LEU E 219 21.42 24.30 -10.06
C LEU E 219 20.67 25.30 -10.93
N GLU E 220 19.45 24.96 -11.33
CA GLU E 220 18.64 25.84 -12.17
C GLU E 220 18.74 27.28 -11.68
N ASP E 221 18.26 27.55 -10.47
CA ASP E 221 18.24 28.94 -9.96
C ASP E 221 19.02 29.17 -8.66
N GLY E 222 19.90 28.23 -8.33
CA GLY E 222 20.93 28.44 -7.31
C GLY E 222 20.41 28.73 -5.91
N THR E 223 19.51 27.89 -5.41
CA THR E 223 19.03 27.99 -4.05
C THR E 223 19.34 26.71 -3.30
N ILE E 224 19.01 26.71 -2.01
CA ILE E 224 19.27 25.57 -1.11
C ILE E 224 17.99 24.92 -0.58
N HIS E 225 18.00 23.58 -0.53
CA HIS E 225 16.80 22.85 -0.22
C HIS E 225 17.01 21.85 0.87
N ARG E 226 16.16 21.91 1.89
CA ARG E 226 16.12 20.87 2.91
C ARG E 226 14.91 19.97 2.71
N PHE E 227 15.07 18.70 3.06
CA PHE E 227 14.05 17.70 2.79
C PHE E 227 13.82 16.85 4.02
N ARG E 228 12.71 17.09 4.71
CA ARG E 228 12.37 16.33 5.92
C ARG E 228 11.59 15.13 5.43
N SER E 229 11.91 13.96 5.97
CA SER E 229 11.36 12.70 5.47
C SER E 229 11.42 11.57 6.46
N LYS E 230 10.37 10.75 6.45
CA LYS E 230 10.31 9.54 7.29
C LYS E 230 11.42 8.57 6.99
N ARG E 231 11.69 8.34 5.72
CA ARG E 231 12.87 7.57 5.33
C ARG E 231 13.67 8.38 4.32
N THR E 232 14.77 7.77 3.88
CA THR E 232 15.68 8.33 2.91
C THR E 232 16.40 7.13 2.33
N ILE E 233 16.37 7.01 1.00
CA ILE E 233 17.11 5.96 0.31
C ILE E 233 18.26 6.54 -0.45
N VAL E 234 19.45 6.01 -0.23
CA VAL E 234 20.62 6.47 -0.97
C VAL E 234 20.87 5.59 -2.17
N ALA E 235 20.81 6.18 -3.35
CA ALA E 235 20.96 5.42 -4.58
C ALA E 235 21.75 6.17 -5.64
N THR E 236 23.07 6.24 -5.43
CA THR E 236 23.91 7.26 -6.11
C THR E 236 25.00 6.65 -6.98
N GLY E 237 25.13 5.33 -6.90
CA GLY E 237 26.14 4.63 -7.67
C GLY E 237 27.57 4.88 -7.22
N GLY E 238 28.51 4.38 -8.03
CA GLY E 238 29.93 4.27 -7.66
C GLY E 238 30.81 5.51 -7.71
N TYR E 239 32.12 5.27 -7.72
CA TYR E 239 33.13 6.33 -7.71
C TYR E 239 34.35 6.01 -8.60
N GLY E 240 34.12 5.37 -9.74
CA GLY E 240 35.23 5.08 -10.65
C GLY E 240 36.07 6.28 -11.03
N ARG E 241 35.48 7.47 -11.07
CA ARG E 241 36.18 8.69 -11.42
C ARG E 241 37.25 9.11 -10.41
N ALA E 242 37.63 8.22 -9.50
CA ALA E 242 38.74 8.46 -8.60
C ALA E 242 39.91 7.66 -9.14
N TYR E 243 39.87 7.38 -10.42
CA TYR E 243 40.91 6.66 -11.09
C TYR E 243 41.16 7.36 -12.40
N PHE E 244 42.15 6.89 -13.15
CA PHE E 244 42.51 7.58 -14.37
C PHE E 244 41.79 6.96 -15.55
N SER E 245 41.84 5.65 -15.61
CA SER E 245 41.19 4.91 -16.66
C SER E 245 40.05 4.15 -16.02
N CYS E 246 38.84 4.70 -16.10
CA CYS E 246 37.68 3.97 -15.64
C CYS E 246 36.60 3.97 -16.70
N THR E 247 35.76 2.95 -16.68
CA THR E 247 34.64 2.86 -17.62
C THR E 247 33.46 3.78 -17.27
N THR E 248 33.45 4.36 -16.08
CA THR E 248 32.30 5.11 -15.62
C THR E 248 32.22 6.59 -16.06
N ALA E 249 31.04 7.17 -15.91
CA ALA E 249 30.76 8.52 -16.40
C ALA E 249 31.35 9.62 -15.54
N HIS E 250 31.44 10.82 -16.08
CA HIS E 250 31.93 11.97 -15.31
C HIS E 250 31.01 12.35 -14.15
N MET E 251 30.12 11.46 -13.78
CA MET E 251 29.19 11.80 -12.75
C MET E 251 29.30 10.81 -11.61
N ASN E 252 30.08 9.75 -11.86
CA ASN E 252 30.20 8.63 -10.91
C ASN E 252 31.32 8.77 -9.86
N THR E 253 30.98 9.58 -8.85
CA THR E 253 31.93 10.22 -7.93
C THR E 253 31.72 9.85 -6.47
N GLY E 254 30.97 8.79 -6.22
CA GLY E 254 30.72 8.28 -4.87
C GLY E 254 30.16 9.31 -3.89
N ASP E 255 29.30 10.20 -4.38
CA ASP E 255 28.68 11.19 -3.52
C ASP E 255 27.89 10.48 -2.43
N GLY E 256 27.21 9.39 -2.79
CA GLY E 256 26.50 8.63 -1.78
C GLY E 256 27.41 8.28 -0.63
N THR E 257 28.44 7.48 -0.93
CA THR E 257 29.33 6.95 0.10
C THR E 257 29.89 8.07 0.94
N ALA E 258 30.36 9.12 0.28
CA ALA E 258 30.85 10.29 0.97
C ALA E 258 29.82 10.92 1.91
N LEU E 259 28.56 11.00 1.49
CA LEU E 259 27.48 11.52 2.35
C LEU E 259 27.32 10.71 3.63
N ALA E 260 27.58 9.41 3.53
CA ALA E 260 27.55 8.53 4.68
C ALA E 260 28.81 8.66 5.57
N THR E 261 30.00 8.60 4.99
CA THR E 261 31.21 8.89 5.77
C THR E 261 31.13 10.28 6.43
N ARG E 262 30.45 11.21 5.78
CA ARG E 262 30.26 12.55 6.33
C ARG E 262 29.16 12.54 7.41
N ALA E 263 28.57 11.36 7.63
CA ALA E 263 27.51 11.16 8.64
C ALA E 263 27.78 9.98 9.59
N GLY E 264 29.04 9.74 9.90
CA GLY E 264 29.37 8.73 10.89
C GLY E 264 29.38 7.28 10.41
N ILE E 265 28.60 6.96 9.41
CA ILE E 265 28.64 5.60 8.93
C ILE E 265 30.00 5.25 8.31
N ALA E 266 30.63 4.21 8.84
CA ALA E 266 31.75 3.57 8.18
C ALA E 266 31.22 2.79 6.99
N LEU E 267 32.03 2.72 5.93
CA LEU E 267 31.71 2.00 4.70
C LEU E 267 32.40 0.65 4.64
N GLU E 268 31.79 -0.38 4.06
CA GLU E 268 32.47 -1.68 4.01
C GLU E 268 33.16 -1.99 2.68
N ASP E 269 34.22 -2.79 2.76
CA ASP E 269 34.92 -3.37 1.61
C ASP E 269 35.33 -2.44 0.45
N LEU E 270 35.80 -1.24 0.77
CA LEU E 270 36.19 -0.30 -0.27
C LEU E 270 37.39 -0.74 -1.09
N GLU E 271 38.15 -1.69 -0.59
CA GLU E 271 39.32 -2.21 -1.30
C GLU E 271 39.00 -3.12 -2.47
N PHE E 272 37.74 -3.45 -2.66
CA PHE E 272 37.41 -4.39 -3.71
C PHE E 272 36.90 -3.76 -5.01
N ILE E 273 37.81 -3.68 -5.99
CA ILE E 273 37.57 -2.89 -7.18
C ILE E 273 37.60 -3.76 -8.41
N GLN E 274 36.45 -3.84 -9.06
CA GLN E 274 36.30 -4.65 -10.26
C GLN E 274 37.15 -4.07 -11.38
N PHE E 275 37.92 -4.92 -12.06
CA PHE E 275 38.62 -4.46 -13.25
C PHE E 275 38.00 -5.11 -14.46
N HIS E 276 37.46 -4.31 -15.35
CA HIS E 276 36.81 -4.94 -16.46
C HIS E 276 37.86 -5.32 -17.46
N PRO E 277 37.89 -6.61 -17.84
CA PRO E 277 38.90 -7.18 -18.71
C PRO E 277 39.00 -6.49 -20.06
N THR E 278 37.89 -5.94 -20.55
CA THR E 278 37.83 -5.50 -21.93
C THR E 278 37.34 -4.07 -22.09
N GLY E 279 38.14 -3.13 -21.62
CA GLY E 279 37.92 -1.73 -21.94
C GLY E 279 38.82 -1.32 -23.10
N ILE E 280 38.29 -0.48 -23.99
CA ILE E 280 39.09 0.08 -25.09
C ILE E 280 40.39 0.79 -24.64
N TYR E 281 41.51 0.43 -25.27
CA TYR E 281 42.83 0.80 -24.75
C TYR E 281 43.15 2.30 -24.76
N GLY E 282 42.62 3.05 -25.72
CA GLY E 282 42.81 4.48 -25.63
C GLY E 282 41.92 5.04 -24.53
N VAL E 283 40.62 4.95 -24.76
CA VAL E 283 39.64 5.79 -24.09
C VAL E 283 38.89 5.14 -22.91
N GLY E 284 38.93 3.82 -22.83
CA GLY E 284 38.37 3.11 -21.69
C GLY E 284 36.87 2.97 -21.63
N CYS E 285 36.21 3.05 -22.80
CA CYS E 285 34.82 2.63 -22.95
C CYS E 285 34.79 1.13 -22.93
N LEU E 286 33.62 0.59 -22.64
CA LEU E 286 33.52 -0.83 -22.42
C LEU E 286 33.18 -1.64 -23.67
N ILE E 287 33.82 -2.80 -23.81
CA ILE E 287 33.40 -3.79 -24.77
C ILE E 287 32.83 -4.97 -23.99
N THR E 288 31.53 -5.12 -24.05
CA THR E 288 30.81 -6.09 -23.23
C THR E 288 31.48 -7.47 -23.12
N GLU E 289 31.24 -8.12 -21.99
CA GLU E 289 31.58 -9.51 -21.74
C GLU E 289 30.72 -10.35 -22.65
N GLY E 290 29.70 -9.70 -23.21
CA GLY E 290 28.80 -10.32 -24.17
C GLY E 290 29.53 -10.68 -25.44
N SER E 291 30.50 -9.84 -25.79
CA SER E 291 31.36 -10.10 -26.93
C SER E 291 32.02 -11.45 -26.77
N ARG E 292 32.59 -11.68 -25.60
CA ARG E 292 33.25 -12.94 -25.28
C ARG E 292 32.24 -14.07 -25.08
N GLY E 293 31.04 -13.72 -24.61
CA GLY E 293 29.95 -14.68 -24.48
C GLY E 293 29.55 -15.29 -25.82
N GLU E 294 29.41 -14.42 -26.81
CA GLU E 294 28.97 -14.80 -28.15
C GLU E 294 29.93 -15.75 -28.87
N GLY E 295 31.17 -15.82 -28.39
CA GLY E 295 32.19 -16.63 -29.03
C GLY E 295 33.29 -15.77 -29.62
N GLY E 296 33.61 -14.67 -28.91
CA GLY E 296 34.83 -13.88 -29.16
C GLY E 296 35.90 -14.11 -28.08
N PHE E 297 37.18 -13.98 -28.46
CA PHE E 297 38.25 -14.25 -27.50
C PHE E 297 39.40 -13.22 -27.48
N LEU E 298 40.25 -13.34 -26.46
CA LEU E 298 41.41 -12.47 -26.27
C LEU E 298 42.67 -13.11 -26.85
N VAL E 299 43.52 -12.29 -27.47
CA VAL E 299 44.74 -12.78 -28.14
C VAL E 299 46.02 -11.99 -27.84
N ASN E 300 47.15 -12.69 -27.69
CA ASN E 300 48.48 -12.10 -27.43
C ASN E 300 49.37 -12.02 -28.67
N SER E 301 50.52 -11.35 -28.54
CA SER E 301 51.37 -11.02 -29.69
C SER E 301 51.89 -12.23 -30.45
N GLU E 302 51.80 -13.41 -29.86
CA GLU E 302 52.21 -14.64 -30.54
C GLU E 302 51.06 -15.19 -31.40
N GLY E 303 49.84 -14.97 -30.93
CA GLY E 303 48.65 -15.32 -31.71
C GLY E 303 47.83 -16.39 -31.03
N GLU E 304 47.87 -16.41 -29.70
CA GLU E 304 47.28 -17.50 -28.92
C GLU E 304 46.05 -17.13 -28.07
N ARG E 305 45.05 -18.01 -28.12
CA ARG E 305 43.87 -17.96 -27.25
C ARG E 305 44.33 -18.27 -25.84
N PHE E 306 44.95 -17.30 -25.17
CA PHE E 306 45.69 -17.62 -23.95
C PHE E 306 44.87 -18.07 -22.74
N MET E 307 43.59 -17.72 -22.71
CA MET E 307 42.73 -18.17 -21.62
C MET E 307 42.68 -19.68 -21.50
N GLU E 308 42.97 -20.36 -22.61
CA GLU E 308 43.09 -21.81 -22.62
C GLU E 308 44.15 -22.31 -21.63
N ARG E 309 45.13 -21.45 -21.33
CA ARG E 309 46.26 -21.81 -20.44
C ARG E 309 46.17 -21.18 -19.04
N TYR E 310 45.26 -20.24 -18.86
CA TYR E 310 45.12 -19.61 -17.56
C TYR E 310 43.92 -20.12 -16.81
N ALA E 311 43.16 -21.04 -17.41
CA ALA E 311 41.93 -21.57 -16.82
C ALA E 311 41.20 -22.41 -17.86
N PRO E 312 41.72 -23.61 -18.17
CA PRO E 312 41.35 -24.33 -19.40
C PRO E 312 39.92 -24.86 -19.45
N LYS E 313 39.18 -24.79 -18.34
CA LYS E 313 37.73 -25.08 -18.38
C LYS E 313 36.90 -23.87 -18.87
N ALA E 314 36.82 -22.82 -18.04
CA ALA E 314 36.00 -21.63 -18.35
C ALA E 314 36.57 -20.75 -19.45
N LYS E 315 37.80 -21.04 -19.87
CA LYS E 315 38.42 -20.32 -20.97
C LYS E 315 38.20 -18.81 -20.82
N ASP E 316 37.68 -18.16 -21.86
CA ASP E 316 37.49 -16.71 -21.83
C ASP E 316 36.30 -16.31 -20.97
N LEU E 317 35.46 -17.29 -20.66
CA LEU E 317 34.29 -17.05 -19.82
C LEU E 317 34.61 -17.34 -18.37
N ALA E 318 35.87 -17.19 -18.01
CA ALA E 318 36.27 -17.21 -16.62
C ALA E 318 35.88 -15.89 -15.98
N SER E 319 35.73 -15.86 -14.66
CA SER E 319 35.29 -14.65 -13.96
C SER E 319 36.22 -13.48 -14.22
N ARG E 320 35.75 -12.28 -13.92
CA ARG E 320 36.51 -11.09 -14.22
C ARG E 320 37.87 -11.09 -13.54
N ASP E 321 37.88 -11.15 -12.20
CA ASP E 321 39.15 -11.10 -11.44
C ASP E 321 40.28 -11.90 -12.09
N VAL E 322 40.01 -13.17 -12.37
CA VAL E 322 40.91 -14.13 -13.00
C VAL E 322 41.36 -13.63 -14.39
N VAL E 323 40.43 -13.07 -15.13
CA VAL E 323 40.66 -12.70 -16.50
C VAL E 323 41.43 -11.41 -16.58
N SER E 324 41.14 -10.48 -15.68
CA SER E 324 41.88 -9.23 -15.65
C SER E 324 43.30 -9.42 -15.24
N ARG E 325 43.55 -10.34 -14.30
CA ARG E 325 44.91 -10.67 -13.91
C ARG E 325 45.57 -11.29 -15.11
N ALA E 326 44.93 -12.35 -15.60
CA ALA E 326 45.44 -13.10 -16.73
C ALA E 326 46.03 -12.15 -17.76
N GLU E 327 45.24 -11.17 -18.21
CA GLU E 327 45.74 -10.19 -19.17
C GLU E 327 46.99 -9.56 -18.62
N THR E 328 46.89 -8.92 -17.45
CA THR E 328 47.98 -8.13 -16.85
C THR E 328 49.34 -8.82 -16.87
N ILE E 329 49.32 -10.10 -16.51
CA ILE E 329 50.48 -10.97 -16.58
C ILE E 329 50.98 -11.12 -18.01
N GLU E 330 50.06 -11.29 -18.96
CA GLU E 330 50.46 -11.45 -20.35
C GLU E 330 51.08 -10.17 -20.95
N ILE E 331 50.67 -9.02 -20.44
CA ILE E 331 51.27 -7.73 -20.77
C ILE E 331 52.70 -7.65 -20.21
N MET E 332 52.87 -8.12 -18.98
CA MET E 332 54.13 -8.00 -18.19
C MET E 332 55.22 -8.97 -18.59
N GLU E 333 54.86 -10.12 -19.10
CA GLU E 333 55.84 -11.09 -19.55
C GLU E 333 55.98 -11.05 -21.07
N GLY E 334 56.06 -9.84 -21.64
CA GLY E 334 56.37 -9.65 -23.07
C GLY E 334 55.26 -9.80 -24.09
N ARG E 335 54.25 -10.62 -23.83
CA ARG E 335 53.25 -10.97 -24.84
C ARG E 335 52.15 -9.92 -25.09
N GLY E 336 52.48 -8.64 -24.86
CA GLY E 336 51.57 -7.53 -25.15
C GLY E 336 51.36 -7.25 -26.62
N VAL E 337 50.66 -6.15 -26.92
CA VAL E 337 50.32 -5.84 -28.30
C VAL E 337 50.40 -4.35 -28.60
N GLY E 338 50.53 -4.00 -29.89
CA GLY E 338 50.64 -2.61 -30.33
C GLY E 338 51.93 -1.92 -29.85
N PRO E 339 52.22 -0.70 -30.37
CA PRO E 339 53.42 0.07 -30.04
C PRO E 339 54.11 -0.29 -28.71
N GLU E 340 53.53 0.07 -27.55
CA GLU E 340 54.25 -0.14 -26.28
C GLU E 340 54.20 -1.58 -25.78
N LYS E 341 53.64 -2.46 -26.65
CA LYS E 341 53.41 -3.89 -26.38
C LYS E 341 52.60 -4.08 -25.08
N ASP E 342 51.59 -3.23 -24.91
CA ASP E 342 50.96 -2.94 -23.63
C ASP E 342 49.44 -3.09 -23.57
N HIS E 343 48.81 -3.68 -24.58
CA HIS E 343 47.40 -4.06 -24.50
C HIS E 343 47.19 -5.35 -25.26
N ILE E 344 45.97 -5.89 -25.27
CA ILE E 344 45.71 -7.14 -26.02
C ILE E 344 44.53 -7.03 -27.00
N TYR E 345 44.43 -8.01 -27.91
CA TYR E 345 43.40 -7.98 -28.94
C TYR E 345 42.19 -8.80 -28.58
N LEU E 346 41.02 -8.18 -28.77
CA LEU E 346 39.74 -8.90 -28.70
C LEU E 346 39.33 -9.19 -30.12
N GLN E 347 39.05 -10.45 -30.39
CA GLN E 347 38.74 -10.88 -31.73
C GLN E 347 37.31 -11.34 -31.92
N LEU E 348 36.60 -10.63 -32.78
CA LEU E 348 35.24 -10.99 -33.07
C LEU E 348 35.08 -11.27 -34.55
N HIS E 349 36.07 -10.87 -35.34
CA HIS E 349 35.92 -10.92 -36.78
C HIS E 349 35.42 -12.27 -37.27
N HIS E 350 35.90 -13.35 -36.64
CA HIS E 350 35.62 -14.70 -37.07
C HIS E 350 34.16 -15.19 -36.94
N LEU E 351 33.26 -14.38 -36.37
CA LEU E 351 31.82 -14.71 -36.29
C LEU E 351 31.07 -14.12 -37.51
N PRO E 352 29.90 -14.71 -37.87
CA PRO E 352 29.03 -14.19 -38.96
C PRO E 352 28.54 -12.77 -38.70
N ALA E 353 28.72 -11.87 -39.67
CA ALA E 353 28.25 -10.49 -39.53
C ALA E 353 26.75 -10.51 -39.26
N GLU E 354 26.08 -11.52 -39.83
CA GLU E 354 24.65 -11.79 -39.62
C GLU E 354 24.27 -11.73 -38.14
N GLN E 355 25.22 -12.14 -37.31
CA GLN E 355 25.05 -12.31 -35.87
C GLN E 355 25.66 -11.13 -35.09
N LEU E 356 26.77 -10.62 -35.59
CA LEU E 356 27.37 -9.45 -34.99
C LEU E 356 26.47 -8.23 -35.08
N HIS E 357 25.54 -8.24 -36.04
CA HIS E 357 24.71 -7.06 -36.25
C HIS E 357 23.49 -7.15 -35.36
N GLN E 358 22.95 -8.35 -35.19
CA GLN E 358 21.71 -8.48 -34.43
C GLN E 358 21.94 -8.79 -32.95
N ARG E 359 23.18 -9.12 -32.61
CA ARG E 359 23.54 -9.45 -31.24
C ARG E 359 24.44 -8.40 -30.62
N LEU E 360 25.33 -7.83 -31.41
CA LEU E 360 26.32 -6.91 -30.85
C LEU E 360 26.38 -5.63 -31.67
N PRO E 361 25.21 -5.00 -31.90
CA PRO E 361 25.12 -3.87 -32.81
C PRO E 361 25.95 -2.66 -32.37
N GLY E 362 25.64 -2.11 -31.20
CA GLY E 362 26.28 -0.87 -30.73
C GLY E 362 27.78 -0.90 -30.45
N ILE E 363 28.30 -2.06 -30.04
CA ILE E 363 29.74 -2.20 -29.84
C ILE E 363 30.48 -2.33 -31.16
N SER E 364 29.78 -2.81 -32.20
CA SER E 364 30.25 -2.66 -33.58
C SER E 364 30.52 -1.18 -33.82
N GLU E 365 29.49 -0.35 -33.62
CA GLU E 365 29.57 1.09 -33.81
C GLU E 365 30.62 1.75 -32.93
N THR E 366 30.63 1.43 -31.64
CA THR E 366 31.58 2.11 -30.75
C THR E 366 33.05 1.78 -31.03
N ALA E 367 33.34 0.59 -31.54
CA ALA E 367 34.70 0.27 -32.01
C ALA E 367 35.07 1.04 -33.27
N LYS E 368 34.06 1.35 -34.08
CA LYS E 368 34.28 2.10 -35.31
C LYS E 368 34.67 3.53 -34.95
N ILE E 369 33.99 4.09 -33.96
CA ILE E 369 34.15 5.48 -33.67
C ILE E 369 35.38 5.74 -32.81
N PHE E 370 35.65 4.86 -31.86
CA PHE E 370 36.65 5.13 -30.84
C PHE E 370 38.00 4.46 -31.07
N ALA E 371 37.97 3.34 -31.77
CA ALA E 371 39.19 2.61 -32.07
C ALA E 371 39.48 2.62 -33.56
N GLY E 372 38.55 3.13 -34.36
CA GLY E 372 38.72 3.19 -35.82
C GLY E 372 38.78 1.80 -36.41
N VAL E 373 37.88 0.94 -35.94
CA VAL E 373 37.95 -0.49 -36.19
C VAL E 373 36.63 -1.03 -36.74
N ASP E 374 36.71 -1.80 -37.83
CA ASP E 374 35.61 -2.69 -38.18
C ASP E 374 35.76 -3.94 -37.34
N VAL E 375 34.69 -4.38 -36.72
CA VAL E 375 34.80 -5.55 -35.88
C VAL E 375 34.72 -6.86 -36.68
N THR E 376 33.92 -6.89 -37.74
CA THR E 376 33.78 -8.08 -38.60
C THR E 376 35.07 -8.44 -39.32
N LYS E 377 36.11 -7.61 -39.13
CA LYS E 377 37.38 -7.74 -39.85
C LYS E 377 38.58 -7.65 -38.92
N GLU E 378 38.89 -6.45 -38.43
CA GLU E 378 40.03 -6.24 -37.52
C GLU E 378 39.77 -6.64 -36.03
N PRO E 379 40.84 -7.07 -35.31
CA PRO E 379 40.75 -7.21 -33.83
C PRO E 379 40.70 -5.87 -33.06
N ILE E 380 40.19 -5.89 -31.83
CA ILE E 380 40.03 -4.67 -31.00
C ILE E 380 41.01 -4.50 -29.84
N PRO E 381 41.66 -3.32 -29.73
CA PRO E 381 42.49 -2.90 -28.59
C PRO E 381 41.76 -2.78 -27.25
N VAL E 382 41.96 -3.77 -26.37
CA VAL E 382 41.35 -3.78 -25.03
C VAL E 382 42.37 -3.89 -23.90
N ILE E 383 41.91 -3.62 -22.68
CA ILE E 383 42.78 -3.56 -21.52
C ILE E 383 41.91 -3.66 -20.29
N PRO E 384 42.45 -4.19 -19.20
CA PRO E 384 41.64 -4.12 -17.99
C PRO E 384 41.41 -2.67 -17.62
N THR E 385 40.28 -2.39 -16.97
CA THR E 385 39.87 -1.01 -16.68
C THR E 385 38.97 -0.94 -15.45
N VAL E 386 39.24 0.01 -14.57
CA VAL E 386 38.39 0.23 -13.42
C VAL E 386 36.93 0.36 -13.86
N HIS E 387 36.07 -0.35 -13.15
CA HIS E 387 34.71 -0.54 -13.59
C HIS E 387 33.63 -0.35 -12.54
N TYR E 388 33.85 -0.91 -11.35
CA TYR E 388 32.80 -1.18 -10.38
C TYR E 388 33.36 -1.28 -8.95
N ASN E 389 32.70 -0.61 -8.01
CA ASN E 389 33.02 -0.74 -6.61
C ASN E 389 32.02 -1.66 -5.99
N MET E 390 32.44 -2.84 -5.53
CA MET E 390 31.49 -3.67 -4.76
C MET E 390 31.69 -3.36 -3.32
N GLY E 391 30.86 -2.50 -2.78
CA GLY E 391 31.09 -2.13 -1.41
C GLY E 391 31.07 -0.64 -1.27
N GLY E 392 30.21 -0.21 -0.36
CA GLY E 392 30.04 1.17 0.01
C GLY E 392 29.32 1.11 1.34
N ILE E 393 28.19 1.79 1.42
CA ILE E 393 27.38 1.79 2.60
C ILE E 393 26.96 0.37 2.96
N PRO E 394 27.13 -0.04 4.22
CA PRO E 394 26.76 -1.38 4.66
C PRO E 394 25.28 -1.49 5.04
N THR E 395 24.63 -2.55 4.56
CA THR E 395 23.22 -2.81 4.86
C THR E 395 22.93 -4.29 4.97
N ASN E 396 21.85 -4.61 5.65
CA ASN E 396 21.37 -5.99 5.76
C ASN E 396 20.73 -6.48 4.45
N TYR E 397 20.04 -7.61 4.55
CA TYR E 397 19.16 -8.10 3.48
C TYR E 397 17.99 -7.14 3.20
N LYS E 398 17.43 -6.53 4.24
CA LYS E 398 16.35 -5.55 4.10
C LYS E 398 16.83 -4.24 3.50
N ALA E 399 18.14 -4.05 3.43
CA ALA E 399 18.75 -2.81 2.89
C ALA E 399 18.61 -1.53 3.76
N GLN E 400 18.51 -1.71 5.08
CA GLN E 400 18.67 -0.61 6.04
C GLN E 400 20.15 -0.52 6.40
N VAL E 401 20.64 0.71 6.49
CA VAL E 401 22.06 0.98 6.72
C VAL E 401 22.50 0.56 8.12
N ILE E 402 23.59 -0.18 8.22
CA ILE E 402 24.04 -0.68 9.52
C ILE E 402 25.36 -0.05 10.00
N LYS E 403 25.36 0.33 11.28
CA LYS E 403 26.58 0.56 12.06
C LYS E 403 26.89 -0.74 12.80
N TYR E 404 28.17 -0.97 13.15
CA TYR E 404 28.57 -2.27 13.72
C TYR E 404 29.61 -2.19 14.81
N THR E 405 29.47 -3.03 15.83
CA THR E 405 30.46 -3.19 16.90
C THR E 405 30.65 -4.66 17.27
N LYS E 406 31.84 -5.03 17.70
CA LYS E 406 32.08 -6.37 18.26
C LYS E 406 31.17 -6.58 19.47
N GLU E 407 30.93 -5.49 20.20
CA GLU E 407 30.23 -5.52 21.48
C GLU E 407 28.70 -5.54 21.33
N GLY E 408 28.15 -4.48 20.74
CA GLY E 408 26.71 -4.30 20.62
C GLY E 408 26.06 -4.75 19.31
N GLY E 409 26.61 -5.81 18.72
CA GLY E 409 26.13 -6.36 17.44
C GLY E 409 26.19 -5.36 16.30
N ASP E 410 25.07 -5.19 15.58
CA ASP E 410 24.99 -4.18 14.53
C ASP E 410 23.64 -3.52 14.48
N LYS E 411 23.69 -2.20 14.50
CA LYS E 411 22.51 -1.37 14.64
C LYS E 411 21.97 -0.87 13.29
N ILE E 412 20.66 -1.01 13.11
CA ILE E 412 19.95 -0.37 12.00
C ILE E 412 19.97 1.12 12.23
N VAL E 413 20.68 1.83 11.37
CA VAL E 413 20.53 3.28 11.35
C VAL E 413 19.08 3.55 10.97
N PRO E 414 18.33 4.17 11.89
CA PRO E 414 16.90 4.27 11.67
C PRO E 414 16.58 5.19 10.51
N GLY E 415 15.55 4.80 9.74
CA GLY E 415 15.01 5.63 8.65
C GLY E 415 16.08 6.03 7.66
N LEU E 416 16.89 5.06 7.26
CA LEU E 416 17.88 5.22 6.23
C LEU E 416 18.09 3.92 5.51
N TYR E 417 17.99 4.00 4.19
CA TYR E 417 18.10 2.85 3.32
C TYR E 417 19.11 3.07 2.17
N ALA E 418 19.81 2.01 1.79
CA ALA E 418 20.70 2.13 0.64
C ALA E 418 20.57 0.99 -0.33
N CYS E 419 20.52 1.33 -1.61
CA CYS E 419 20.66 0.34 -2.68
C CYS E 419 21.35 0.90 -3.92
N GLY E 420 21.96 0.02 -4.69
CA GLY E 420 22.58 0.44 -5.92
C GLY E 420 23.94 -0.18 -6.04
N GLU E 421 24.92 0.67 -6.30
CA GLU E 421 26.29 0.24 -6.36
C GLU E 421 27.01 0.77 -5.15
N CYS E 422 26.61 2.00 -4.79
CA CYS E 422 27.01 2.71 -3.60
C CYS E 422 26.48 2.00 -2.39
N ALA E 423 25.79 0.90 -2.65
CA ALA E 423 25.31 0.00 -1.63
C ALA E 423 26.24 -1.17 -1.46
N CYS E 424 26.22 -1.71 -0.24
CA CYS E 424 26.85 -2.98 0.08
C CYS E 424 26.01 -3.76 1.11
N HIS E 425 25.26 -4.75 0.60
CA HIS E 425 24.68 -5.79 1.44
C HIS E 425 25.64 -6.94 1.20
N SER E 426 26.61 -6.63 0.33
CA SER E 426 27.61 -7.55 -0.20
C SER E 426 26.95 -8.77 -0.82
N VAL E 427 26.23 -8.52 -1.90
CA VAL E 427 25.77 -9.57 -2.78
C VAL E 427 26.97 -10.05 -3.60
N HIS E 428 27.95 -9.17 -3.77
CA HIS E 428 29.01 -9.43 -4.69
C HIS E 428 30.26 -9.94 -4.00
N GLY E 429 30.49 -9.44 -2.78
CA GLY E 429 31.65 -9.82 -2.02
C GLY E 429 32.94 -9.30 -2.63
N ALA E 430 33.71 -10.21 -3.21
CA ALA E 430 35.12 -9.95 -3.56
C ALA E 430 35.35 -9.77 -5.03
N ASN E 431 34.52 -10.46 -5.82
CA ASN E 431 34.61 -10.43 -7.28
C ASN E 431 33.22 -10.59 -7.92
N ARG E 432 32.44 -9.52 -7.80
CA ARG E 432 31.14 -9.37 -8.49
C ARG E 432 30.99 -10.03 -9.86
N LEU E 433 30.12 -11.04 -9.91
CA LEU E 433 29.78 -11.77 -11.11
C LEU E 433 29.15 -10.85 -12.16
N GLY E 434 29.53 -11.06 -13.43
CA GLY E 434 29.04 -10.22 -14.52
C GLY E 434 27.55 -10.33 -14.72
N ALA E 435 26.89 -9.21 -14.93
CA ALA E 435 25.45 -9.17 -15.19
C ALA E 435 24.60 -9.35 -13.96
N ASN E 436 25.21 -9.38 -12.78
CA ASN E 436 24.42 -9.42 -11.58
C ASN E 436 24.12 -8.05 -10.99
N SER E 437 24.54 -6.98 -11.64
CA SER E 437 24.40 -5.71 -10.98
C SER E 437 23.08 -5.05 -11.24
N LEU E 438 22.66 -5.00 -12.49
CA LEU E 438 21.32 -4.51 -12.79
C LEU E 438 20.30 -5.32 -11.97
N LEU E 439 20.46 -6.65 -11.96
CA LEU E 439 19.68 -7.54 -11.10
C LEU E 439 19.51 -6.97 -9.72
N ASP E 440 20.64 -6.76 -9.07
CA ASP E 440 20.74 -6.20 -7.73
C ASP E 440 20.12 -4.83 -7.64
N ALA E 441 20.28 -4.01 -8.65
CA ALA E 441 19.70 -2.70 -8.60
C ALA E 441 18.20 -2.80 -8.54
N VAL E 442 17.65 -3.78 -9.25
CA VAL E 442 16.20 -3.94 -9.32
C VAL E 442 15.64 -4.67 -8.10
N VAL E 443 16.14 -5.88 -7.82
CA VAL E 443 15.56 -6.67 -6.71
C VAL E 443 15.58 -5.92 -5.40
N PHE E 444 16.64 -5.18 -5.16
CA PHE E 444 16.88 -4.53 -3.88
C PHE E 444 16.27 -3.16 -3.82
N GLY E 445 16.11 -2.56 -4.99
CA GLY E 445 15.35 -1.32 -5.11
C GLY E 445 13.91 -1.62 -4.73
N ARG E 446 13.38 -2.69 -5.31
CA ARG E 446 12.06 -3.17 -4.97
C ARG E 446 12.02 -3.53 -3.50
N ALA E 447 13.01 -4.29 -3.05
CA ALA E 447 13.18 -4.64 -1.63
C ALA E 447 13.16 -3.44 -0.70
N CYS E 448 13.64 -2.29 -1.15
CA CYS E 448 13.49 -1.05 -0.40
C CYS E 448 12.02 -0.75 -0.15
N SER E 449 11.27 -0.58 -1.24
CA SER E 449 9.86 -0.12 -1.19
C SER E 449 8.94 -1.09 -0.45
N ILE E 450 9.22 -2.37 -0.58
CA ILE E 450 8.55 -3.38 0.22
C ILE E 450 8.87 -3.06 1.67
N ASN E 451 10.15 -3.17 2.03
CA ASN E 451 10.58 -3.10 3.41
C ASN E 451 10.20 -1.81 4.07
N ILE E 452 9.83 -0.81 3.28
CA ILE E 452 9.33 0.42 3.87
C ILE E 452 7.85 0.32 4.17
N LYS E 453 7.07 -0.24 3.23
CA LYS E 453 5.63 -0.43 3.43
C LYS E 453 5.33 -1.05 4.79
N GLU E 454 6.24 -1.87 5.29
CA GLU E 454 6.11 -2.50 6.61
C GLU E 454 6.48 -1.56 7.74
N GLU E 455 7.74 -1.52 8.11
CA GLU E 455 8.16 -0.67 9.21
C GLU E 455 7.64 0.79 9.20
N LEU E 456 7.21 1.30 8.04
CA LEU E 456 6.57 2.62 8.04
C LEU E 456 5.06 2.49 8.14
N LYS E 457 4.60 2.42 9.39
CA LYS E 457 3.20 2.49 9.71
C LYS E 457 2.86 3.98 9.69
N PRO E 458 1.61 4.32 9.32
CA PRO E 458 1.26 5.73 9.15
C PRO E 458 0.96 6.41 10.49
N ASP E 459 1.41 5.80 11.58
CA ASP E 459 1.48 6.47 12.88
C ASP E 459 2.68 7.46 12.91
N GLU E 460 3.90 6.91 12.90
CA GLU E 460 5.14 7.67 12.71
C GLU E 460 4.92 8.73 11.64
N LYS E 461 4.80 9.97 12.07
CA LYS E 461 4.55 11.08 11.14
C LYS E 461 5.85 11.80 10.80
N ILE E 462 5.76 12.83 9.95
CA ILE E 462 6.93 13.52 9.40
C ILE E 462 7.80 14.18 10.49
N PRO E 463 9.06 13.69 10.64
CA PRO E 463 10.09 14.13 11.61
C PRO E 463 10.31 15.63 11.72
N GLU E 464 11.04 16.04 12.75
CA GLU E 464 11.27 17.45 13.01
C GLU E 464 12.70 17.88 12.74
N LEU E 465 12.86 19.13 12.30
CA LEU E 465 14.17 19.70 12.00
C LEU E 465 14.85 20.43 13.17
N PRO E 466 15.82 19.77 13.82
CA PRO E 466 16.55 20.39 14.92
C PRO E 466 17.24 21.67 14.45
N GLU E 467 17.02 22.74 15.20
CA GLU E 467 17.37 24.09 14.78
C GLU E 467 18.56 24.18 13.81
N GLY E 468 18.31 24.79 12.65
CA GLY E 468 19.33 25.14 11.67
C GLY E 468 20.22 23.99 11.27
N ALA E 469 19.59 22.89 10.84
CA ALA E 469 20.30 21.65 10.49
C ALA E 469 21.14 21.81 9.23
N GLY E 470 22.24 21.06 9.16
CA GLY E 470 23.19 21.17 8.06
C GLY E 470 23.47 22.61 7.68
N GLU E 471 23.67 23.45 8.68
CA GLU E 471 24.11 24.83 8.46
C GLU E 471 25.60 24.80 8.19
N GLU E 472 26.19 23.64 8.47
CA GLU E 472 27.62 23.40 8.35
C GLU E 472 27.96 22.80 7.00
N SER E 473 26.98 22.13 6.40
CA SER E 473 27.11 21.71 5.01
C SER E 473 26.98 22.91 4.10
N ILE E 474 25.97 23.76 4.32
CA ILE E 474 25.93 25.01 3.57
C ILE E 474 27.18 25.82 3.83
N ALA E 475 27.80 25.59 4.99
CA ALA E 475 28.97 26.36 5.41
C ALA E 475 30.14 25.95 4.57
N ASN E 476 30.38 24.64 4.49
CA ASN E 476 31.46 24.10 3.68
C ASN E 476 31.27 24.46 2.21
N LEU E 477 30.01 24.47 1.78
CA LEU E 477 29.66 24.96 0.46
C LEU E 477 30.22 26.36 0.21
N ASP E 478 30.04 27.25 1.19
CA ASP E 478 30.43 28.66 1.05
C ASP E 478 31.94 28.79 0.89
N ALA E 479 32.67 27.96 1.66
CA ALA E 479 34.13 27.84 1.59
C ALA E 479 34.61 27.51 0.19
N VAL E 480 33.95 26.55 -0.44
CA VAL E 480 34.35 26.09 -1.76
C VAL E 480 33.98 27.13 -2.81
N ARG E 481 32.84 27.78 -2.63
CA ARG E 481 32.40 28.82 -3.55
C ARG E 481 33.43 29.95 -3.69
N TYR E 482 34.06 30.30 -2.57
CA TYR E 482 35.00 31.41 -2.55
C TYR E 482 36.45 30.96 -2.37
N ALA E 483 36.68 29.64 -2.35
CA ALA E 483 38.02 29.05 -2.24
C ALA E 483 39.09 29.78 -3.03
N ASN E 484 40.29 29.81 -2.46
CA ASN E 484 41.28 30.82 -2.81
C ASN E 484 42.67 30.30 -3.15
N GLY E 485 43.07 29.18 -2.52
CA GLY E 485 44.41 28.58 -2.62
C GLY E 485 45.16 28.72 -3.92
N ASP E 486 46.22 27.95 -4.08
CA ASP E 486 47.00 28.06 -5.31
C ASP E 486 46.89 26.78 -6.14
N VAL E 487 45.86 26.00 -5.85
CA VAL E 487 45.53 24.85 -6.69
C VAL E 487 44.11 24.88 -7.30
N PRO E 488 44.04 24.99 -8.64
CA PRO E 488 43.03 24.50 -9.55
C PRO E 488 42.54 23.09 -9.19
N THR E 489 41.22 22.98 -9.11
CA THR E 489 40.58 21.77 -8.70
C THR E 489 40.89 20.72 -9.74
N ALA E 490 40.87 21.14 -10.99
CA ALA E 490 41.33 20.33 -12.13
C ALA E 490 42.65 19.59 -11.91
N GLU E 491 43.58 20.25 -11.22
CA GLU E 491 44.96 19.77 -11.03
C GLU E 491 45.08 18.72 -9.95
N LEU E 492 44.34 18.94 -8.88
CA LEU E 492 44.36 18.07 -7.72
C LEU E 492 43.71 16.74 -8.06
N ARG E 493 42.54 16.82 -8.68
CA ARG E 493 41.81 15.67 -9.11
C ARG E 493 42.71 14.85 -10.00
N LEU E 494 43.26 15.50 -11.04
CA LEU E 494 44.09 14.79 -12.00
C LEU E 494 45.18 13.97 -11.32
N THR E 495 45.70 14.51 -10.22
CA THR E 495 46.86 13.92 -9.59
C THR E 495 46.44 12.80 -8.66
N MET E 496 45.24 12.86 -8.09
CA MET E 496 44.84 11.75 -7.21
C MET E 496 44.48 10.53 -8.05
N GLN E 497 43.78 10.79 -9.16
CA GLN E 497 43.48 9.79 -10.17
C GLN E 497 44.77 9.16 -10.64
N LYS E 498 45.78 10.01 -10.78
CA LYS E 498 47.06 9.60 -11.32
C LYS E 498 47.80 8.71 -10.32
N THR E 499 47.73 9.07 -9.03
CA THR E 499 48.37 8.24 -8.02
C THR E 499 47.64 6.88 -7.92
N MET E 500 46.34 6.96 -7.69
CA MET E 500 45.54 5.77 -7.46
C MET E 500 45.77 4.67 -8.48
N GLN E 501 45.80 5.05 -9.75
CA GLN E 501 45.95 4.13 -10.87
C GLN E 501 47.28 3.41 -10.82
N LYS E 502 48.32 4.16 -10.51
CA LYS E 502 49.65 3.60 -10.33
C LYS E 502 49.64 2.62 -9.15
N HIS E 503 49.27 3.14 -7.98
CA HIS E 503 49.41 2.41 -6.74
C HIS E 503 48.41 1.27 -6.55
N ALA E 504 47.12 1.54 -6.73
CA ALA E 504 46.07 0.57 -6.39
C ALA E 504 45.56 -0.27 -7.57
N GLY E 505 46.49 -0.78 -8.38
CA GLY E 505 46.17 -1.45 -9.65
C GLY E 505 45.75 -2.89 -9.56
N VAL E 506 45.64 -3.55 -10.71
CA VAL E 506 45.25 -4.96 -10.73
C VAL E 506 46.11 -5.73 -9.76
N PHE E 507 47.44 -5.60 -9.89
CA PHE E 507 48.38 -6.24 -8.95
C PHE E 507 48.99 -5.28 -7.91
N ARG E 508 48.96 -5.69 -6.65
CA ARG E 508 49.37 -4.83 -5.55
C ARG E 508 50.46 -5.47 -4.69
N ARG E 509 51.36 -4.61 -4.19
CA ARG E 509 52.43 -5.00 -3.26
C ARG E 509 52.44 -4.04 -2.06
N GLY E 510 52.75 -4.60 -0.89
CA GLY E 510 52.78 -3.82 0.35
C GLY E 510 53.52 -2.48 0.30
N ASP E 511 54.79 -2.52 -0.12
CA ASP E 511 55.65 -1.31 -0.16
C ASP E 511 55.06 -0.14 -0.96
N ILE E 512 54.64 -0.45 -2.19
CA ILE E 512 53.93 0.47 -3.09
C ILE E 512 52.63 0.99 -2.45
N LEU E 513 51.92 0.11 -1.75
CA LEU E 513 50.65 0.49 -1.14
C LEU E 513 50.85 1.50 -0.02
N ALA E 514 51.84 1.21 0.81
CA ALA E 514 52.21 2.06 1.93
C ALA E 514 52.79 3.41 1.48
N GLU E 515 53.42 3.43 0.30
CA GLU E 515 53.77 4.69 -0.36
C GLU E 515 52.49 5.46 -0.71
N GLY E 516 51.58 4.81 -1.43
CA GLY E 516 50.33 5.43 -1.85
C GLY E 516 49.71 6.29 -0.76
N VAL E 517 49.32 5.64 0.32
CA VAL E 517 48.66 6.29 1.46
C VAL E 517 49.31 7.61 1.79
N LYS E 518 50.64 7.62 1.80
CA LYS E 518 51.38 8.82 2.11
C LYS E 518 51.00 9.94 1.13
N LYS E 519 51.20 9.72 -0.16
CA LYS E 519 50.84 10.77 -1.13
C LYS E 519 49.37 11.15 -0.98
N MET E 520 48.57 10.15 -0.63
CA MET E 520 47.13 10.29 -0.57
C MET E 520 46.68 11.15 0.62
N MET E 521 47.19 10.85 1.81
CA MET E 521 46.90 11.63 3.02
C MET E 521 47.53 13.01 2.89
N ASP E 522 48.53 13.10 2.01
CA ASP E 522 49.18 14.34 1.66
C ASP E 522 48.18 15.17 0.88
N LEU E 523 47.73 14.67 -0.27
CA LEU E 523 46.68 15.33 -1.03
C LEU E 523 45.50 15.72 -0.17
N SER E 524 45.06 14.81 0.71
CA SER E 524 43.94 15.11 1.60
C SER E 524 44.16 16.44 2.30
N LYS E 525 45.37 16.67 2.81
CA LYS E 525 45.75 17.95 3.40
C LYS E 525 45.81 19.03 2.32
N GLU E 526 46.39 18.69 1.17
CA GLU E 526 46.51 19.62 0.02
C GLU E 526 45.15 20.16 -0.45
N LEU E 527 44.09 19.70 0.21
CA LEU E 527 42.70 20.06 -0.09
C LEU E 527 42.31 21.49 0.29
N LYS E 528 43.01 22.04 1.28
CA LYS E 528 42.63 23.33 1.84
C LYS E 528 43.15 24.48 0.97
N ARG E 529 44.10 24.16 0.08
CA ARG E 529 44.72 25.13 -0.81
C ARG E 529 44.04 25.08 -2.18
N LEU E 530 42.73 25.21 -2.18
CA LEU E 530 41.95 25.03 -3.40
C LEU E 530 41.61 26.36 -4.04
N LYS E 531 41.57 26.42 -5.36
CA LYS E 531 41.12 27.63 -6.06
C LYS E 531 39.87 27.40 -6.88
N THR E 532 38.97 28.36 -6.84
CA THR E 532 37.84 28.41 -7.78
C THR E 532 37.96 29.61 -8.72
N THR E 533 36.87 29.94 -9.41
CA THR E 533 36.85 31.07 -10.32
C THR E 533 35.43 31.58 -10.41
N ASP E 534 34.53 30.65 -10.69
CA ASP E 534 33.15 30.97 -10.97
C ASP E 534 32.48 31.38 -9.67
N ARG E 535 32.26 32.67 -9.48
CA ARG E 535 31.79 33.10 -8.15
C ARG E 535 30.31 32.80 -7.99
N SER E 536 29.62 32.71 -9.13
CA SER E 536 28.16 32.58 -9.19
C SER E 536 27.59 31.27 -8.66
N LEU E 537 26.28 31.27 -8.45
CA LEU E 537 25.59 30.08 -7.93
C LEU E 537 24.82 29.30 -8.98
N ILE E 538 24.33 29.99 -10.00
CA ILE E 538 23.54 29.35 -11.06
C ILE E 538 24.42 28.52 -12.00
N TRP E 539 24.13 27.23 -12.04
CA TRP E 539 24.86 26.28 -12.86
C TRP E 539 26.36 26.48 -12.77
N ASN E 540 26.82 26.60 -11.53
CA ASN E 540 28.22 26.69 -11.29
C ASN E 540 28.76 25.27 -11.22
N SER E 541 29.05 24.77 -12.42
CA SER E 541 29.59 23.44 -12.62
C SER E 541 30.96 23.26 -11.95
N ASP E 542 31.77 24.32 -11.98
CA ASP E 542 33.10 24.37 -11.33
C ASP E 542 32.92 24.06 -9.85
N LEU E 543 32.03 24.82 -9.22
CA LEU E 543 31.60 24.55 -7.86
C LEU E 543 31.29 23.06 -7.60
N THR E 544 30.41 22.48 -8.42
CA THR E 544 29.97 21.11 -8.21
C THR E 544 31.09 20.11 -8.43
N GLU E 545 31.96 20.36 -9.40
CA GLU E 545 33.08 19.46 -9.64
C GLU E 545 34.03 19.44 -8.46
N SER E 546 34.24 20.60 -7.87
CA SER E 546 35.05 20.70 -6.66
C SER E 546 34.41 19.88 -5.55
N LEU E 547 33.09 20.06 -5.37
CA LEU E 547 32.32 19.32 -4.40
C LEU E 547 32.44 17.82 -4.58
N GLU E 548 32.43 17.37 -5.82
CA GLU E 548 32.61 15.96 -6.12
C GLU E 548 34.02 15.52 -5.71
N LEU E 549 34.96 16.45 -5.81
CA LEU E 549 36.36 16.18 -5.49
C LEU E 549 36.57 15.89 -4.02
N GLN E 550 35.98 16.72 -3.16
CA GLN E 550 35.94 16.40 -1.74
C GLN E 550 35.48 14.94 -1.51
N ASN E 551 34.50 14.49 -2.30
CA ASN E 551 33.89 13.19 -2.10
C ASN E 551 34.77 12.06 -2.56
N LEU E 552 35.30 12.15 -3.78
CA LEU E 552 36.22 11.14 -4.28
C LEU E 552 37.45 10.96 -3.38
N MET E 553 37.96 12.06 -2.84
CA MET E 553 39.06 12.02 -1.90
C MET E 553 38.77 11.05 -0.80
N LEU E 554 37.69 11.32 -0.06
CA LEU E 554 37.23 10.41 0.99
C LEU E 554 37.19 8.99 0.43
N ASN E 555 36.45 8.80 -0.64
CA ASN E 555 36.31 7.46 -1.15
C ASN E 555 37.63 6.81 -1.43
N ALA E 556 38.56 7.54 -2.04
CA ALA E 556 39.87 6.97 -2.34
C ALA E 556 40.73 6.69 -1.10
N THR E 557 40.91 7.71 -0.28
CA THR E 557 41.71 7.52 0.92
C THR E 557 41.32 6.19 1.57
N GLN E 558 40.02 6.04 1.85
CA GLN E 558 39.51 4.87 2.52
C GLN E 558 39.82 3.60 1.76
N THR E 559 39.74 3.69 0.43
CA THR E 559 40.01 2.55 -0.46
C THR E 559 41.42 2.01 -0.25
N ILE E 560 42.34 2.95 -0.15
CA ILE E 560 43.74 2.64 -0.17
C ILE E 560 44.18 1.92 1.11
N VAL E 561 43.79 2.48 2.26
CA VAL E 561 44.25 1.94 3.55
C VAL E 561 43.67 0.54 3.76
N ALA E 562 42.40 0.36 3.39
CA ALA E 562 41.73 -0.95 3.47
C ALA E 562 42.48 -2.02 2.67
N ALA E 563 42.91 -1.61 1.47
CA ALA E 563 43.65 -2.46 0.56
C ALA E 563 45.00 -2.72 1.14
N GLU E 564 45.65 -1.66 1.62
CA GLU E 564 47.01 -1.75 2.15
C GLU E 564 47.03 -2.70 3.33
N ASN E 565 45.99 -2.58 4.15
CA ASN E 565 45.76 -3.41 5.34
C ASN E 565 45.48 -4.90 5.07
N ARG E 566 44.79 -5.22 3.98
CA ARG E 566 44.43 -6.61 3.72
C ARG E 566 45.61 -7.45 3.20
N LYS E 567 46.15 -8.29 4.09
CA LYS E 567 47.29 -9.12 3.76
C LYS E 567 46.90 -10.49 3.18
N GLU E 568 46.19 -10.47 2.03
CA GLU E 568 45.74 -11.69 1.31
C GLU E 568 45.30 -11.46 -0.15
N SER E 569 45.24 -12.55 -0.93
CA SER E 569 44.72 -12.47 -2.29
C SER E 569 43.33 -13.05 -2.40
N ARG E 570 42.32 -12.18 -2.49
CA ARG E 570 40.93 -12.62 -2.62
C ARG E 570 40.21 -11.83 -3.69
N GLY E 571 39.56 -12.55 -4.62
CA GLY E 571 38.73 -11.94 -5.65
C GLY E 571 39.56 -11.02 -6.49
N ALA E 572 39.16 -9.76 -6.57
CA ALA E 572 39.89 -8.76 -7.36
C ALA E 572 40.78 -7.88 -6.48
N HIS E 573 41.27 -8.48 -5.40
CA HIS E 573 42.29 -7.88 -4.58
C HIS E 573 43.38 -8.92 -4.53
N ALA E 574 44.35 -8.77 -5.42
CA ALA E 574 45.47 -9.68 -5.47
C ALA E 574 46.73 -8.97 -5.03
N ARG E 575 47.31 -9.50 -3.97
CA ARG E 575 48.61 -9.08 -3.46
C ARG E 575 49.62 -10.15 -3.85
N ASP E 576 50.89 -9.77 -3.89
CA ASP E 576 51.96 -10.74 -4.12
C ASP E 576 52.72 -11.07 -2.84
N ASP E 577 52.93 -10.06 -1.99
CA ASP E 577 53.46 -10.30 -0.66
C ASP E 577 52.55 -11.28 0.11
N PHE E 578 51.31 -11.41 -0.35
CA PHE E 578 50.35 -12.34 0.24
C PHE E 578 49.41 -12.88 -0.84
N PRO E 579 49.87 -13.88 -1.60
CA PRO E 579 49.16 -14.39 -2.78
C PRO E 579 47.99 -15.35 -2.49
N LYS E 580 47.75 -15.69 -1.23
CA LYS E 580 46.70 -16.64 -0.93
C LYS E 580 45.54 -16.07 -0.14
N ARG E 581 44.47 -16.86 -0.11
CA ARG E 581 43.31 -16.57 0.72
C ARG E 581 43.60 -17.00 2.14
N GLU E 582 43.29 -16.12 3.10
CA GLU E 582 43.42 -16.47 4.51
C GLU E 582 42.07 -16.80 5.08
N ASP E 583 41.79 -18.08 5.16
CA ASP E 583 40.50 -18.55 5.63
C ASP E 583 40.55 -19.09 7.06
N GLU E 584 39.37 -19.16 7.71
CA GLU E 584 39.18 -19.79 9.04
C GLU E 584 39.71 -21.23 9.15
N TYR E 585 39.50 -22.03 8.11
CA TYR E 585 40.24 -23.27 7.95
C TYR E 585 41.18 -23.08 6.78
N ASP E 586 41.51 -24.20 6.16
CA ASP E 586 42.32 -24.20 4.95
C ASP E 586 41.90 -25.39 4.07
N TYR E 587 41.31 -25.06 2.93
CA TYR E 587 40.55 -26.00 2.15
C TYR E 587 41.36 -26.58 1.03
N SER E 588 42.66 -26.72 1.24
CA SER E 588 43.47 -27.52 0.33
C SER E 588 43.54 -28.96 0.87
N LYS E 589 43.14 -29.15 2.13
CA LYS E 589 43.13 -30.47 2.77
C LYS E 589 41.78 -30.69 3.47
N PRO E 590 41.27 -31.95 3.48
CA PRO E 590 40.05 -32.33 4.22
C PRO E 590 39.99 -31.68 5.61
N ILE E 591 38.83 -31.12 5.96
CA ILE E 591 38.61 -30.42 7.24
C ILE E 591 38.72 -31.39 8.44
N GLU E 592 39.91 -31.93 8.59
CA GLU E 592 40.17 -33.09 9.41
C GLU E 592 40.99 -32.63 10.60
N GLY E 593 40.34 -32.46 11.74
CA GLY E 593 41.05 -32.17 12.99
C GLY E 593 41.76 -30.83 13.09
N GLN E 594 42.09 -30.20 11.94
CA GLN E 594 42.61 -28.83 11.91
C GLN E 594 41.66 -28.01 12.76
N THR E 595 42.13 -26.95 13.40
CA THR E 595 41.19 -26.09 14.11
C THR E 595 41.13 -24.66 13.60
N LYS E 596 40.06 -24.00 14.02
CA LYS E 596 39.56 -22.74 13.48
C LYS E 596 40.41 -21.52 13.87
N ARG E 597 41.30 -21.10 12.97
CA ARG E 597 42.06 -19.86 13.15
C ARG E 597 41.14 -18.75 13.65
N PRO E 598 41.47 -18.14 14.80
CA PRO E 598 40.52 -17.21 15.40
C PRO E 598 40.26 -15.99 14.54
N PHE E 599 39.13 -15.34 14.77
CA PHE E 599 38.68 -14.25 13.93
C PHE E 599 39.80 -13.28 13.50
N GLU E 600 40.50 -12.68 14.45
CA GLU E 600 41.52 -11.68 14.11
C GLU E 600 42.72 -12.24 13.37
N LYS E 601 42.72 -13.56 13.10
CA LYS E 601 43.87 -14.21 12.47
C LYS E 601 43.68 -14.83 11.08
N HIS E 602 42.52 -14.65 10.47
CA HIS E 602 42.28 -15.01 9.05
C HIS E 602 41.57 -13.83 8.40
N TRP E 603 41.38 -13.91 7.08
CA TRP E 603 40.86 -12.75 6.35
C TRP E 603 39.45 -12.84 5.73
N ARG E 604 38.66 -13.82 6.15
CA ARG E 604 37.29 -13.96 5.67
C ARG E 604 36.40 -13.00 6.41
N LYS E 605 36.72 -11.73 6.30
CA LYS E 605 36.01 -10.71 6.99
C LYS E 605 35.87 -9.47 6.15
N HIS E 606 34.77 -8.78 6.36
CA HIS E 606 34.57 -7.51 5.76
C HIS E 606 35.45 -6.49 6.42
N THR E 607 35.87 -5.53 5.64
CA THR E 607 36.66 -4.41 6.07
C THR E 607 35.77 -3.24 6.42
N LEU E 608 35.94 -2.63 7.58
CA LEU E 608 35.12 -1.47 7.91
C LEU E 608 35.89 -0.18 8.15
N THR E 609 35.88 0.73 7.18
CA THR E 609 36.71 1.94 7.25
C THR E 609 36.00 3.21 7.68
N LYS E 610 36.43 3.79 8.79
CA LYS E 610 35.79 4.95 9.37
C LYS E 610 36.69 6.15 9.20
N GLN E 611 36.16 7.28 8.78
CA GLN E 611 37.03 8.40 8.46
C GLN E 611 36.54 9.72 9.00
N ASP E 612 37.51 10.52 9.43
CA ASP E 612 37.18 11.85 9.83
C ASP E 612 37.17 12.77 8.61
N PRO E 613 36.01 13.37 8.36
CA PRO E 613 35.82 14.37 7.31
C PRO E 613 36.85 15.50 7.36
N ARG E 614 37.35 15.80 8.55
CA ARG E 614 38.19 16.97 8.76
C ARG E 614 39.65 16.57 8.92
N THR E 615 39.93 15.76 9.95
CA THR E 615 41.29 15.32 10.26
C THR E 615 41.77 14.32 9.24
N GLY E 616 40.86 13.75 8.46
CA GLY E 616 41.18 12.72 7.48
C GLY E 616 41.80 11.44 8.04
N HIS E 617 41.87 11.35 9.36
CA HIS E 617 42.41 10.15 9.96
C HIS E 617 41.42 9.00 9.73
N ILE E 618 41.97 7.82 9.50
CA ILE E 618 41.16 6.64 9.18
C ILE E 618 41.39 5.47 10.12
N THR E 619 40.37 5.14 10.90
CA THR E 619 40.42 3.97 11.79
C THR E 619 39.80 2.77 11.11
N LEU E 620 39.58 1.69 11.85
CA LEU E 620 39.04 0.44 11.27
C LEU E 620 38.18 -0.41 12.22
N ASP E 621 37.44 -1.38 11.65
CA ASP E 621 36.93 -2.55 12.37
C ASP E 621 36.54 -3.67 11.39
N TYR E 622 35.83 -4.68 11.88
CA TYR E 622 35.52 -5.85 11.06
C TYR E 622 34.21 -6.54 11.39
N ARG E 623 33.38 -6.67 10.36
CA ARG E 623 32.20 -7.49 10.42
C ARG E 623 32.68 -8.83 9.93
N PRO E 624 32.06 -9.93 10.40
CA PRO E 624 32.33 -11.22 9.73
C PRO E 624 31.29 -11.53 8.68
N VAL E 625 31.59 -12.52 7.85
CA VAL E 625 30.75 -12.81 6.71
C VAL E 625 29.58 -13.72 7.11
N ILE E 626 28.33 -13.23 6.99
CA ILE E 626 27.16 -14.07 7.24
C ILE E 626 27.20 -15.31 6.35
N ASP E 627 27.00 -16.50 6.94
CA ASP E 627 27.13 -17.75 6.19
C ASP E 627 25.83 -18.48 6.09
N LYS E 628 24.87 -18.09 6.90
CA LYS E 628 23.53 -18.67 6.87
C LYS E 628 22.69 -18.02 5.77
N THR E 629 21.73 -18.74 5.21
CA THR E 629 20.79 -18.18 4.22
C THR E 629 19.58 -17.48 4.85
N LEU E 630 18.39 -17.67 4.29
CA LEU E 630 17.17 -17.08 4.85
C LEU E 630 16.25 -18.17 5.38
N ASP E 631 16.11 -19.23 4.57
CA ASP E 631 15.44 -20.43 5.01
C ASP E 631 16.32 -21.63 4.73
N PRO E 632 16.87 -22.22 5.79
CA PRO E 632 17.73 -23.40 5.70
C PRO E 632 17.16 -24.52 4.81
N ALA E 633 15.83 -24.65 4.80
CA ALA E 633 15.15 -25.65 3.98
C ALA E 633 15.00 -25.22 2.53
N GLU E 634 14.83 -23.91 2.29
CA GLU E 634 14.63 -23.38 0.91
C GLU E 634 15.86 -23.61 0.06
N VAL E 635 17.03 -23.37 0.67
CA VAL E 635 18.32 -23.83 0.17
C VAL E 635 19.40 -23.76 1.24
N ASP E 636 20.48 -24.51 1.02
CA ASP E 636 21.56 -24.64 2.00
C ASP E 636 22.76 -23.76 1.68
N TRP E 637 23.44 -23.29 2.72
CA TRP E 637 24.62 -22.45 2.55
C TRP E 637 25.78 -23.23 1.93
N ILE E 638 26.57 -22.53 1.12
CA ILE E 638 27.61 -23.17 0.34
C ILE E 638 28.95 -23.00 1.00
N PRO E 639 29.58 -24.15 1.35
CA PRO E 639 30.85 -24.18 2.07
C PRO E 639 32.01 -23.92 1.12
N PRO E 640 32.93 -23.02 1.53
CA PRO E 640 34.08 -22.58 0.74
C PRO E 640 34.91 -23.71 0.14
N ILE E 641 35.38 -23.51 -1.09
CA ILE E 641 36.33 -24.43 -1.73
C ILE E 641 37.43 -23.67 -2.49
N ILE E 642 38.31 -24.46 -3.10
CA ILE E 642 39.38 -23.98 -3.95
C ILE E 642 38.83 -23.32 -5.23
N ARG E 643 38.87 -21.99 -5.28
CA ARG E 643 38.20 -21.22 -6.33
C ARG E 643 38.91 -21.32 -7.67
N SER E 644 38.56 -22.35 -8.43
CA SER E 644 39.17 -22.54 -9.72
C SER E 644 38.19 -22.45 -10.86
N TYR E 645 38.63 -21.80 -11.94
CA TYR E 645 37.87 -21.70 -13.16
C TYR E 645 38.64 -22.39 -14.29
N LYS F 33 53.73 24.01 -33.38
CA LYS F 33 52.51 23.29 -32.87
C LYS F 33 51.19 23.80 -33.50
N ARG F 34 50.23 22.88 -33.67
CA ARG F 34 48.92 23.21 -34.24
C ARG F 34 47.82 23.55 -33.21
N ILE F 35 47.51 24.85 -33.17
CA ILE F 35 46.57 25.42 -32.24
C ILE F 35 45.24 25.50 -32.95
N LYS F 36 44.27 24.67 -32.54
CA LYS F 36 42.90 24.84 -33.04
C LYS F 36 42.20 26.00 -32.34
N THR F 37 41.26 26.59 -33.03
CA THR F 37 40.63 27.79 -32.52
C THR F 37 39.09 27.69 -32.52
N PHE F 38 38.50 27.81 -31.33
CA PHE F 38 37.07 27.55 -31.10
C PHE F 38 36.29 28.77 -30.77
N GLU F 39 35.04 28.82 -31.22
CA GLU F 39 34.13 29.91 -30.87
C GLU F 39 32.94 29.40 -30.13
N ILE F 40 32.70 29.97 -28.95
CA ILE F 40 31.66 29.50 -28.07
C ILE F 40 30.68 30.59 -27.65
N TYR F 41 29.40 30.30 -27.81
CA TYR F 41 28.34 31.10 -27.22
C TYR F 41 28.54 31.16 -25.73
N ARG F 42 28.30 32.34 -25.16
CA ARG F 42 28.56 32.58 -23.76
C ARG F 42 27.55 33.54 -23.17
N PHE F 43 27.00 33.14 -22.03
CA PHE F 43 25.99 33.93 -21.36
C PHE F 43 26.04 33.65 -19.89
N ASN F 44 26.26 34.69 -19.12
CA ASN F 44 26.11 34.59 -17.67
C ASN F 44 24.90 35.35 -17.13
N PRO F 45 23.88 34.60 -16.67
CA PRO F 45 22.58 35.14 -16.22
C PRO F 45 22.73 36.05 -15.02
N GLU F 46 23.75 35.75 -14.22
CA GLU F 46 23.95 36.36 -12.91
C GLU F 46 24.39 37.82 -12.98
N GLU F 47 25.15 38.18 -14.01
CA GLU F 47 25.33 39.60 -14.27
C GLU F 47 23.91 40.16 -14.50
N PRO F 48 23.56 41.30 -13.83
CA PRO F 48 22.24 41.98 -13.96
C PRO F 48 21.77 42.36 -15.39
N GLY F 49 21.30 41.35 -16.15
CA GLY F 49 20.77 41.54 -17.52
C GLY F 49 21.74 41.59 -18.70
N ALA F 50 22.98 41.13 -18.50
CA ALA F 50 24.03 41.19 -19.53
C ALA F 50 23.71 40.35 -20.76
N LYS F 51 24.19 40.81 -21.92
CA LYS F 51 23.98 40.15 -23.19
C LYS F 51 24.71 38.83 -23.35
N PRO F 52 24.30 38.04 -24.35
CA PRO F 52 25.10 36.93 -24.84
C PRO F 52 26.19 37.37 -25.84
N LYS F 53 27.37 36.78 -25.72
CA LYS F 53 28.43 37.01 -26.70
C LYS F 53 29.03 35.70 -27.17
N LEU F 54 30.01 35.81 -28.05
CA LEU F 54 30.80 34.67 -28.50
C LEU F 54 32.21 34.86 -28.01
N GLN F 55 32.95 33.79 -27.83
CA GLN F 55 34.30 33.91 -27.30
C GLN F 55 35.26 33.06 -28.07
N LYS F 56 36.50 33.54 -28.22
CA LYS F 56 37.55 32.73 -28.87
C LYS F 56 38.46 32.04 -27.88
N PHE F 57 38.75 30.78 -28.14
CA PHE F 57 39.58 29.96 -27.27
C PHE F 57 40.55 29.20 -28.13
N ASP F 58 41.75 28.99 -27.63
CA ASP F 58 42.76 28.33 -28.44
C ASP F 58 43.26 27.06 -27.78
N VAL F 59 43.41 26.01 -28.55
CA VAL F 59 43.65 24.68 -27.99
C VAL F 59 44.68 23.93 -28.79
N ASP F 60 45.86 23.76 -28.19
CA ASP F 60 46.87 22.93 -28.79
C ASP F 60 46.26 21.54 -28.93
N LEU F 61 46.03 21.16 -30.18
CA LEU F 61 45.38 19.90 -30.50
C LEU F 61 46.20 18.68 -30.11
N ASP F 62 47.49 18.86 -29.95
CA ASP F 62 48.38 17.75 -29.60
C ASP F 62 48.18 17.31 -28.16
N LYS F 63 47.88 18.27 -27.29
CA LYS F 63 47.70 18.01 -25.86
C LYS F 63 46.21 17.88 -25.53
N CYS F 64 45.60 16.81 -26.06
CA CYS F 64 44.16 16.78 -26.18
C CYS F 64 43.64 15.56 -26.93
N GLY F 65 42.41 15.19 -26.61
CA GLY F 65 41.74 14.07 -27.26
C GLY F 65 41.16 14.43 -28.60
N THR F 66 40.50 13.45 -29.24
CA THR F 66 40.04 13.59 -30.62
C THR F 66 38.66 14.24 -30.82
N MET F 67 37.85 14.31 -29.76
CA MET F 67 36.45 14.75 -29.81
C MET F 67 36.19 16.14 -29.29
N VAL F 68 35.18 16.81 -29.83
CA VAL F 68 34.82 18.14 -29.37
C VAL F 68 34.67 18.29 -27.84
N LEU F 69 33.99 17.35 -27.19
CA LEU F 69 33.92 17.33 -25.74
C LEU F 69 35.27 17.60 -25.08
N ASP F 70 36.27 16.79 -25.44
CA ASP F 70 37.64 16.89 -24.92
C ASP F 70 38.23 18.27 -25.04
N ALA F 71 38.08 18.91 -26.19
CA ALA F 71 38.51 20.28 -26.28
C ALA F 71 37.66 21.14 -25.34
N LEU F 72 36.37 20.84 -25.23
CA LEU F 72 35.53 21.61 -24.33
C LEU F 72 36.01 21.43 -22.91
N ILE F 73 36.29 20.18 -22.52
CA ILE F 73 36.73 19.81 -21.17
C ILE F 73 38.08 20.45 -20.82
N LYS F 74 39.03 20.34 -21.75
CA LYS F 74 40.29 21.04 -21.64
C LYS F 74 40.04 22.51 -21.37
N ILE F 75 39.45 23.24 -22.32
CA ILE F 75 39.42 24.69 -22.14
C ILE F 75 38.74 25.17 -20.85
N LYS F 76 38.33 24.22 -20.01
CA LYS F 76 37.69 24.54 -18.76
C LYS F 76 38.71 24.34 -17.66
N ASN F 77 39.36 23.18 -17.71
CA ASN F 77 40.40 22.80 -16.79
C ASN F 77 41.71 23.56 -16.92
N GLU F 78 41.96 24.08 -18.12
CA GLU F 78 43.15 24.85 -18.43
C GLU F 78 42.81 26.34 -18.55
N VAL F 79 41.81 26.66 -19.37
CA VAL F 79 41.69 27.99 -19.94
C VAL F 79 40.67 28.90 -19.22
N ASP F 80 39.49 28.36 -18.91
CA ASP F 80 38.39 29.13 -18.29
C ASP F 80 37.31 28.23 -17.65
N PRO F 81 37.36 28.04 -16.32
CA PRO F 81 36.51 27.06 -15.67
C PRO F 81 35.09 27.58 -15.45
N THR F 82 34.77 28.71 -16.10
CA THR F 82 33.46 29.29 -15.94
C THR F 82 32.53 28.77 -17.04
N LEU F 83 33.08 27.87 -17.85
CA LEU F 83 32.40 27.39 -19.05
C LEU F 83 31.49 26.24 -18.69
N THR F 84 30.22 26.36 -19.04
CA THR F 84 29.22 25.45 -18.58
C THR F 84 28.55 24.71 -19.71
N PHE F 85 28.38 23.41 -19.52
CA PHE F 85 27.74 22.54 -20.49
C PHE F 85 27.56 21.21 -19.80
N ARG F 86 26.62 20.38 -20.24
CA ARG F 86 26.33 19.08 -19.61
C ARG F 86 27.14 17.95 -20.19
N ARG F 87 27.51 16.99 -19.37
CA ARG F 87 28.07 15.74 -19.88
C ARG F 87 27.88 14.58 -18.91
N SER F 88 28.02 13.37 -19.43
CA SER F 88 28.05 12.20 -18.56
C SER F 88 28.85 11.05 -19.13
N CYS F 89 28.36 10.44 -20.20
CA CYS F 89 28.87 9.12 -20.61
C CYS F 89 30.12 9.17 -21.42
N ARG F 90 30.48 10.37 -21.89
CA ARG F 90 31.62 10.58 -22.80
C ARG F 90 31.72 9.60 -24.01
N GLU F 91 30.75 8.69 -24.19
CA GLU F 91 30.76 7.72 -25.29
C GLU F 91 29.47 7.69 -26.12
N GLY F 92 28.88 8.86 -26.31
CA GLY F 92 27.62 8.99 -27.05
C GLY F 92 26.57 7.95 -26.68
N ILE F 93 25.97 8.09 -25.51
CA ILE F 93 24.98 7.10 -25.12
C ILE F 93 24.03 7.70 -24.10
N CYS F 94 24.52 8.60 -23.27
CA CYS F 94 23.72 9.26 -22.24
C CYS F 94 22.75 10.32 -22.82
N GLY F 95 23.13 10.99 -23.86
CA GLY F 95 22.26 12.03 -24.39
C GLY F 95 22.62 13.44 -23.96
N SER F 96 23.47 13.54 -22.95
CA SER F 96 23.65 14.81 -22.23
C SER F 96 24.27 15.92 -23.05
N CYS F 97 25.24 15.52 -23.89
CA CYS F 97 26.15 16.49 -24.44
C CYS F 97 25.76 16.94 -25.80
N ALA F 98 24.50 17.32 -25.96
CA ALA F 98 23.95 17.73 -27.26
C ALA F 98 24.11 19.24 -27.46
N MET F 99 24.51 19.62 -28.66
CA MET F 99 24.65 21.04 -29.03
C MET F 99 24.93 21.24 -30.50
N ASN F 100 25.10 22.49 -30.90
CA ASN F 100 25.27 22.78 -32.30
C ASN F 100 26.71 23.11 -32.67
N ILE F 101 27.45 22.06 -32.90
CA ILE F 101 28.81 22.16 -33.32
C ILE F 101 28.86 22.48 -34.82
N ALA F 102 29.41 23.65 -35.13
CA ALA F 102 29.73 24.00 -36.50
C ALA F 102 28.50 23.83 -37.34
N GLY F 103 27.39 24.40 -36.87
CA GLY F 103 26.15 24.46 -37.64
C GLY F 103 25.18 23.30 -37.57
N GLU F 104 25.60 22.13 -37.11
CA GLU F 104 24.70 20.98 -37.07
C GLU F 104 24.53 20.47 -35.65
N ASN F 105 23.31 20.05 -35.33
CA ASN F 105 23.05 19.54 -33.99
C ASN F 105 23.63 18.16 -33.87
N THR F 106 24.29 17.89 -32.74
CA THR F 106 24.92 16.60 -32.52
C THR F 106 25.57 16.46 -31.13
N LEU F 107 26.16 15.31 -30.89
CA LEU F 107 26.70 15.00 -29.62
C LEU F 107 28.19 15.33 -29.60
N ALA F 108 28.56 16.29 -28.77
CA ALA F 108 29.94 16.65 -28.64
C ALA F 108 30.80 15.46 -28.26
N CYS F 109 30.27 14.51 -27.54
CA CYS F 109 31.17 13.45 -27.13
C CYS F 109 31.67 12.61 -28.31
N ILE F 110 31.06 12.71 -29.47
CA ILE F 110 31.45 11.83 -30.57
C ILE F 110 31.59 12.61 -31.86
N CYS F 111 31.78 13.90 -31.66
CA CYS F 111 32.01 14.81 -32.74
C CYS F 111 33.50 15.08 -32.90
N ASN F 112 34.05 14.72 -34.05
CA ASN F 112 35.47 14.91 -34.31
C ASN F 112 35.88 16.35 -34.54
N ILE F 113 36.91 16.78 -33.82
CA ILE F 113 37.44 18.10 -34.04
C ILE F 113 37.93 18.25 -35.47
N ASP F 114 37.63 19.38 -36.10
CA ASP F 114 38.12 19.62 -37.46
C ASP F 114 39.59 20.02 -37.43
N GLN F 115 40.41 19.01 -37.70
CA GLN F 115 41.84 19.11 -37.97
C GLN F 115 42.40 20.46 -38.51
N ASN F 116 41.76 20.98 -39.54
CA ASN F 116 42.24 22.15 -40.24
C ASN F 116 42.18 23.42 -39.39
N THR F 117 43.31 23.73 -38.73
CA THR F 117 43.41 24.85 -37.78
C THR F 117 43.13 26.24 -38.37
N SER F 118 43.36 26.36 -39.68
CA SER F 118 43.10 27.61 -40.40
C SER F 118 41.61 27.85 -40.54
N LYS F 119 40.82 26.85 -40.17
CA LYS F 119 39.41 27.05 -39.86
C LYS F 119 39.18 27.28 -38.38
N THR F 120 38.18 28.11 -38.09
CA THR F 120 37.67 28.23 -36.74
C THR F 120 36.35 27.44 -36.64
N THR F 121 36.21 26.66 -35.56
CA THR F 121 34.94 25.93 -35.27
C THR F 121 34.06 26.69 -34.28
N LYS F 122 32.77 26.85 -34.61
CA LYS F 122 31.87 27.61 -33.72
C LYS F 122 30.75 26.79 -33.07
N ILE F 123 30.73 26.86 -31.74
CA ILE F 123 29.94 26.01 -30.90
C ILE F 123 28.81 26.80 -30.31
N TYR F 124 27.59 26.33 -30.55
CA TYR F 124 26.36 26.93 -30.02
C TYR F 124 25.46 25.92 -29.30
N PRO F 125 24.59 26.41 -28.39
CA PRO F 125 23.63 25.57 -27.68
C PRO F 125 22.49 25.16 -28.61
N LEU F 126 21.77 24.07 -28.31
CA LEU F 126 20.62 23.63 -29.12
C LEU F 126 19.72 24.80 -29.53
N PRO F 127 19.56 25.00 -30.84
CA PRO F 127 18.88 26.17 -31.40
C PRO F 127 17.52 26.31 -30.79
N HIS F 128 17.10 27.55 -30.53
CA HIS F 128 15.74 27.84 -30.09
C HIS F 128 15.30 27.06 -28.88
N MET F 129 16.26 26.72 -28.03
CA MET F 129 15.92 26.32 -26.69
C MET F 129 16.15 27.56 -25.83
N PHE F 130 15.67 27.56 -24.60
CA PHE F 130 15.97 28.68 -23.73
C PHE F 130 17.28 28.37 -22.98
N VAL F 131 18.20 29.31 -23.01
CA VAL F 131 19.46 29.04 -22.31
C VAL F 131 19.30 29.36 -20.84
N ILE F 132 19.75 28.44 -20.00
CA ILE F 132 19.94 28.75 -18.61
C ILE F 132 21.23 29.58 -18.51
N LYS F 133 22.35 28.94 -18.89
CA LYS F 133 23.69 29.56 -18.86
C LYS F 133 24.57 28.87 -19.90
N ASP F 134 25.38 29.67 -20.59
CA ASP F 134 26.32 29.16 -21.58
C ASP F 134 25.66 28.22 -22.55
N LEU F 135 26.15 26.99 -22.61
CA LEU F 135 25.60 26.01 -23.55
C LEU F 135 24.65 25.01 -22.89
N VAL F 136 24.16 25.35 -21.70
CA VAL F 136 23.08 24.59 -21.13
C VAL F 136 21.76 25.26 -21.46
N PRO F 137 20.86 24.53 -22.15
CA PRO F 137 19.53 24.99 -22.46
C PRO F 137 18.54 24.52 -21.39
N ASP F 138 17.35 25.11 -21.38
CA ASP F 138 16.26 24.54 -20.59
C ASP F 138 15.51 23.52 -21.46
N MET F 139 15.15 22.42 -20.84
CA MET F 139 14.77 21.25 -21.56
C MET F 139 13.46 20.69 -21.00
N ASN F 140 12.82 21.47 -20.15
CA ASN F 140 11.67 20.99 -19.41
C ASN F 140 10.43 20.82 -20.19
N LEU F 141 10.32 21.55 -21.30
CA LEU F 141 9.21 21.35 -22.20
C LEU F 141 9.37 19.99 -22.80
N PHE F 142 10.55 19.76 -23.33
CA PHE F 142 10.89 18.49 -23.92
C PHE F 142 10.59 17.32 -23.01
N TYR F 143 10.79 17.48 -21.71
CA TYR F 143 10.53 16.33 -20.88
C TYR F 143 9.02 16.23 -20.71
N ALA F 144 8.38 17.35 -20.39
CA ALA F 144 6.92 17.39 -20.24
C ALA F 144 6.20 16.67 -21.39
N GLN F 145 6.58 17.04 -22.62
CA GLN F 145 6.01 16.46 -23.79
C GLN F 145 6.24 14.97 -23.87
N TYR F 146 7.44 14.51 -23.50
CA TYR F 146 7.69 13.09 -23.52
C TYR F 146 6.66 12.41 -22.66
N ALA F 147 6.52 12.93 -21.43
CA ALA F 147 5.57 12.37 -20.49
C ALA F 147 4.19 12.33 -21.07
N SER F 148 3.84 13.30 -21.91
CA SER F 148 2.50 13.35 -22.48
C SER F 148 2.12 12.08 -23.28
N ILE F 149 3.05 11.50 -24.03
CA ILE F 149 2.70 10.32 -24.79
C ILE F 149 2.46 9.05 -23.94
N GLN F 150 2.64 9.16 -22.61
CA GLN F 150 2.36 8.03 -21.67
C GLN F 150 3.19 6.76 -21.93
N PRO F 151 4.52 6.84 -21.69
CA PRO F 151 5.47 5.93 -22.28
C PRO F 151 5.79 4.78 -21.40
N TRP F 152 4.75 4.08 -20.99
CA TRP F 152 4.89 2.78 -20.34
C TRP F 152 3.97 1.82 -21.09
N LEU F 153 3.86 0.60 -20.66
CA LEU F 153 3.00 -0.33 -21.36
C LEU F 153 1.68 -0.37 -20.71
N GLN F 154 0.63 -0.50 -21.53
CA GLN F 154 -0.72 -0.72 -21.02
C GLN F 154 -1.46 -1.84 -21.75
N LYS F 155 -2.28 -2.58 -21.01
CA LYS F 155 -3.10 -3.62 -21.61
C LYS F 155 -4.57 -3.45 -21.22
N LYS F 156 -5.44 -4.12 -21.94
CA LYS F 156 -6.89 -4.07 -21.69
C LYS F 156 -7.27 -4.87 -20.42
N THR F 157 -6.68 -6.05 -20.23
CA THR F 157 -7.00 -6.89 -19.05
C THR F 157 -5.88 -6.88 -17.99
N LYS F 158 -6.08 -6.01 -17.00
CA LYS F 158 -5.11 -5.69 -15.95
C LYS F 158 -4.36 -6.93 -15.52
N ILE F 159 -3.06 -6.97 -15.79
CA ILE F 159 -2.34 -8.23 -15.74
C ILE F 159 -1.61 -8.53 -14.43
N ASN F 160 -1.51 -9.83 -14.16
CA ASN F 160 -0.93 -10.38 -12.94
C ASN F 160 0.59 -10.12 -12.89
N LEU F 161 0.98 -9.08 -12.15
CA LEU F 161 2.26 -8.39 -12.42
C LEU F 161 3.54 -9.23 -12.70
N GLY F 162 4.13 -9.84 -11.68
CA GLY F 162 5.36 -10.61 -11.90
C GLY F 162 5.17 -11.96 -12.55
N GLU F 163 3.92 -12.34 -12.77
CA GLU F 163 3.54 -13.72 -13.07
C GLU F 163 4.37 -14.39 -14.17
N LYS F 164 4.11 -14.03 -15.44
CA LYS F 164 4.90 -14.57 -16.55
C LYS F 164 5.11 -13.57 -17.69
N GLN F 165 5.95 -13.96 -18.64
CA GLN F 165 6.33 -13.09 -19.75
C GLN F 165 5.15 -13.01 -20.68
N GLN F 166 5.09 -11.99 -21.51
CA GLN F 166 4.08 -11.96 -22.54
C GLN F 166 4.67 -12.40 -23.83
N TYR F 167 3.85 -13.01 -24.68
CA TYR F 167 4.33 -13.47 -25.97
C TYR F 167 4.66 -12.31 -26.90
N GLN F 168 5.78 -12.47 -27.61
CA GLN F 168 6.16 -11.62 -28.73
C GLN F 168 7.08 -12.44 -29.62
N SER F 169 6.99 -12.23 -30.92
CA SER F 169 7.76 -13.03 -31.87
C SER F 169 8.92 -12.20 -32.36
N ILE F 170 10.04 -12.86 -32.68
CA ILE F 170 11.24 -12.09 -32.99
C ILE F 170 10.85 -11.08 -34.06
N LYS F 171 9.99 -11.53 -34.97
CA LYS F 171 9.48 -10.75 -36.10
C LYS F 171 8.71 -9.48 -35.67
N GLU F 172 7.76 -9.66 -34.74
CA GLU F 172 7.04 -8.56 -34.08
C GLU F 172 7.97 -7.57 -33.40
N GLN F 173 8.93 -8.09 -32.63
CA GLN F 173 9.76 -7.21 -31.80
C GLN F 173 10.72 -6.37 -32.63
N GLU F 174 11.12 -6.89 -33.79
CA GLU F 174 12.00 -6.16 -34.71
C GLU F 174 11.32 -4.91 -35.23
N LYS F 175 9.99 -4.88 -35.14
CA LYS F 175 9.23 -3.68 -35.47
C LYS F 175 9.49 -2.58 -34.47
N LEU F 176 10.20 -2.89 -33.39
CA LEU F 176 10.65 -1.89 -32.45
C LEU F 176 12.07 -1.37 -32.76
N ASP F 177 12.77 -2.05 -33.66
CA ASP F 177 14.15 -1.69 -33.98
C ASP F 177 14.21 -0.39 -34.75
N GLY F 178 15.23 0.42 -34.49
CA GLY F 178 15.33 1.75 -35.09
C GLY F 178 14.53 2.78 -34.32
N LEU F 179 13.94 2.36 -33.20
CA LEU F 179 12.92 3.12 -32.48
C LEU F 179 13.21 3.25 -30.99
N TYR F 180 13.61 2.14 -30.36
CA TYR F 180 13.86 2.10 -28.93
C TYR F 180 15.31 2.53 -28.65
N GLU F 181 16.14 2.62 -29.68
CA GLU F 181 17.50 3.15 -29.50
C GLU F 181 17.56 4.66 -29.22
N CYS F 182 16.47 5.41 -29.42
CA CYS F 182 16.54 6.87 -29.21
C CYS F 182 17.01 7.17 -27.80
N ILE F 183 17.88 8.16 -27.68
CA ILE F 183 18.56 8.40 -26.41
C ILE F 183 18.05 9.67 -25.81
N LEU F 184 17.00 10.19 -26.41
CA LEU F 184 16.37 11.41 -25.92
C LEU F 184 17.28 12.61 -25.85
N CYS F 185 17.97 12.90 -26.96
CA CYS F 185 18.98 13.93 -27.00
C CYS F 185 18.43 15.32 -27.33
N ALA F 186 17.40 15.37 -28.17
CA ALA F 186 16.71 16.61 -28.57
C ALA F 186 17.33 17.22 -29.81
N CYS F 187 18.22 16.49 -30.44
CA CYS F 187 18.76 17.04 -31.66
C CYS F 187 17.69 17.14 -32.69
N CYS F 188 16.91 16.07 -32.86
CA CYS F 188 15.72 16.03 -33.71
C CYS F 188 14.99 17.35 -33.53
N SER F 189 14.30 17.44 -32.41
CA SER F 189 13.37 18.50 -32.24
C SER F 189 14.06 19.85 -32.37
N ALA F 190 15.29 20.01 -31.88
CA ALA F 190 15.93 21.35 -31.92
C ALA F 190 16.45 21.73 -33.29
N SER F 191 16.42 20.80 -34.22
CA SER F 191 16.83 21.12 -35.56
C SER F 191 15.62 21.32 -36.43
N CYS F 192 14.41 21.13 -35.88
CA CYS F 192 13.13 21.27 -36.64
C CYS F 192 12.53 22.66 -36.57
N PRO F 193 12.56 23.36 -37.69
CA PRO F 193 11.98 24.69 -37.80
C PRO F 193 10.54 24.77 -37.30
N SER F 194 9.77 23.69 -37.43
CA SER F 194 8.37 23.72 -37.04
C SER F 194 8.28 23.64 -35.54
N TYR F 195 9.18 22.84 -34.97
CA TYR F 195 9.32 22.81 -33.53
C TYR F 195 9.80 24.16 -33.04
N TRP F 196 10.63 24.86 -33.83
CA TRP F 196 11.16 26.13 -33.34
C TRP F 196 10.00 27.04 -33.15
N TRP F 197 9.23 27.23 -34.21
CA TRP F 197 8.15 28.18 -34.20
C TRP F 197 7.00 27.79 -33.29
N ASN F 198 6.88 26.50 -32.94
CA ASN F 198 5.66 26.01 -32.28
C ASN F 198 5.81 24.87 -31.30
N ALA F 199 6.92 24.85 -30.58
CA ALA F 199 7.21 23.72 -29.74
C ALA F 199 6.15 23.54 -28.69
N ASP F 200 5.26 24.52 -28.54
CA ASP F 200 4.27 24.42 -27.47
C ASP F 200 3.11 23.52 -27.87
N LYS F 201 2.65 23.67 -29.11
CA LYS F 201 1.57 22.86 -29.65
C LYS F 201 2.06 21.66 -30.46
N TYR F 202 3.08 21.82 -31.28
CA TYR F 202 3.71 20.68 -31.94
C TYR F 202 4.53 19.85 -30.96
N LEU F 203 4.44 18.54 -31.08
CA LEU F 203 5.23 17.65 -30.25
C LEU F 203 6.65 17.53 -30.76
N GLY F 204 6.83 17.55 -32.07
CA GLY F 204 8.15 17.32 -32.65
C GLY F 204 8.67 15.90 -32.69
N PRO F 205 9.72 15.67 -33.49
CA PRO F 205 10.14 14.33 -33.88
C PRO F 205 10.45 13.44 -32.71
N ALA F 206 11.35 13.89 -31.83
CA ALA F 206 11.70 13.05 -30.67
C ALA F 206 10.46 12.41 -30.02
N VAL F 207 9.54 13.26 -29.58
CA VAL F 207 8.36 12.90 -28.84
C VAL F 207 7.44 12.01 -29.66
N LEU F 208 7.30 12.31 -30.95
CA LEU F 208 6.42 11.54 -31.83
C LEU F 208 7.03 10.22 -32.17
N MET F 209 8.27 10.28 -32.58
CA MET F 209 9.08 9.11 -32.82
C MET F 209 8.83 8.10 -31.69
N GLN F 210 8.69 8.62 -30.49
CA GLN F 210 8.52 7.78 -29.33
C GLN F 210 7.08 7.35 -29.16
N ALA F 211 6.16 8.27 -29.49
CA ALA F 211 4.73 8.02 -29.44
C ALA F 211 4.46 6.78 -30.23
N TYR F 212 5.07 6.74 -31.39
CA TYR F 212 4.93 5.62 -32.27
C TYR F 212 5.39 4.32 -31.69
N ARG F 213 6.63 4.31 -31.20
CA ARG F 213 7.19 3.13 -30.55
C ARG F 213 6.14 2.39 -29.72
N TRP F 214 5.28 3.14 -29.05
CA TRP F 214 4.26 2.52 -28.22
C TRP F 214 2.96 2.15 -28.95
N ILE F 215 2.59 2.89 -30.00
CA ILE F 215 1.50 2.42 -30.83
C ILE F 215 1.80 1.04 -31.43
N ILE F 216 3.00 0.84 -32.02
CA ILE F 216 3.33 -0.45 -32.67
C ILE F 216 3.88 -1.61 -31.82
N ASP F 217 4.04 -1.41 -30.52
CA ASP F 217 4.46 -2.52 -29.67
C ASP F 217 3.30 -3.47 -29.66
N SER F 218 3.44 -4.53 -30.45
CA SER F 218 2.45 -5.58 -30.55
C SER F 218 1.98 -6.16 -29.22
N ARG F 219 2.40 -5.54 -28.11
CA ARG F 219 2.07 -5.96 -26.75
C ARG F 219 1.11 -5.02 -26.07
N ASP F 220 0.97 -3.82 -26.62
CA ASP F 220 0.25 -2.75 -25.95
C ASP F 220 -1.19 -2.71 -26.46
N ASP F 221 -2.10 -2.24 -25.61
CA ASP F 221 -3.50 -2.28 -25.98
C ASP F 221 -4.16 -0.92 -25.99
N SER F 222 -3.50 0.07 -26.55
CA SER F 222 -4.02 1.43 -26.45
C SER F 222 -3.87 2.28 -27.71
N ALA F 223 -3.37 1.66 -28.78
CA ALA F 223 -3.38 2.30 -30.07
C ALA F 223 -4.48 3.36 -30.12
N ALA F 224 -5.74 2.93 -30.01
CA ALA F 224 -6.88 3.83 -30.14
C ALA F 224 -6.70 5.06 -29.27
N GLU F 225 -6.45 4.85 -27.98
CA GLU F 225 -6.37 5.96 -27.03
C GLU F 225 -5.17 6.82 -27.30
N ARG F 226 -4.12 6.19 -27.80
CA ARG F 226 -2.87 6.88 -28.06
C ARG F 226 -2.97 7.77 -29.28
N LEU F 227 -3.64 7.30 -30.33
CA LEU F 227 -3.83 8.12 -31.52
C LEU F 227 -4.94 9.13 -31.32
N ALA F 228 -5.78 8.85 -30.33
CA ALA F 228 -6.82 9.77 -29.99
C ALA F 228 -6.13 11.03 -29.51
N ARG F 229 -5.01 10.85 -28.78
CA ARG F 229 -4.28 11.96 -28.12
C ARG F 229 -3.66 12.99 -29.08
N MET F 230 -3.46 12.63 -30.34
CA MET F 230 -2.98 13.60 -31.31
C MET F 230 -3.85 13.61 -32.54
N GLN F 231 -5.16 13.57 -32.30
CA GLN F 231 -6.15 13.72 -33.35
C GLN F 231 -6.13 15.10 -33.92
N ASP F 232 -5.65 16.09 -33.16
CA ASP F 232 -5.80 17.52 -33.51
C ASP F 232 -4.85 18.05 -34.58
N GLY F 233 -5.12 19.28 -35.00
CA GLY F 233 -4.45 19.88 -36.13
C GLY F 233 -2.99 20.18 -35.90
N PHE F 234 -2.57 20.16 -34.65
CA PHE F 234 -1.27 20.66 -34.30
C PHE F 234 -0.26 19.63 -33.81
N SER F 235 -0.70 18.76 -32.91
CA SER F 235 0.27 18.03 -32.14
C SER F 235 1.08 17.06 -32.96
N ALA F 236 0.47 16.46 -33.97
CA ALA F 236 1.28 15.67 -34.90
C ALA F 236 1.28 16.22 -36.31
N PHE F 237 0.21 16.90 -36.71
CA PHE F 237 0.08 17.36 -38.08
C PHE F 237 0.84 18.65 -38.42
N LYS F 238 1.71 19.07 -37.53
CA LYS F 238 2.59 20.15 -37.86
C LYS F 238 3.88 19.64 -38.52
N CYS F 239 4.08 18.32 -38.63
CA CYS F 239 5.24 17.87 -39.41
C CYS F 239 5.02 18.30 -40.84
N HIS F 240 5.86 19.22 -41.28
CA HIS F 240 5.85 19.71 -42.63
C HIS F 240 6.85 18.96 -43.48
N THR F 241 7.24 17.80 -42.98
CA THR F 241 8.14 16.89 -43.67
C THR F 241 9.37 17.67 -44.22
N ILE F 242 9.99 18.48 -43.36
CA ILE F 242 11.18 19.25 -43.70
C ILE F 242 12.40 18.34 -43.81
N MET F 243 12.55 17.43 -42.85
CA MET F 243 13.50 16.32 -42.90
C MET F 243 14.73 16.48 -42.01
N ASN F 244 15.21 17.71 -41.81
CA ASN F 244 16.25 18.01 -40.81
C ASN F 244 16.37 17.01 -39.67
N CYS F 245 15.25 16.70 -39.03
CA CYS F 245 15.21 15.65 -38.02
C CYS F 245 16.00 14.39 -38.44
N THR F 246 15.61 13.77 -39.53
CA THR F 246 16.27 12.54 -39.94
C THR F 246 17.69 12.76 -40.42
N LYS F 247 18.01 13.97 -40.84
CA LYS F 247 19.36 14.25 -41.31
C LYS F 247 20.28 14.35 -40.13
N THR F 248 19.73 14.73 -39.00
CA THR F 248 20.59 15.18 -37.90
C THR F 248 20.83 14.14 -36.79
N CYS F 249 20.04 13.06 -36.78
CA CYS F 249 20.04 12.13 -35.66
C CYS F 249 21.40 11.47 -35.39
N PRO F 250 22.08 11.92 -34.35
CA PRO F 250 23.40 11.40 -34.09
C PRO F 250 23.43 9.89 -33.91
N LYS F 251 22.27 9.27 -33.76
CA LYS F 251 22.27 7.81 -33.64
C LYS F 251 21.76 7.12 -34.89
N HIS F 252 21.58 7.88 -35.97
CA HIS F 252 21.25 7.34 -37.29
C HIS F 252 19.87 6.68 -37.32
N LEU F 253 18.98 7.19 -36.46
CA LEU F 253 17.59 6.78 -36.44
C LEU F 253 16.79 7.68 -37.35
N ASN F 254 15.55 7.29 -37.63
CA ASN F 254 14.76 7.99 -38.64
C ASN F 254 13.41 8.41 -38.12
N PRO F 255 13.36 9.57 -37.46
CA PRO F 255 12.10 9.98 -36.85
C PRO F 255 11.05 10.38 -37.90
N ALA F 256 11.47 10.93 -39.03
CA ALA F 256 10.52 11.33 -40.06
C ALA F 256 9.69 10.14 -40.52
N ARG F 257 10.36 9.05 -40.83
CA ARG F 257 9.73 7.81 -41.27
C ARG F 257 8.69 7.35 -40.26
N ALA F 258 8.91 7.68 -38.99
CA ALA F 258 7.91 7.39 -37.97
C ALA F 258 6.76 8.38 -37.97
N ILE F 259 7.04 9.67 -38.06
CA ILE F 259 5.98 10.65 -38.13
C ILE F 259 5.13 10.39 -39.36
N GLY F 260 5.78 10.13 -40.49
CA GLY F 260 5.08 9.63 -41.64
C GLY F 260 4.23 8.44 -41.23
N GLU F 261 4.80 7.49 -40.51
CA GLU F 261 3.99 6.34 -40.22
C GLU F 261 2.80 6.57 -39.30
N ILE F 262 2.84 7.61 -38.46
CA ILE F 262 1.70 7.93 -37.60
C ILE F 262 0.66 8.70 -38.35
N LYS F 263 1.08 9.47 -39.33
CA LYS F 263 0.13 10.12 -40.20
C LYS F 263 -0.75 9.05 -40.85
N MET F 264 -0.15 8.15 -41.63
CA MET F 264 -0.84 6.98 -42.18
C MET F 264 -1.76 6.34 -41.18
N LEU F 265 -1.31 6.16 -39.94
CA LEU F 265 -2.14 5.53 -38.93
C LEU F 265 -3.36 6.33 -38.57
N LEU F 266 -3.15 7.64 -38.36
CA LEU F 266 -4.22 8.60 -38.10
C LEU F 266 -5.24 8.77 -39.25
N THR F 267 -5.31 7.82 -40.19
CA THR F 267 -6.32 7.84 -41.27
C THR F 267 -6.65 6.47 -41.91
N LYS F 268 -5.97 6.24 -43.03
CA LYS F 268 -6.16 5.07 -43.86
C LYS F 268 -5.75 3.81 -43.18
N MET F 269 -4.56 3.32 -43.54
CA MET F 269 -3.99 2.08 -43.02
C MET F 269 -3.98 1.92 -41.47
N LYS F 270 -3.97 0.67 -41.01
CA LYS F 270 -4.10 0.40 -39.59
C LYS F 270 -3.19 -0.66 -39.01
N THR F 271 -2.97 -0.56 -37.71
CA THR F 271 -2.05 -1.39 -36.97
C THR F 271 -2.51 -2.85 -36.91
N LYS F 272 -1.56 -3.76 -37.03
CA LYS F 272 -1.82 -5.19 -36.99
C LYS F 272 -2.44 -5.62 -35.65
N PRO F 273 -3.01 -6.84 -35.57
CA PRO F 273 -3.23 -7.41 -34.24
C PRO F 273 -2.07 -8.33 -33.88
N ALA F 274 -2.08 -8.90 -32.68
CA ALA F 274 -0.95 -9.73 -32.26
C ALA F 274 -1.18 -11.21 -32.60
N PRO F 275 -0.17 -11.91 -33.20
CA PRO F 275 -0.26 -13.38 -33.21
C PRO F 275 -0.47 -13.82 -31.76
N LEU F 276 -1.55 -14.56 -31.48
CA LEU F 276 -1.94 -14.73 -30.07
C LEU F 276 -1.01 -15.67 -29.29
N PRO F 277 -0.86 -15.43 -27.95
CA PRO F 277 -0.06 -16.28 -27.07
C PRO F 277 -0.33 -17.75 -27.33
N THR F 278 0.37 -18.29 -28.33
CA THR F 278 0.35 -19.70 -28.62
C THR F 278 0.57 -20.52 -27.32
N PRO F 279 -0.13 -21.68 -27.18
CA PRO F 279 0.09 -22.54 -25.98
C PRO F 279 1.47 -23.23 -25.98
N ALA F 280 1.92 -23.66 -24.80
CA ALA F 280 3.31 -24.05 -24.55
C ALA F 280 4.24 -22.83 -24.37
N ASN F 281 3.66 -21.64 -24.12
CA ASN F 281 4.45 -20.43 -23.77
C ASN F 281 4.66 -20.27 -22.27
N GLU G 34 -10.39 24.35 -28.08
CA GLU G 34 -9.82 23.40 -27.07
C GLU G 34 -8.38 23.01 -27.35
N LYS G 35 -7.60 22.89 -26.28
CA LYS G 35 -6.18 22.52 -26.38
C LYS G 35 -5.95 21.27 -25.58
N THR G 36 -5.08 20.40 -26.05
CA THR G 36 -4.78 19.19 -25.30
C THR G 36 -4.12 19.58 -23.98
N PRO G 37 -4.32 18.78 -22.92
CA PRO G 37 -3.74 19.02 -21.59
C PRO G 37 -2.26 19.46 -21.60
N ILE G 38 -1.49 18.94 -22.54
CA ILE G 38 -0.07 19.27 -22.65
C ILE G 38 0.16 20.62 -23.34
N GLN G 39 -0.59 20.88 -24.39
CA GLN G 39 -0.53 22.16 -25.07
C GLN G 39 -0.82 23.32 -24.11
N VAL G 40 -1.50 23.01 -23.02
CA VAL G 40 -1.91 24.00 -22.04
C VAL G 40 -0.73 24.36 -21.16
N TRP G 41 -0.14 23.31 -20.59
CA TRP G 41 1.06 23.36 -19.78
C TRP G 41 2.11 24.10 -20.55
N GLY G 42 2.39 23.57 -21.76
CA GLY G 42 3.38 24.10 -22.66
C GLY G 42 3.29 25.60 -22.78
N TRP G 43 2.10 26.15 -22.58
CA TRP G 43 1.88 27.58 -22.69
C TRP G 43 2.31 28.27 -21.43
N ASP G 44 1.77 27.83 -20.30
CA ASP G 44 2.13 28.45 -19.02
C ASP G 44 3.67 28.44 -18.85
N TYR G 45 4.33 27.46 -19.51
CA TYR G 45 5.78 27.31 -19.47
C TYR G 45 6.51 28.35 -20.31
N LEU G 46 5.96 28.68 -21.46
CA LEU G 46 6.52 29.76 -22.26
C LEU G 46 6.42 31.04 -21.48
N MET G 47 5.23 31.25 -20.89
CA MET G 47 4.95 32.40 -20.05
C MET G 47 5.92 32.50 -18.90
N ARG G 48 6.27 31.34 -18.35
CA ARG G 48 7.26 31.23 -17.27
C ARG G 48 8.68 31.58 -17.70
N GLN G 49 9.00 31.27 -18.94
CA GLN G 49 10.35 31.51 -19.43
C GLN G 49 10.51 32.98 -19.84
N ARG G 50 9.46 33.59 -20.39
CA ARG G 50 9.56 34.99 -20.76
C ARG G 50 9.57 35.84 -19.48
N ALA G 51 8.80 35.41 -18.50
CA ALA G 51 8.82 36.02 -17.18
C ALA G 51 10.02 35.49 -16.41
N LEU G 52 11.20 35.61 -17.00
CA LEU G 52 12.47 35.19 -16.41
C LEU G 52 13.58 35.86 -17.19
N LYS G 53 13.21 36.54 -18.27
CA LYS G 53 14.18 37.18 -19.15
C LYS G 53 15.21 36.28 -19.89
N ARG G 54 15.17 34.95 -19.71
CA ARG G 54 15.99 34.02 -20.52
C ARG G 54 15.90 34.26 -22.04
N PRO G 55 17.05 34.25 -22.76
CA PRO G 55 17.10 34.47 -24.20
C PRO G 55 17.03 33.17 -25.01
N ILE G 56 16.82 33.30 -26.32
CA ILE G 56 16.67 32.11 -27.16
C ILE G 56 17.93 31.82 -27.94
N ALA G 57 18.57 30.69 -27.66
CA ALA G 57 19.68 30.21 -28.45
C ALA G 57 19.43 30.39 -29.94
N PRO G 58 20.43 30.86 -30.69
CA PRO G 58 20.15 31.27 -32.06
C PRO G 58 19.80 30.11 -32.97
N HIS G 59 18.95 30.38 -33.96
CA HIS G 59 18.43 29.32 -34.83
C HIS G 59 18.88 29.49 -36.26
N LEU G 60 18.30 30.44 -36.99
CA LEU G 60 18.52 30.49 -38.44
C LEU G 60 19.89 31.01 -38.86
N THR G 61 20.31 32.10 -38.24
CA THR G 61 21.69 32.62 -38.25
C THR G 61 22.85 31.62 -38.19
N ILE G 62 22.66 30.47 -37.56
CA ILE G 62 23.77 29.62 -37.26
C ILE G 62 23.62 28.28 -37.92
N TYR G 63 22.38 27.90 -38.22
CA TYR G 63 22.17 26.54 -38.72
C TYR G 63 22.80 26.38 -40.12
N LYS G 64 23.35 25.21 -40.38
CA LYS G 64 24.15 24.95 -41.57
C LYS G 64 23.24 24.67 -42.74
N PRO G 65 23.50 25.33 -43.90
CA PRO G 65 22.71 25.12 -45.11
C PRO G 65 22.62 23.64 -45.40
N GLN G 66 21.47 23.18 -45.82
CA GLN G 66 21.27 21.76 -46.05
C GLN G 66 20.15 21.54 -47.03
N MET G 67 20.21 20.41 -47.70
CA MET G 67 19.31 20.11 -48.78
C MET G 67 17.92 19.78 -48.30
N THR G 68 17.82 19.31 -47.07
CA THR G 68 16.52 19.10 -46.47
C THR G 68 15.73 20.44 -46.41
N TRP G 69 16.16 21.34 -45.54
CA TRP G 69 15.36 22.50 -45.22
C TRP G 69 15.23 23.52 -46.35
N MET G 70 16.29 23.64 -47.14
CA MET G 70 16.27 24.57 -48.28
C MET G 70 15.25 24.18 -49.34
N VAL G 71 15.21 22.92 -49.74
CA VAL G 71 14.22 22.48 -50.70
C VAL G 71 12.80 22.69 -50.17
N SER G 72 12.54 22.31 -48.92
CA SER G 72 11.26 22.67 -48.31
C SER G 72 11.05 24.16 -48.11
N GLY G 73 12.12 24.90 -47.89
CA GLY G 73 12.02 26.35 -47.86
C GLY G 73 11.48 26.83 -49.19
N LEU G 74 12.28 26.65 -50.22
CA LEU G 74 11.90 26.94 -51.59
C LEU G 74 10.48 26.49 -51.96
N HIS G 75 10.03 25.36 -51.41
CA HIS G 75 8.68 24.87 -51.65
C HIS G 75 7.62 25.84 -51.17
N ARG G 76 7.81 26.44 -50.00
CA ARG G 76 6.89 27.46 -49.51
C ARG G 76 6.98 28.71 -50.33
N VAL G 77 8.21 29.09 -50.68
CA VAL G 77 8.42 30.37 -51.33
C VAL G 77 7.66 30.34 -52.64
N THR G 78 7.78 29.24 -53.36
CA THR G 78 7.05 29.08 -54.61
C THR G 78 5.55 29.03 -54.39
N GLY G 79 5.08 28.19 -53.48
CA GLY G 79 3.66 28.11 -53.18
C GLY G 79 3.04 29.49 -53.03
N CYS G 80 3.75 30.37 -52.34
CA CYS G 80 3.18 31.65 -51.96
C CYS G 80 3.42 32.74 -52.98
N ALA G 81 4.58 32.71 -53.62
CA ALA G 81 4.79 33.50 -54.81
C ALA G 81 3.49 33.44 -55.64
N MET G 82 3.14 32.25 -56.10
CA MET G 82 1.98 32.06 -56.97
C MET G 82 0.67 32.51 -56.34
N ALA G 83 0.36 31.99 -55.16
CA ALA G 83 -0.82 32.44 -54.39
C ALA G 83 -0.83 33.98 -54.25
N GLY G 84 0.37 34.55 -54.13
CA GLY G 84 0.55 35.99 -54.16
C GLY G 84 0.16 36.55 -55.51
N THR G 85 0.81 36.06 -56.57
CA THR G 85 0.54 36.50 -57.94
C THR G 85 -0.92 36.39 -58.29
N LEU G 86 -1.43 35.16 -58.33
CA LEU G 86 -2.85 34.92 -58.53
C LEU G 86 -3.71 35.87 -57.74
N LEU G 87 -3.31 36.22 -56.52
CA LEU G 87 -4.10 37.13 -55.70
C LEU G 87 -4.05 38.54 -56.24
N ILE G 88 -2.88 39.18 -56.18
CA ILE G 88 -2.74 40.55 -56.71
C ILE G 88 -3.24 40.66 -58.15
N GLY G 89 -3.02 39.61 -58.93
CA GLY G 89 -3.27 39.62 -60.37
C GLY G 89 -4.74 39.48 -60.70
N GLY G 90 -5.45 38.64 -59.97
CA GLY G 90 -6.88 38.51 -60.16
C GLY G 90 -7.57 39.77 -59.68
N VAL G 91 -7.34 40.10 -58.42
CA VAL G 91 -7.91 41.27 -57.76
C VAL G 91 -7.52 42.57 -58.48
N GLY G 92 -6.21 42.76 -58.69
CA GLY G 92 -5.70 43.99 -59.28
C GLY G 92 -6.27 44.25 -60.66
N PHE G 93 -6.53 43.18 -61.40
CA PHE G 93 -6.93 43.31 -62.80
C PHE G 93 -8.43 43.50 -63.03
N SER G 94 -9.24 42.99 -62.10
CA SER G 94 -10.67 43.20 -62.15
C SER G 94 -11.04 44.63 -61.75
N VAL G 95 -10.62 45.05 -60.55
CA VAL G 95 -10.96 46.36 -60.00
C VAL G 95 -10.32 47.56 -60.75
N LEU G 96 -9.06 47.44 -61.16
CA LEU G 96 -8.43 48.50 -61.94
C LEU G 96 -9.00 48.55 -63.36
N PRO G 97 -9.38 49.76 -63.83
CA PRO G 97 -10.01 49.89 -65.16
C PRO G 97 -9.16 49.21 -66.23
N LEU G 98 -7.85 49.42 -66.14
CA LEU G 98 -6.86 48.83 -67.03
C LEU G 98 -6.96 47.30 -67.00
N ASP G 99 -6.96 46.66 -68.17
CA ASP G 99 -7.10 45.22 -68.25
C ASP G 99 -5.89 44.53 -68.91
N PHE G 100 -5.98 43.20 -69.06
CA PHE G 100 -4.86 42.36 -69.47
C PHE G 100 -4.39 42.60 -70.90
N THR G 101 -5.27 42.36 -71.88
CA THR G 101 -4.89 42.42 -73.29
C THR G 101 -4.04 43.65 -73.58
N THR G 102 -4.37 44.75 -72.91
CA THR G 102 -3.65 46.01 -73.08
C THR G 102 -2.21 45.95 -72.54
N PHE G 103 -2.07 45.41 -71.34
CA PHE G 103 -0.78 45.18 -70.67
C PHE G 103 0.20 44.41 -71.57
N VAL G 104 -0.31 43.42 -72.29
CA VAL G 104 0.50 42.62 -73.19
C VAL G 104 1.01 43.48 -74.34
N GLU G 105 0.11 44.21 -74.99
CA GLU G 105 0.49 45.14 -76.06
C GLU G 105 1.06 46.45 -75.51
N PHE G 106 1.24 46.52 -74.19
CA PHE G 106 1.96 47.62 -73.55
C PHE G 106 3.43 47.25 -73.40
N ILE G 107 3.69 46.05 -72.92
CA ILE G 107 5.05 45.56 -72.80
C ILE G 107 5.65 45.17 -74.15
N ARG G 108 4.82 44.67 -75.07
CA ARG G 108 5.24 44.31 -76.43
C ARG G 108 6.01 45.46 -77.01
N GLY G 109 5.36 46.63 -77.02
CA GLY G 109 5.95 47.85 -77.56
C GLY G 109 6.81 48.59 -76.56
N LEU G 110 7.94 47.99 -76.19
CA LEU G 110 8.98 48.66 -75.38
C LEU G 110 10.43 48.29 -75.76
N GLY G 111 10.56 47.27 -76.62
CA GLY G 111 11.85 46.89 -77.21
C GLY G 111 12.82 46.21 -76.27
N ILE G 112 12.29 45.31 -75.43
CA ILE G 112 13.10 44.49 -74.49
C ILE G 112 13.70 43.32 -75.24
N PRO G 113 15.00 43.05 -75.01
CA PRO G 113 15.76 42.01 -75.71
C PRO G 113 15.16 40.62 -75.57
N TRP G 114 15.30 39.80 -76.61
CA TRP G 114 14.64 38.49 -76.64
C TRP G 114 14.98 37.59 -75.44
N VAL G 115 16.25 37.57 -75.02
CA VAL G 115 16.73 36.66 -73.96
C VAL G 115 16.10 36.92 -72.59
N ILE G 116 16.06 38.18 -72.20
CA ILE G 116 15.51 38.60 -70.92
C ILE G 116 14.00 38.28 -70.82
N LEU G 117 13.34 38.22 -71.97
CA LEU G 117 11.95 37.78 -72.06
C LEU G 117 11.82 36.27 -71.94
N ASP G 118 12.92 35.58 -71.74
CA ASP G 118 12.91 34.12 -71.66
C ASP G 118 13.58 33.65 -70.40
N THR G 119 14.25 34.59 -69.73
CA THR G 119 14.62 34.49 -68.34
C THR G 119 13.33 34.68 -67.55
N PHE G 120 12.56 35.71 -67.94
CA PHE G 120 11.30 36.00 -67.30
C PHE G 120 10.19 34.99 -67.54
N LYS G 121 10.35 34.13 -68.54
CA LYS G 121 9.38 33.05 -68.74
C LYS G 121 9.82 31.80 -67.98
N PHE G 122 10.98 31.87 -67.34
CA PHE G 122 11.54 30.76 -66.58
C PHE G 122 11.26 30.98 -65.11
N ILE G 123 11.48 32.22 -64.67
CA ILE G 123 11.12 32.68 -63.35
C ILE G 123 9.59 32.62 -63.17
N ILE G 124 8.92 31.99 -64.14
CA ILE G 124 7.51 31.70 -63.96
C ILE G 124 7.21 30.22 -64.19
N ALA G 125 7.90 29.61 -65.13
CA ALA G 125 7.72 28.18 -65.39
C ALA G 125 8.25 27.34 -64.24
N PHE G 126 9.40 27.78 -63.72
CA PHE G 126 10.14 27.02 -62.73
C PHE G 126 9.34 26.80 -61.46
N PRO G 127 8.99 27.89 -60.75
CA PRO G 127 8.13 27.77 -59.59
C PRO G 127 7.05 26.72 -59.82
N ILE G 128 6.29 26.84 -60.89
CA ILE G 128 5.15 25.96 -61.08
C ILE G 128 5.58 24.50 -61.09
N ALA G 129 6.59 24.17 -61.90
CA ALA G 129 7.01 22.77 -62.04
C ALA G 129 7.64 22.21 -60.77
N PHE G 130 8.64 22.94 -60.26
CA PHE G 130 9.28 22.61 -59.00
C PHE G 130 8.29 22.25 -57.89
N HIS G 131 7.46 23.23 -57.51
CA HIS G 131 6.41 23.04 -56.50
C HIS G 131 5.64 21.78 -56.80
N THR G 132 5.30 21.59 -58.07
CA THR G 132 4.52 20.44 -58.48
C THR G 132 5.31 19.17 -58.21
N LEU G 133 6.53 19.15 -58.70
CA LEU G 133 7.34 17.94 -58.64
C LEU G 133 7.60 17.58 -57.21
N ASN G 134 8.30 18.46 -56.51
CA ASN G 134 8.54 18.27 -55.09
C ASN G 134 7.25 17.87 -54.39
N GLY G 135 6.17 18.61 -54.68
CA GLY G 135 4.81 18.25 -54.27
C GLY G 135 4.58 16.74 -54.26
N ILE G 136 4.85 16.04 -55.37
CA ILE G 136 4.72 14.58 -55.37
C ILE G 136 5.67 13.97 -54.34
N ARG G 137 6.86 14.56 -54.19
CA ARG G 137 7.87 14.05 -53.25
C ARG G 137 7.31 14.08 -51.84
N PHE G 138 6.76 15.23 -51.49
CA PHE G 138 6.24 15.42 -50.15
C PHE G 138 5.10 14.47 -49.76
N ILE G 139 4.25 14.12 -50.71
CA ILE G 139 3.21 13.14 -50.44
C ILE G 139 3.89 11.79 -50.23
N GLY G 140 5.04 11.62 -50.90
CA GLY G 140 5.89 10.46 -50.61
C GLY G 140 6.30 10.40 -49.15
N PHE G 141 6.50 11.58 -48.56
CA PHE G 141 6.97 11.68 -47.19
C PHE G 141 5.88 11.50 -46.16
N ASP G 142 4.66 11.86 -46.48
CA ASP G 142 3.54 11.69 -45.56
C ASP G 142 3.09 10.25 -45.51
N MET G 143 3.37 9.51 -46.60
CA MET G 143 3.13 8.08 -46.70
C MET G 143 4.33 7.32 -46.22
N ALA G 144 5.34 8.08 -45.78
CA ALA G 144 6.54 7.56 -45.17
C ALA G 144 7.36 6.74 -46.16
N LYS G 145 7.27 7.10 -47.43
CA LYS G 145 8.02 6.43 -48.49
C LYS G 145 9.20 7.28 -49.00
N GLY G 146 10.36 6.65 -49.07
CA GLY G 146 11.59 7.29 -49.60
C GLY G 146 12.31 8.19 -48.60
N THR G 147 12.33 7.74 -47.35
CA THR G 147 12.68 8.65 -46.25
C THR G 147 14.14 8.68 -45.83
N ASP G 148 14.84 7.55 -45.88
CA ASP G 148 16.30 7.55 -45.60
C ASP G 148 17.09 8.67 -46.28
N ILE G 149 18.29 8.96 -45.77
CA ILE G 149 19.14 10.03 -46.34
C ILE G 149 19.62 9.84 -47.77
N PRO G 150 19.81 8.59 -48.23
CA PRO G 150 20.07 8.52 -49.66
C PRO G 150 18.84 8.94 -50.43
N SER G 151 17.73 8.25 -50.23
CA SER G 151 16.52 8.51 -51.01
C SER G 151 16.13 9.98 -50.94
N ILE G 152 16.28 10.58 -49.79
CA ILE G 152 15.96 11.99 -49.64
C ILE G 152 16.78 12.81 -50.60
N TYR G 153 18.08 12.62 -50.57
CA TYR G 153 19.00 13.46 -51.31
C TYR G 153 18.93 13.22 -52.84
N ARG G 154 18.54 12.02 -53.25
CA ARG G 154 18.28 11.82 -54.67
C ARG G 154 17.05 12.64 -55.04
N GLY G 155 15.94 12.43 -54.33
CA GLY G 155 14.72 13.21 -54.50
C GLY G 155 15.01 14.68 -54.77
N ALA G 156 15.58 15.36 -53.78
CA ALA G 156 15.96 16.76 -53.95
C ALA G 156 16.65 17.04 -55.30
N TYR G 157 17.62 16.20 -55.66
CA TYR G 157 18.40 16.35 -56.90
C TYR G 157 17.54 16.15 -58.13
N LEU G 158 17.04 14.93 -58.27
CA LEU G 158 16.07 14.62 -59.28
C LEU G 158 15.06 15.76 -59.39
N VAL G 159 14.03 15.77 -58.54
CA VAL G 159 13.07 16.88 -58.49
C VAL G 159 13.61 18.21 -59.03
N LEU G 160 14.67 18.73 -58.41
CA LEU G 160 15.21 20.07 -58.68
C LEU G 160 15.69 20.22 -60.12
N GLY G 161 16.66 19.37 -60.50
CA GLY G 161 17.22 19.38 -61.86
C GLY G 161 16.12 19.07 -62.86
N LEU G 162 15.28 18.09 -62.52
CA LEU G 162 14.11 17.73 -63.30
C LEU G 162 13.18 18.92 -63.57
N ALA G 163 12.87 19.71 -62.54
CA ALA G 163 12.09 20.95 -62.73
C ALA G 163 12.82 21.99 -63.55
N ALA G 164 14.08 21.73 -63.89
CA ALA G 164 14.85 22.64 -64.70
C ALA G 164 14.94 22.13 -66.13
N LEU G 165 14.53 20.87 -66.33
CA LEU G 165 14.48 20.29 -67.66
C LEU G 165 13.18 20.61 -68.33
N ILE G 166 12.09 20.50 -67.58
CA ILE G 166 10.81 20.89 -68.12
C ILE G 166 10.71 22.39 -68.14
N SER G 167 10.98 23.02 -67.01
CA SER G 167 10.81 24.46 -66.90
C SER G 167 11.58 25.18 -67.97
N LEU G 168 12.65 24.56 -68.45
CA LEU G 168 13.40 25.15 -69.54
C LEU G 168 12.76 24.81 -70.87
N ALA G 169 12.71 23.52 -71.17
CA ALA G 169 12.15 23.03 -72.42
C ALA G 169 10.62 23.19 -72.42
N VAL G 170 10.18 24.43 -72.58
CA VAL G 170 8.78 24.81 -72.58
C VAL G 170 8.81 26.31 -72.77
N VAL G 171 10.02 26.85 -72.59
CA VAL G 171 10.33 28.24 -72.82
C VAL G 171 11.38 28.32 -73.92
N VAL G 172 12.41 27.47 -73.82
CA VAL G 172 13.44 27.40 -74.87
C VAL G 172 12.95 26.66 -76.12
N TYR G 173 11.76 26.07 -76.03
CA TYR G 173 11.24 25.24 -77.11
C TYR G 173 10.42 25.98 -78.17
N PRO G 174 9.40 26.75 -77.74
CA PRO G 174 8.69 27.53 -78.75
C PRO G 174 9.46 28.78 -79.17
N ARG G 175 10.41 29.22 -78.34
CA ARG G 175 11.35 30.27 -78.75
C ARG G 175 12.38 29.71 -79.75
N TRP G 176 12.54 28.39 -79.76
CA TRP G 176 13.34 27.72 -80.79
C TRP G 176 12.63 27.78 -82.14
N GLU G 177 11.31 27.63 -82.13
CA GLU G 177 10.51 27.71 -83.35
C GLU G 177 10.32 29.14 -83.89
N ARG G 178 10.41 30.14 -83.02
CA ARG G 178 10.35 31.54 -83.45
C ARG G 178 11.69 31.99 -84.04
N HIS G 179 12.69 31.12 -83.96
CA HIS G 179 14.00 31.37 -84.54
C HIS G 179 14.28 30.42 -85.74
N LYS G 180 13.52 29.33 -85.80
CA LYS G 180 13.62 28.33 -86.87
C LYS G 180 12.65 28.67 -88.02
N LYS G 181 11.36 28.77 -87.69
CA LYS G 181 10.32 29.19 -88.66
C LYS G 181 10.62 30.61 -89.17
N ALA G 182 10.64 31.59 -88.27
CA ALA G 182 10.98 32.97 -88.61
C ALA G 182 12.50 33.13 -88.72
N THR G 183 13.11 32.34 -89.61
CA THR G 183 14.58 32.27 -89.79
C THR G 183 15.20 33.50 -90.48
N THR H 28 19.97 32.96 8.33
CA THR H 28 20.40 31.60 8.72
C THR H 28 19.65 30.54 7.89
N SER H 29 19.56 29.34 8.44
CA SER H 29 18.54 28.37 8.03
C SER H 29 17.25 28.75 8.76
N ALA H 30 17.07 30.06 8.95
CA ALA H 30 15.80 30.69 9.32
C ALA H 30 15.18 31.33 8.05
N ALA H 31 14.29 30.57 7.38
CA ALA H 31 13.75 30.92 6.04
C ALA H 31 12.30 30.47 5.78
N VAL H 32 11.94 30.26 4.51
CA VAL H 32 10.55 29.96 4.05
C VAL H 32 10.29 28.48 3.60
N THR H 33 9.04 28.15 3.26
CA THR H 33 8.68 26.82 2.71
C THR H 33 8.15 26.94 1.28
N GLY H 34 8.51 25.99 0.43
CA GLY H 34 8.31 26.15 -1.01
C GLY H 34 7.55 25.05 -1.70
N ALA H 35 7.03 25.40 -2.87
CA ALA H 35 6.14 24.54 -3.66
C ALA H 35 6.86 23.36 -4.34
N ALA H 36 6.07 22.45 -4.92
CA ALA H 36 6.56 21.41 -5.80
C ALA H 36 7.03 22.07 -7.12
N PRO H 37 8.07 21.50 -7.79
CA PRO H 37 8.56 22.14 -9.04
C PRO H 37 7.57 21.90 -10.20
N PRO H 38 7.32 22.94 -11.02
CA PRO H 38 6.24 22.70 -11.96
C PRO H 38 6.59 21.45 -12.77
N GLN H 39 5.70 20.47 -12.74
CA GLN H 39 5.90 19.19 -13.40
C GLN H 39 4.55 18.74 -13.91
N PHE H 40 4.55 17.97 -14.99
CA PHE H 40 3.32 17.67 -15.70
C PHE H 40 2.81 16.27 -15.39
N ASP H 41 1.58 16.19 -14.91
CA ASP H 41 0.97 14.90 -14.59
C ASP H 41 0.20 14.30 -15.77
N PRO H 42 0.70 13.21 -16.36
CA PRO H 42 0.05 12.63 -17.53
C PRO H 42 -1.14 11.79 -17.13
N ILE H 43 -1.00 11.06 -16.03
CA ILE H 43 -2.02 10.16 -15.58
C ILE H 43 -3.10 10.97 -14.88
N ALA H 44 -2.78 12.19 -14.46
CA ALA H 44 -3.77 13.04 -13.78
C ALA H 44 -4.53 13.96 -14.72
N ALA H 45 -3.93 15.07 -15.13
CA ALA H 45 -4.50 15.93 -16.17
C ALA H 45 -4.66 15.09 -17.44
N GLU H 46 -5.58 14.13 -17.35
CA GLU H 46 -5.75 13.08 -18.33
C GLU H 46 -7.21 13.07 -18.80
N LYS H 47 -8.10 12.52 -17.98
CA LYS H 47 -9.52 12.42 -18.38
C LYS H 47 -10.39 13.57 -17.92
N GLY H 48 -9.76 14.58 -17.31
CA GLY H 48 -10.39 15.88 -17.04
C GLY H 48 -11.11 16.42 -18.28
N PHE H 49 -10.37 16.60 -19.37
CA PHE H 49 -10.93 17.05 -20.67
C PHE H 49 -10.35 16.24 -21.86
N LYS H 50 -11.27 15.69 -22.66
CA LYS H 50 -10.96 14.80 -23.78
C LYS H 50 -12.04 15.00 -24.87
N PRO H 51 -11.75 15.84 -25.91
CA PRO H 51 -12.73 16.21 -26.97
C PRO H 51 -12.48 15.62 -28.39
N LEU H 52 -13.42 14.78 -28.85
CA LEU H 52 -13.31 14.01 -30.12
C LEU H 52 -13.50 14.87 -31.40
N HIS H 53 -12.38 15.20 -32.07
CA HIS H 53 -12.40 15.82 -33.42
C HIS H 53 -11.14 15.48 -34.24
N SER H 54 -11.31 14.53 -35.15
CA SER H 54 -10.19 13.92 -35.87
C SER H 54 -9.79 14.73 -37.11
N HIS H 55 -9.03 15.80 -36.92
CA HIS H 55 -8.47 16.57 -38.05
C HIS H 55 -7.66 15.68 -38.99
N GLY H 56 -7.69 14.38 -38.73
CA GLY H 56 -6.98 13.42 -39.56
C GLY H 56 -7.70 13.14 -40.86
N THR H 57 -9.01 12.94 -40.77
CA THR H 57 -9.83 12.67 -41.95
C THR H 57 -9.75 13.84 -42.95
N LEU H 58 -9.84 15.06 -42.45
CA LEU H 58 -9.63 16.22 -43.27
C LEU H 58 -8.27 16.16 -43.93
N PHE H 59 -7.23 15.90 -43.15
CA PHE H 59 -5.85 15.89 -43.65
C PHE H 59 -5.70 14.97 -44.86
N LYS H 60 -6.33 13.81 -44.78
CA LYS H 60 -6.40 12.80 -45.84
C LYS H 60 -6.92 13.45 -47.13
N ILE H 61 -8.09 14.09 -47.05
CA ILE H 61 -8.74 14.68 -48.22
C ILE H 61 -7.90 15.81 -48.84
N GLU H 62 -7.31 16.65 -48.00
CA GLU H 62 -6.49 17.74 -48.52
C GLU H 62 -5.37 17.19 -49.39
N ARG H 63 -4.79 16.04 -49.01
CA ARG H 63 -3.67 15.47 -49.75
C ARG H 63 -4.17 14.84 -51.02
N TYR H 64 -5.19 14.01 -50.91
CA TYR H 64 -5.73 13.36 -52.11
C TYR H 64 -6.04 14.38 -53.20
N PHE H 65 -6.57 15.53 -52.79
CA PHE H 65 -6.86 16.61 -53.72
C PHE H 65 -5.62 16.97 -54.51
N ALA H 66 -4.55 17.35 -53.82
CA ALA H 66 -3.33 17.77 -54.49
C ALA H 66 -2.78 16.72 -55.47
N ALA H 67 -3.11 15.45 -55.27
CA ALA H 67 -2.80 14.43 -56.26
C ALA H 67 -3.65 14.65 -57.50
N ALA H 68 -4.97 14.74 -57.32
CA ALA H 68 -5.91 15.04 -58.43
C ALA H 68 -5.40 16.17 -59.30
N MET H 69 -4.58 17.04 -58.73
CA MET H 69 -4.08 18.20 -59.45
C MET H 69 -2.95 17.85 -60.39
N VAL H 70 -2.16 16.84 -60.07
CA VAL H 70 -1.06 16.48 -60.94
C VAL H 70 -1.52 16.49 -62.41
N PRO H 71 -2.54 15.66 -62.79
CA PRO H 71 -3.00 15.68 -64.17
C PRO H 71 -3.54 17.05 -64.57
N LEU H 72 -4.39 17.63 -63.74
CA LEU H 72 -4.97 18.94 -64.01
C LEU H 72 -3.91 19.99 -64.37
N ILE H 73 -2.63 19.63 -64.27
CA ILE H 73 -1.56 20.57 -64.60
C ILE H 73 -1.04 20.37 -66.01
N PRO H 74 -0.51 19.15 -66.33
CA PRO H 74 -0.31 18.87 -67.75
C PRO H 74 -1.60 19.01 -68.57
N ALA H 75 -2.75 18.69 -67.97
CA ALA H 75 -4.03 18.79 -68.67
C ALA H 75 -4.31 20.22 -69.08
N ALA H 76 -4.11 21.14 -68.15
CA ALA H 76 -4.38 22.55 -68.39
C ALA H 76 -3.35 23.17 -69.32
N TYR H 77 -2.33 22.42 -69.68
CA TYR H 77 -1.32 22.90 -70.62
C TYR H 77 -1.66 22.46 -72.04
N PHE H 78 -2.47 21.41 -72.13
CA PHE H 78 -2.85 20.82 -73.42
C PHE H 78 -4.29 21.06 -73.83
N ILE H 79 -5.11 21.52 -72.89
CA ILE H 79 -6.44 21.98 -73.26
C ILE H 79 -6.79 23.25 -72.53
N HIS H 80 -7.59 24.09 -73.19
CA HIS H 80 -7.86 25.45 -72.71
C HIS H 80 -9.36 25.79 -72.74
N GLY H 81 -9.65 27.08 -72.52
CA GLY H 81 -11.01 27.60 -72.72
C GLY H 81 -11.81 27.89 -71.47
N ARG H 82 -13.12 27.74 -71.59
CA ARG H 82 -14.04 28.04 -70.51
C ARG H 82 -13.98 26.96 -69.45
N GLU H 83 -14.24 25.71 -69.87
CA GLU H 83 -14.37 24.57 -68.96
C GLU H 83 -13.12 24.32 -68.15
N MET H 84 -11.97 24.70 -68.70
CA MET H 84 -10.73 24.51 -67.99
C MET H 84 -10.45 25.63 -67.05
N ASP H 85 -10.62 26.86 -67.53
CA ASP H 85 -10.40 28.06 -66.69
C ASP H 85 -11.25 27.99 -65.44
N LEU H 86 -12.45 27.44 -65.59
CA LEU H 86 -13.34 27.31 -64.47
C LEU H 86 -12.81 26.31 -63.44
N CYS H 87 -12.60 25.07 -63.85
CA CYS H 87 -12.28 24.01 -62.87
C CYS H 87 -10.86 24.12 -62.31
N LEU H 88 -9.97 24.79 -63.03
CA LEU H 88 -8.70 25.22 -62.47
C LEU H 88 -8.92 26.06 -61.23
N ALA H 89 -9.66 27.14 -61.44
CA ALA H 89 -9.92 28.14 -60.40
C ALA H 89 -10.71 27.62 -59.21
N LEU H 90 -11.47 26.54 -59.39
CA LEU H 90 -12.08 25.88 -58.25
C LEU H 90 -10.92 25.34 -57.45
N ALA H 91 -10.08 24.58 -58.13
CA ALA H 91 -9.12 23.70 -57.50
C ALA H 91 -8.12 24.52 -56.73
N LEU H 92 -7.36 25.36 -57.44
CA LEU H 92 -6.39 26.22 -56.78
C LEU H 92 -6.97 26.85 -55.56
N THR H 93 -8.20 27.33 -55.65
CA THR H 93 -8.83 27.97 -54.51
C THR H 93 -8.76 27.12 -53.22
N LEU H 94 -9.26 25.89 -53.23
CA LEU H 94 -9.14 25.07 -52.05
C LEU H 94 -7.68 24.82 -51.69
N HIS H 95 -6.89 24.34 -52.65
CA HIS H 95 -5.51 24.01 -52.33
C HIS H 95 -4.77 25.24 -51.83
N VAL H 96 -4.92 26.37 -52.51
CA VAL H 96 -4.24 27.57 -52.07
C VAL H 96 -4.82 28.06 -50.76
N HIS H 97 -6.06 27.69 -50.49
CA HIS H 97 -6.67 28.05 -49.23
C HIS H 97 -6.05 27.24 -48.10
N TRP H 98 -6.27 25.95 -48.10
CA TRP H 98 -5.66 25.11 -47.11
C TRP H 98 -4.17 25.42 -47.01
N GLY H 99 -3.56 25.73 -48.15
CA GLY H 99 -2.16 26.13 -48.20
C GLY H 99 -1.90 27.25 -47.21
N VAL H 100 -2.50 28.41 -47.47
CA VAL H 100 -2.20 29.62 -46.68
C VAL H 100 -2.58 29.41 -45.24
N TRP H 101 -3.64 28.64 -45.02
CA TRP H 101 -4.09 28.33 -43.67
C TRP H 101 -2.95 27.66 -42.87
N GLY H 102 -2.30 26.67 -43.45
CA GLY H 102 -1.04 26.17 -42.94
C GLY H 102 -0.10 27.33 -42.66
N VAL H 103 0.37 28.02 -43.68
CA VAL H 103 1.28 29.17 -43.49
C VAL H 103 0.92 30.10 -42.32
N VAL H 104 -0.34 30.53 -42.25
CA VAL H 104 -0.75 31.46 -41.22
C VAL H 104 -0.59 30.84 -39.85
N ASN H 105 -1.21 29.69 -39.62
CA ASN H 105 -0.98 28.93 -38.39
C ASN H 105 0.48 28.74 -38.01
N ASP H 106 1.35 28.59 -38.99
CA ASP H 106 2.76 28.41 -38.73
C ASP H 106 3.33 29.69 -38.16
N TYR H 107 3.14 30.81 -38.85
CA TYR H 107 3.85 32.05 -38.53
C TYR H 107 3.10 32.95 -37.62
N GLY H 108 1.80 32.72 -37.48
CA GLY H 108 0.94 33.56 -36.64
C GLY H 108 0.86 33.13 -35.19
N ARG H 109 1.97 32.65 -34.64
CA ARG H 109 2.02 32.26 -33.22
C ARG H 109 1.73 33.43 -32.28
N PRO H 110 0.82 33.21 -31.32
CA PRO H 110 0.35 34.23 -30.38
C PRO H 110 1.43 34.72 -29.44
N PHE H 111 2.40 33.86 -29.11
CA PHE H 111 3.55 34.23 -28.32
C PHE H 111 4.36 35.43 -28.89
N VAL H 112 4.16 35.74 -30.16
CA VAL H 112 4.88 36.84 -30.78
C VAL H 112 3.93 38.01 -31.16
N LEU H 113 2.62 37.74 -31.15
CA LEU H 113 1.65 38.73 -31.61
C LEU H 113 0.67 39.22 -30.57
N GLY H 114 0.47 38.45 -29.53
CA GLY H 114 -0.51 38.79 -28.53
C GLY H 114 -1.77 38.04 -28.81
N ASP H 115 -2.44 37.65 -27.73
CA ASP H 115 -3.78 37.06 -27.78
C ASP H 115 -4.54 37.39 -29.08
N THR H 116 -4.77 38.69 -29.35
CA THR H 116 -5.80 39.10 -30.33
C THR H 116 -5.32 39.29 -31.76
N LEU H 117 -4.10 39.79 -31.91
CA LEU H 117 -3.55 39.98 -33.25
C LEU H 117 -3.43 38.64 -33.97
N ALA H 118 -3.10 37.58 -33.23
CA ALA H 118 -3.10 36.22 -33.73
C ALA H 118 -4.47 35.80 -34.26
N ALA H 119 -5.53 36.13 -33.53
CA ALA H 119 -6.89 35.85 -34.03
C ALA H 119 -7.21 36.57 -35.35
N ALA H 120 -6.72 37.80 -35.48
CA ALA H 120 -6.94 38.59 -36.69
C ALA H 120 -6.36 37.96 -37.96
N VAL H 121 -5.11 37.50 -37.89
CA VAL H 121 -4.49 36.90 -39.05
C VAL H 121 -5.28 35.67 -39.44
N ARG H 122 -5.69 34.88 -38.44
CA ARG H 122 -6.59 33.75 -38.65
C ARG H 122 -7.86 34.10 -39.42
N VAL H 123 -8.41 35.29 -39.22
CA VAL H 123 -9.56 35.73 -40.05
C VAL H 123 -9.13 36.12 -41.47
N GLY H 124 -8.00 36.81 -41.59
CA GLY H 124 -7.48 37.23 -42.88
C GLY H 124 -7.41 36.07 -43.87
N ALA H 125 -6.93 34.93 -43.39
CA ALA H 125 -6.76 33.75 -44.21
C ALA H 125 -8.03 33.23 -44.87
N TYR H 126 -9.20 33.65 -44.36
CA TYR H 126 -10.50 33.43 -45.05
C TYR H 126 -10.84 34.58 -45.99
N ILE H 127 -10.43 35.78 -45.63
CA ILE H 127 -10.58 36.93 -46.51
C ILE H 127 -9.76 36.71 -47.77
N PHE H 128 -8.47 36.44 -47.56
CA PHE H 128 -7.56 36.10 -48.64
C PHE H 128 -8.26 35.11 -49.54
N THR H 129 -8.68 33.98 -48.97
CA THR H 129 -9.46 32.97 -49.67
C THR H 129 -10.68 33.48 -50.44
N ALA H 130 -11.59 34.17 -49.73
CA ALA H 130 -12.72 34.82 -50.37
C ALA H 130 -12.27 35.62 -51.59
N CYS H 131 -11.35 36.55 -51.37
CA CYS H 131 -10.88 37.41 -52.44
C CYS H 131 -10.25 36.73 -53.64
N LEU H 132 -9.34 35.80 -53.39
CA LEU H 132 -8.68 35.13 -54.48
C LEU H 132 -9.71 34.56 -55.43
N LEU H 133 -10.66 33.80 -54.90
CA LEU H 133 -11.64 33.15 -55.75
C LEU H 133 -12.57 34.10 -56.51
N ALA H 134 -13.35 34.87 -55.77
CA ALA H 134 -14.14 35.95 -56.35
C ALA H 134 -13.18 37.02 -56.85
N GLY H 135 -12.64 36.82 -58.04
CA GLY H 135 -11.49 37.60 -58.47
C GLY H 135 -10.82 36.80 -59.54
N LEU H 136 -10.83 35.50 -59.37
CA LEU H 136 -10.60 34.59 -60.50
C LEU H 136 -11.90 34.40 -61.26
N LEU H 137 -12.95 34.06 -60.54
CA LEU H 137 -14.29 34.07 -61.08
C LEU H 137 -14.54 35.26 -62.03
N TYR H 138 -14.14 36.44 -61.58
CA TYR H 138 -14.32 37.67 -62.34
C TYR H 138 -13.43 37.66 -63.58
N PHE H 139 -12.12 37.78 -63.36
CA PHE H 139 -11.14 37.64 -64.43
C PHE H 139 -11.59 36.61 -65.47
N ASN H 140 -11.88 35.39 -65.06
CA ASN H 140 -12.38 34.36 -65.99
C ASN H 140 -13.57 34.79 -66.83
N GLU H 141 -14.63 35.24 -66.15
CA GLU H 141 -15.88 35.57 -66.80
C GLU H 141 -15.91 37.00 -67.34
N HIS H 142 -14.78 37.72 -67.32
CA HIS H 142 -14.76 39.15 -67.72
C HIS H 142 -13.46 39.63 -68.35
N ASP H 143 -12.55 38.72 -68.60
CA ASP H 143 -11.33 39.08 -69.30
C ASP H 143 -10.89 37.89 -70.08
N VAL H 144 -9.61 37.86 -70.43
CA VAL H 144 -9.05 36.79 -71.22
C VAL H 144 -9.31 35.38 -70.65
N GLY H 145 -9.21 35.24 -69.33
CA GLY H 145 -9.24 33.94 -68.67
C GLY H 145 -7.86 33.32 -68.62
N LEU H 146 -7.48 32.82 -67.44
CA LEU H 146 -6.19 32.16 -67.18
C LEU H 146 -5.44 31.45 -68.32
N THR H 147 -6.06 30.40 -68.89
CA THR H 147 -5.42 29.62 -69.96
C THR H 147 -4.93 30.55 -71.07
N ARG H 148 -5.88 31.25 -71.68
CA ARG H 148 -5.61 32.36 -72.58
C ARG H 148 -4.55 33.29 -72.02
N ALA H 149 -4.66 33.59 -70.73
CA ALA H 149 -3.76 34.54 -70.07
C ALA H 149 -2.30 34.14 -70.15
N PHE H 150 -2.03 32.84 -70.29
CA PHE H 150 -0.65 32.34 -70.45
C PHE H 150 -0.21 32.34 -71.89
N GLU H 151 -0.99 31.69 -72.74
CA GLU H 151 -0.82 31.76 -74.19
C GLU H 151 -0.24 33.13 -74.51
N MET H 152 -1.00 34.15 -74.16
CA MET H 152 -0.68 35.52 -74.52
C MET H 152 0.72 35.95 -74.10
N VAL H 153 1.12 35.60 -72.89
CA VAL H 153 2.44 35.99 -72.41
C VAL H 153 3.51 35.32 -73.26
N TRP H 154 3.39 34.00 -73.42
CA TRP H 154 4.27 33.20 -74.27
C TRP H 154 4.29 33.66 -75.75
N GLU H 155 3.10 33.87 -76.31
CA GLU H 155 2.90 34.20 -77.73
C GLU H 155 3.19 35.66 -78.04
N LEU H 156 4.37 36.14 -77.65
CA LEU H 156 4.77 37.49 -78.03
C LEU H 156 5.96 37.52 -79.02
#